data_4PCS
#
_entry.id   4PCS
#
_cell.length_a   56.370
_cell.length_b   188.280
_cell.length_c   97.930
_cell.angle_alpha   90.000
_cell.angle_beta   94.100
_cell.angle_gamma   90.000
#
_symmetry.space_group_name_H-M   'P 1 21 1'
#
loop_
_entity.id
_entity.type
_entity.pdbx_description
1 polymer Alpha-L-fucosidase
2 non-polymer 'SULFATE ION'
3 non-polymer IMIDAZOLE
4 non-polymer (2S,3R,4S,5S)-2-methyl-5-(phenylethynyl)pyrrolidine-3,4-diol
5 water water
#
_entity_poly.entity_id   1
_entity_poly.type   'polypeptide(L)'
_entity_poly.pdbx_seq_one_letter_code
;EIPLKYGATNEGKRQDPAMQKFRDNRLGAFIHWGLYAIPGGEWNGKVYGGAAEWLKSWAKVPADEWLKLMDQWNPTKFDA
KKWAKMAKEMGTKYVKITTKHHEGFCLWPSKYTKYTVANTPYKRDILGELVKAYNDEGIDVHFYFSVMDWSNPDYRYDIK
SKEDSIAFSRFLEFTDNQLKELATRYPTVKDFWFDGTWDASVKKNGWWTAHAEQMLKELVPGVAINSRLRADDKGKRHFD
SNGRLMGDYESGYERRLPDPVKDLKVTQWDWEACMTIPENQWGYHKDWSLSYVKTPIEVIDRIVHAVSMGGNMVVNFGPQ
ADGDFRPEEKAMATAIGKWMNRYGKAVYACDYAGFEKQDWGYYTRGKNDEVYMVVFNQPYSERLIVKTPKGITVEKATLL
TTGEDITVVETTRNEYNVSVPKKNPGEPYVIQLKVRAAK
;
_entity_poly.pdbx_strand_id   A,B,C,D
#
loop_
_chem_comp.id
_chem_comp.type
_chem_comp.name
_chem_comp.formula
2M7 non-polymer (2S,3R,4S,5S)-2-methyl-5-(phenylethynyl)pyrrolidine-3,4-diol 'C13 H15 N O2'
IMD non-polymer IMIDAZOLE 'C3 H5 N2 1'
SO4 non-polymer 'SULFATE ION' 'O4 S -2'
#
# COMPACT_ATOMS: atom_id res chain seq x y z
N GLU A 1 22.87 -70.01 -36.07
CA GLU A 1 23.00 -68.59 -35.63
C GLU A 1 22.97 -67.62 -36.83
N ILE A 2 22.03 -66.67 -36.85
CA ILE A 2 21.92 -65.66 -37.93
C ILE A 2 22.69 -64.35 -37.60
N PRO A 3 23.32 -63.71 -38.62
CA PRO A 3 23.94 -62.41 -38.37
C PRO A 3 22.93 -61.26 -38.50
N LEU A 4 23.02 -60.29 -37.60
CA LEU A 4 22.01 -59.23 -37.51
C LEU A 4 22.64 -57.91 -37.11
N LYS A 5 22.27 -56.83 -37.80
CA LYS A 5 22.64 -55.47 -37.39
C LYS A 5 21.61 -54.87 -36.41
N TYR A 6 20.35 -55.30 -36.51
CA TYR A 6 19.25 -54.63 -35.80
C TYR A 6 18.51 -55.54 -34.83
N GLY A 7 19.24 -56.52 -34.32
CA GLY A 7 18.68 -57.46 -33.35
C GLY A 7 18.96 -56.98 -31.95
N ALA A 8 18.91 -57.90 -30.98
CA ALA A 8 18.99 -57.54 -29.57
C ALA A 8 20.34 -56.97 -29.17
N THR A 9 20.35 -56.22 -28.08
CA THR A 9 21.53 -55.55 -27.56
C THR A 9 21.82 -55.97 -26.11
N ASN A 10 20.83 -55.79 -25.22
CA ASN A 10 20.89 -56.26 -23.82
C ASN A 10 21.24 -57.74 -23.70
N GLU A 11 22.09 -58.07 -22.73
CA GLU A 11 22.47 -59.45 -22.49
C GLU A 11 21.32 -60.18 -21.82
N GLY A 12 21.19 -60.00 -20.52
CA GLY A 12 19.99 -60.50 -19.82
C GLY A 12 19.16 -59.30 -19.38
N LYS A 13 18.71 -59.31 -18.13
CA LYS A 13 17.96 -58.21 -17.58
C LYS A 13 18.89 -57.06 -17.25
N ARG A 14 18.43 -55.84 -17.51
CA ARG A 14 19.14 -54.65 -17.02
C ARG A 14 19.10 -54.64 -15.51
N GLN A 15 20.22 -54.30 -14.90
CA GLN A 15 20.28 -54.20 -13.46
C GLN A 15 20.70 -52.82 -12.92
N ASP A 16 20.69 -51.82 -13.79
CA ASP A 16 20.92 -50.43 -13.37
C ASP A 16 19.75 -49.98 -12.49
N PRO A 17 19.97 -48.96 -11.66
CA PRO A 17 18.90 -48.49 -10.78
C PRO A 17 17.64 -48.05 -11.48
N ALA A 18 17.75 -47.56 -12.70
CA ALA A 18 16.55 -47.06 -13.37
C ALA A 18 15.63 -48.26 -13.77
N MET A 19 16.23 -49.35 -14.23
CA MET A 19 15.43 -50.54 -14.56
C MET A 19 14.93 -51.18 -13.27
N GLN A 20 15.73 -51.15 -12.20
CA GLN A 20 15.28 -51.71 -10.92
C GLN A 20 14.06 -51.00 -10.42
N LYS A 21 13.98 -49.71 -10.75
CA LYS A 21 12.87 -48.90 -10.33
C LYS A 21 11.64 -49.21 -11.18
N PHE A 22 11.83 -49.29 -12.49
CA PHE A 22 10.77 -49.70 -13.42
C PHE A 22 10.13 -51.02 -12.91
N ARG A 23 10.99 -51.95 -12.54
CA ARG A 23 10.61 -53.29 -12.05
C ARG A 23 9.92 -53.23 -10.70
N ASP A 24 10.61 -52.67 -9.71
CA ASP A 24 10.09 -52.60 -8.34
C ASP A 24 8.74 -51.89 -8.25
N ASN A 25 8.49 -50.94 -9.11
CA ASN A 25 7.22 -50.27 -9.10
C ASN A 25 6.03 -51.30 -9.11
N ARG A 26 6.11 -52.25 -10.06
CA ARG A 26 5.15 -53.36 -10.31
C ARG A 26 3.76 -53.03 -10.79
N LEU A 27 3.08 -52.10 -10.12
CA LEU A 27 1.74 -51.75 -10.46
C LEU A 27 1.64 -50.36 -11.07
N GLY A 28 1.05 -50.31 -12.26
CA GLY A 28 0.81 -49.05 -12.93
C GLY A 28 -0.61 -48.90 -13.38
N ALA A 29 -0.97 -47.69 -13.79
CA ALA A 29 -2.26 -47.40 -14.46
C ALA A 29 -1.98 -46.92 -15.86
N PHE A 30 -2.93 -47.20 -16.74
CA PHE A 30 -2.84 -46.83 -18.15
C PHE A 30 -3.91 -45.77 -18.28
N ILE A 31 -3.63 -44.73 -19.07
CA ILE A 31 -4.66 -43.72 -19.45
C ILE A 31 -4.77 -43.68 -20.98
N HIS A 32 -5.96 -43.95 -21.48
CA HIS A 32 -6.29 -43.80 -22.89
C HIS A 32 -7.25 -42.62 -22.97
N TRP A 33 -6.72 -41.50 -23.46
CA TRP A 33 -7.53 -40.27 -23.62
C TRP A 33 -7.15 -39.61 -24.93
N GLY A 34 -8.18 -39.29 -25.67
CA GLY A 34 -8.03 -38.82 -27.03
C GLY A 34 -9.37 -38.36 -27.49
N LEU A 35 -9.47 -38.00 -28.77
CA LEU A 35 -10.73 -37.51 -29.33
C LEU A 35 -11.86 -38.53 -29.29
N TYR A 36 -11.49 -39.82 -29.32
CA TYR A 36 -12.47 -40.94 -29.21
C TYR A 36 -13.35 -40.83 -27.97
N ALA A 37 -12.86 -40.15 -26.94
CA ALA A 37 -13.67 -39.98 -25.72
C ALA A 37 -14.96 -39.17 -25.98
N ILE A 38 -14.95 -38.32 -27.00
CA ILE A 38 -16.12 -37.45 -27.26
C ILE A 38 -17.32 -38.26 -27.78
N PRO A 39 -17.19 -38.93 -28.93
CA PRO A 39 -18.30 -39.78 -29.36
C PRO A 39 -18.54 -41.02 -28.44
N GLY A 40 -17.48 -41.52 -27.79
CA GLY A 40 -17.63 -42.58 -26.76
C GLY A 40 -18.26 -43.86 -27.31
N GLY A 41 -17.80 -44.28 -28.47
CA GLY A 41 -18.30 -45.49 -29.09
C GLY A 41 -19.49 -45.32 -30.04
N GLU A 42 -20.04 -44.11 -30.13
CA GLU A 42 -21.24 -43.88 -30.94
C GLU A 42 -20.96 -42.90 -32.08
N TRP A 43 -21.43 -43.25 -33.27
CA TRP A 43 -21.25 -42.43 -34.46
C TRP A 43 -22.52 -42.39 -35.32
N ASN A 44 -22.99 -41.17 -35.57
CA ASN A 44 -24.22 -40.94 -36.35
C ASN A 44 -25.35 -41.82 -35.86
N GLY A 45 -25.61 -41.79 -34.56
CA GLY A 45 -26.73 -42.52 -33.97
C GLY A 45 -26.57 -44.03 -33.81
N LYS A 46 -25.44 -44.58 -34.23
CA LYS A 46 -25.20 -46.00 -34.07
C LYS A 46 -24.08 -46.29 -33.06
N VAL A 47 -24.40 -47.10 -32.05
CA VAL A 47 -23.42 -47.49 -31.00
C VAL A 47 -22.62 -48.69 -31.48
N TYR A 48 -21.31 -48.59 -31.57
CA TYR A 48 -20.49 -49.72 -31.99
C TYR A 48 -19.91 -50.45 -30.76
N GLY A 49 -19.89 -51.79 -30.84
CA GLY A 49 -19.47 -52.66 -29.73
C GLY A 49 -17.96 -52.82 -29.65
N GLY A 50 -17.27 -52.62 -30.76
CA GLY A 50 -15.77 -52.58 -30.77
C GLY A 50 -15.14 -51.53 -29.84
N ALA A 51 -13.82 -51.64 -29.64
CA ALA A 51 -13.07 -50.71 -28.81
C ALA A 51 -13.27 -49.25 -29.25
N ALA A 52 -13.76 -48.42 -28.32
CA ALA A 52 -14.14 -47.01 -28.64
C ALA A 52 -13.01 -46.21 -29.28
N GLU A 53 -11.76 -46.50 -28.92
CA GLU A 53 -10.64 -45.78 -29.49
C GLU A 53 -10.37 -46.13 -30.96
N TRP A 54 -11.05 -47.17 -31.43
CA TRP A 54 -10.95 -47.59 -32.83
C TRP A 54 -12.22 -47.20 -33.60
N LEU A 55 -13.08 -46.37 -33.00
CA LEU A 55 -14.37 -46.00 -33.65
C LEU A 55 -14.21 -45.38 -35.04
N LYS A 56 -13.14 -44.63 -35.26
CA LYS A 56 -12.85 -44.12 -36.59
C LYS A 56 -12.90 -45.27 -37.62
N SER A 57 -12.30 -46.40 -37.25
CA SER A 57 -12.23 -47.56 -38.11
C SER A 57 -13.58 -48.26 -38.24
N TRP A 58 -14.23 -48.53 -37.11
CA TRP A 58 -15.52 -49.24 -37.12
C TRP A 58 -16.57 -48.48 -37.91
N ALA A 59 -16.66 -47.17 -37.71
CA ALA A 59 -17.67 -46.34 -38.39
C ALA A 59 -17.18 -45.80 -39.73
N LYS A 60 -15.96 -46.16 -40.13
CA LYS A 60 -15.36 -45.70 -41.42
C LYS A 60 -15.39 -44.17 -41.60
N VAL A 61 -14.88 -43.45 -40.61
CA VAL A 61 -14.91 -41.99 -40.63
C VAL A 61 -13.63 -41.50 -41.32
N PRO A 62 -13.77 -40.64 -42.35
CA PRO A 62 -12.55 -40.06 -42.96
C PRO A 62 -11.78 -39.18 -41.98
N ALA A 63 -10.47 -39.11 -42.15
CA ALA A 63 -9.58 -38.41 -41.21
C ALA A 63 -9.97 -36.95 -40.95
N ASP A 64 -10.27 -36.21 -42.03
CA ASP A 64 -10.70 -34.82 -41.92
C ASP A 64 -11.90 -34.71 -40.98
N GLU A 65 -12.89 -35.57 -41.17
CA GLU A 65 -14.10 -35.48 -40.36
C GLU A 65 -13.85 -35.98 -38.92
N TRP A 66 -13.00 -37.00 -38.75
CA TRP A 66 -12.70 -37.48 -37.42
C TRP A 66 -12.02 -36.36 -36.59
N LEU A 67 -11.03 -35.72 -37.21
CA LEU A 67 -10.16 -34.75 -36.52
C LEU A 67 -10.87 -33.40 -36.16
N LYS A 68 -12.01 -33.14 -36.80
CA LYS A 68 -12.93 -32.06 -36.40
C LYS A 68 -13.44 -32.16 -35.00
N LEU A 69 -13.35 -33.35 -34.40
CA LEU A 69 -13.72 -33.50 -33.00
C LEU A 69 -12.89 -32.55 -32.11
N MET A 70 -11.71 -32.19 -32.58
CA MET A 70 -10.85 -31.19 -31.90
C MET A 70 -11.64 -29.96 -31.49
N ASP A 71 -12.63 -29.59 -32.32
CA ASP A 71 -13.45 -28.40 -32.05
C ASP A 71 -14.32 -28.56 -30.83
N GLN A 72 -14.56 -29.80 -30.41
CA GLN A 72 -15.34 -30.06 -29.20
C GLN A 72 -14.48 -30.46 -28.03
N TRP A 73 -13.17 -30.53 -28.23
CA TRP A 73 -12.30 -30.89 -27.13
C TRP A 73 -12.18 -29.75 -26.14
N ASN A 74 -12.93 -29.88 -25.05
CA ASN A 74 -12.95 -28.87 -24.00
C ASN A 74 -13.25 -29.52 -22.65
N PRO A 75 -12.27 -30.29 -22.14
CA PRO A 75 -12.50 -31.02 -20.88
C PRO A 75 -12.47 -30.12 -19.65
N THR A 76 -13.60 -29.46 -19.41
CA THR A 76 -13.66 -28.45 -18.36
C THR A 76 -13.40 -29.01 -16.95
N LYS A 77 -13.74 -30.29 -16.70
CA LYS A 77 -13.48 -30.88 -15.35
C LYS A 77 -12.09 -31.42 -15.16
N PHE A 78 -11.26 -31.37 -16.18
CA PHE A 78 -9.91 -31.88 -16.03
C PHE A 78 -9.15 -31.18 -14.94
N ASP A 79 -8.45 -31.93 -14.11
CA ASP A 79 -7.59 -31.35 -13.09
C ASP A 79 -6.49 -32.35 -12.81
N ALA A 80 -5.28 -32.05 -13.26
CA ALA A 80 -4.20 -32.99 -13.19
C ALA A 80 -3.86 -33.41 -11.77
N LYS A 81 -4.02 -32.51 -10.80
CA LYS A 81 -3.72 -32.81 -9.41
C LYS A 81 -4.71 -33.85 -8.86
N LYS A 82 -5.95 -33.77 -9.28
CA LYS A 82 -6.94 -34.75 -8.93
C LYS A 82 -6.66 -36.16 -9.55
N TRP A 83 -6.23 -36.19 -10.80
CA TRP A 83 -5.85 -37.41 -11.45
C TRP A 83 -4.70 -38.08 -10.70
N ALA A 84 -3.69 -37.31 -10.36
CA ALA A 84 -2.55 -37.84 -9.64
C ALA A 84 -2.93 -38.34 -8.28
N LYS A 85 -3.89 -37.70 -7.66
CA LYS A 85 -4.34 -38.08 -6.31
C LYS A 85 -5.07 -39.44 -6.41
N MET A 86 -5.88 -39.58 -7.43
CA MET A 86 -6.56 -40.85 -7.70
C MET A 86 -5.57 -42.00 -7.93
N ALA A 87 -4.53 -41.75 -8.71
CA ALA A 87 -3.49 -42.77 -8.93
C ALA A 87 -2.72 -43.12 -7.67
N LYS A 88 -2.38 -42.12 -6.87
CA LYS A 88 -1.72 -42.33 -5.56
C LYS A 88 -2.55 -43.22 -4.63
N GLU A 89 -3.82 -42.88 -4.51
CA GLU A 89 -4.78 -43.59 -3.66
CA GLU A 89 -4.80 -43.61 -3.70
C GLU A 89 -5.01 -45.05 -4.16
N MET A 90 -4.96 -45.28 -5.47
CA MET A 90 -5.04 -46.63 -6.04
C MET A 90 -3.80 -47.48 -5.70
N GLY A 91 -2.71 -46.82 -5.33
CA GLY A 91 -1.44 -47.48 -5.06
C GLY A 91 -0.58 -47.75 -6.28
N THR A 92 -0.91 -47.14 -7.42
CA THR A 92 -0.06 -47.20 -8.59
C THR A 92 1.25 -46.41 -8.38
N LYS A 93 2.38 -46.96 -8.81
CA LYS A 93 3.65 -46.32 -8.71
C LYS A 93 4.05 -45.63 -10.00
N TYR A 94 3.28 -45.87 -11.05
CA TYR A 94 3.53 -45.26 -12.35
C TYR A 94 2.30 -45.21 -13.16
N VAL A 95 2.31 -44.31 -14.11
CA VAL A 95 1.24 -44.16 -15.05
C VAL A 95 1.77 -44.08 -16.48
N LYS A 96 1.10 -44.82 -17.38
CA LYS A 96 1.43 -44.81 -18.80
C LYS A 96 0.35 -44.04 -19.51
N ILE A 97 0.75 -43.00 -20.26
CA ILE A 97 -0.22 -42.08 -20.85
C ILE A 97 -0.15 -42.11 -22.37
N THR A 98 -1.32 -42.07 -23.01
CA THR A 98 -1.34 -42.00 -24.48
C THR A 98 -0.97 -40.57 -24.92
N THR A 99 0.26 -40.39 -25.35
CA THR A 99 0.71 -39.10 -25.87
C THR A 99 0.07 -38.83 -27.21
N LYS A 100 -0.04 -39.90 -28.00
CA LYS A 100 -0.73 -39.90 -29.31
C LYS A 100 -1.22 -41.37 -29.61
N HIS A 101 -2.49 -41.55 -29.93
CA HIS A 101 -3.04 -42.85 -30.29
C HIS A 101 -3.11 -42.90 -31.84
N HIS A 102 -3.73 -43.95 -32.41
CA HIS A 102 -3.71 -44.15 -33.86
C HIS A 102 -4.33 -42.95 -34.59
N GLU A 103 -5.36 -42.36 -33.99
CA GLU A 103 -6.07 -41.17 -34.57
C GLU A 103 -5.09 -40.02 -34.88
N GLY A 104 -3.96 -39.95 -34.16
CA GLY A 104 -2.91 -38.95 -34.42
C GLY A 104 -2.99 -37.62 -33.65
N PHE A 105 -4.06 -37.38 -32.91
CA PHE A 105 -4.21 -36.21 -32.05
C PHE A 105 -3.25 -36.24 -30.87
N CYS A 106 -2.48 -35.17 -30.68
CA CYS A 106 -1.45 -35.16 -29.66
C CYS A 106 -1.90 -34.45 -28.42
N LEU A 107 -1.59 -35.05 -27.26
CA LEU A 107 -1.97 -34.47 -25.95
C LEU A 107 -0.96 -33.41 -25.45
N TRP A 108 0.14 -33.25 -26.20
CA TRP A 108 1.07 -32.15 -26.04
C TRP A 108 1.09 -31.28 -27.34
N PRO A 109 1.47 -29.99 -27.20
CA PRO A 109 1.37 -29.09 -28.34
C PRO A 109 2.58 -29.29 -29.30
N SER A 110 2.56 -30.37 -30.09
CA SER A 110 3.68 -30.70 -30.94
C SER A 110 3.82 -29.61 -32.00
N LYS A 111 5.06 -29.31 -32.31
CA LYS A 111 5.34 -28.30 -33.37
C LYS A 111 5.27 -28.97 -34.76
N TYR A 112 5.15 -30.31 -34.82
CA TYR A 112 5.25 -31.00 -36.11
C TYR A 112 3.92 -31.38 -36.74
N THR A 113 2.81 -30.99 -36.15
CA THR A 113 1.51 -31.22 -36.73
C THR A 113 0.53 -30.26 -36.12
N LYS A 114 -0.52 -29.96 -36.86
CA LYS A 114 -1.61 -29.15 -36.29
C LYS A 114 -2.64 -29.92 -35.45
N TYR A 115 -2.59 -31.25 -35.49
CA TYR A 115 -3.61 -32.05 -34.78
C TYR A 115 -3.16 -32.23 -33.33
N THR A 116 -3.26 -31.16 -32.52
CA THR A 116 -2.83 -31.16 -31.14
C THR A 116 -3.78 -30.42 -30.24
N VAL A 117 -3.57 -30.60 -28.93
CA VAL A 117 -4.30 -29.91 -27.89
C VAL A 117 -4.31 -28.37 -28.04
N ALA A 118 -3.20 -27.81 -28.56
CA ALA A 118 -3.06 -26.34 -28.76
C ALA A 118 -4.16 -25.81 -29.68
N ASN A 119 -4.60 -26.59 -30.66
CA ASN A 119 -5.64 -26.13 -31.60
C ASN A 119 -7.03 -26.62 -31.24
N THR A 120 -7.33 -26.62 -29.95
CA THR A 120 -8.64 -27.00 -29.44
C THR A 120 -9.09 -25.86 -28.57
N PRO A 121 -10.40 -25.77 -28.27
CA PRO A 121 -10.82 -24.77 -27.33
C PRO A 121 -10.02 -24.77 -26.04
N TYR A 122 -9.52 -25.94 -25.63
CA TYR A 122 -8.91 -26.06 -24.32
C TYR A 122 -7.48 -25.54 -24.31
N LYS A 123 -6.79 -25.72 -25.43
CA LYS A 123 -5.47 -25.15 -25.67
C LYS A 123 -4.33 -25.68 -24.83
N ARG A 124 -4.60 -26.06 -23.58
CA ARG A 124 -3.50 -26.38 -22.68
C ARG A 124 -2.74 -27.67 -22.96
N ASP A 125 -1.47 -27.68 -22.58
CA ASP A 125 -0.61 -28.85 -22.61
C ASP A 125 -1.00 -29.86 -21.49
N ILE A 126 -2.09 -30.60 -21.76
CA ILE A 126 -2.54 -31.72 -20.91
C ILE A 126 -1.36 -32.57 -20.46
N LEU A 127 -0.54 -33.00 -21.42
CA LEU A 127 0.50 -33.95 -21.08
C LEU A 127 1.46 -33.35 -20.03
N GLY A 128 1.86 -32.09 -20.26
CA GLY A 128 2.81 -31.42 -19.34
C GLY A 128 2.22 -31.27 -17.96
N GLU A 129 0.95 -30.91 -17.89
CA GLU A 129 0.26 -30.84 -16.62
C GLU A 129 0.23 -32.20 -15.89
N LEU A 130 -0.04 -33.28 -16.63
CA LEU A 130 -0.03 -34.61 -16.05
C LEU A 130 1.32 -34.99 -15.58
N VAL A 131 2.35 -34.77 -16.40
CA VAL A 131 3.72 -35.12 -15.98
C VAL A 131 4.06 -34.50 -14.63
N LYS A 132 3.79 -33.21 -14.55
CA LYS A 132 4.09 -32.43 -13.35
C LYS A 132 3.29 -32.94 -12.16
N ALA A 133 1.98 -33.13 -12.35
CA ALA A 133 1.11 -33.62 -11.25
C ALA A 133 1.49 -34.99 -10.72
N TYR A 134 1.75 -35.93 -11.64
CA TYR A 134 2.14 -37.26 -11.23
C TYR A 134 3.45 -37.21 -10.53
N ASN A 135 4.44 -36.55 -11.13
CA ASN A 135 5.80 -36.48 -10.53
C ASN A 135 5.73 -35.87 -9.14
N ASP A 136 4.90 -34.85 -8.98
CA ASP A 136 4.72 -34.24 -7.64
C ASP A 136 4.24 -35.27 -6.59
N GLU A 137 3.50 -36.33 -7.03
CA GLU A 137 3.04 -37.37 -6.10
C GLU A 137 4.02 -38.47 -5.91
N GLY A 138 5.22 -38.34 -6.49
CA GLY A 138 6.20 -39.41 -6.50
C GLY A 138 5.92 -40.57 -7.50
N ILE A 139 5.15 -40.30 -8.55
CA ILE A 139 4.68 -41.31 -9.49
C ILE A 139 5.40 -41.14 -10.82
N ASP A 140 6.14 -42.17 -11.22
CA ASP A 140 6.84 -42.15 -12.53
C ASP A 140 5.86 -42.04 -13.66
N VAL A 141 6.30 -41.44 -14.75
CA VAL A 141 5.45 -41.33 -15.96
C VAL A 141 6.10 -42.00 -17.15
N HIS A 142 5.28 -42.73 -17.92
CA HIS A 142 5.72 -43.49 -19.11
C HIS A 142 4.89 -42.99 -20.23
N PHE A 143 5.43 -42.97 -21.43
CA PHE A 143 4.66 -42.45 -22.58
C PHE A 143 4.32 -43.53 -23.60
N TYR A 144 3.05 -43.69 -23.84
CA TYR A 144 2.55 -44.54 -24.89
C TYR A 144 2.65 -43.70 -26.13
N PHE A 145 3.10 -44.32 -27.23
CA PHE A 145 3.19 -43.63 -28.52
C PHE A 145 2.83 -44.57 -29.66
N SER A 146 1.81 -44.22 -30.42
CA SER A 146 1.44 -44.97 -31.56
C SER A 146 2.23 -44.56 -32.81
N VAL A 147 3.04 -45.47 -33.35
CA VAL A 147 3.71 -45.22 -34.61
C VAL A 147 2.68 -45.05 -35.74
N MET A 148 1.82 -46.02 -35.93
CA MET A 148 0.72 -45.86 -36.88
C MET A 148 -0.05 -44.58 -36.59
N ASP A 149 -0.38 -43.82 -37.64
CA ASP A 149 -0.97 -42.49 -37.48
C ASP A 149 -1.90 -42.25 -38.64
N TRP A 150 -3.19 -42.28 -38.32
CA TRP A 150 -4.23 -42.10 -39.29
C TRP A 150 -4.42 -40.64 -39.74
N SER A 151 -3.71 -39.70 -39.12
CA SER A 151 -3.86 -38.26 -39.44
C SER A 151 -2.85 -37.79 -40.50
N ASN A 152 -1.73 -38.49 -40.62
CA ASN A 152 -0.65 -38.12 -41.52
C ASN A 152 -0.68 -38.95 -42.83
N PRO A 153 -0.96 -38.30 -43.97
CA PRO A 153 -1.06 -39.02 -45.25
C PRO A 153 0.25 -39.58 -45.79
N ASP A 154 1.39 -39.26 -45.20
CA ASP A 154 2.63 -39.98 -45.49
C ASP A 154 2.73 -41.38 -44.84
N TYR A 155 1.77 -41.74 -43.98
CA TYR A 155 1.76 -43.08 -43.40
C TYR A 155 1.50 -44.09 -44.55
N ARG A 156 2.23 -45.21 -44.50
CA ARG A 156 1.94 -46.37 -45.34
C ARG A 156 1.80 -47.69 -44.53
N TYR A 157 0.82 -48.51 -44.91
CA TYR A 157 0.61 -49.84 -44.34
C TYR A 157 1.65 -50.83 -44.86
N ASP A 158 1.99 -50.68 -46.13
CA ASP A 158 3.06 -51.48 -46.77
C ASP A 158 3.80 -50.62 -47.80
N ILE A 159 5.01 -51.04 -48.14
CA ILE A 159 5.85 -50.43 -49.17
C ILE A 159 5.74 -51.22 -50.51
N LYS A 160 4.89 -50.74 -51.41
CA LYS A 160 4.66 -51.38 -52.73
C LYS A 160 5.20 -50.61 -53.94
N SER A 161 5.91 -49.52 -53.68
CA SER A 161 6.47 -48.68 -54.74
C SER A 161 7.57 -47.77 -54.20
N LYS A 162 8.32 -47.15 -55.10
CA LYS A 162 9.36 -46.18 -54.71
C LYS A 162 8.68 -44.91 -54.12
N GLU A 163 7.49 -44.56 -54.61
CA GLU A 163 6.71 -43.44 -54.08
C GLU A 163 6.33 -43.68 -52.59
N ASP A 164 5.83 -44.88 -52.33
CA ASP A 164 5.51 -45.35 -50.99
C ASP A 164 6.75 -45.20 -50.11
N SER A 165 7.90 -45.64 -50.62
CA SER A 165 9.13 -45.62 -49.84
C SER A 165 9.57 -44.19 -49.46
N ILE A 166 9.32 -43.26 -50.37
CA ILE A 166 9.67 -41.86 -50.16
C ILE A 166 8.76 -41.24 -49.10
N ALA A 167 7.45 -41.40 -49.28
CA ALA A 167 6.44 -40.93 -48.34
C ALA A 167 6.74 -41.46 -46.92
N PHE A 168 7.04 -42.74 -46.85
CA PHE A 168 7.16 -43.38 -45.56
C PHE A 168 8.43 -42.94 -44.91
N SER A 169 9.44 -42.69 -45.72
CA SER A 169 10.69 -42.19 -45.16
C SER A 169 10.48 -40.83 -44.47
N ARG A 170 9.63 -40.00 -45.07
CA ARG A 170 9.26 -38.71 -44.46
C ARG A 170 8.51 -38.93 -43.14
N PHE A 171 7.59 -39.90 -43.18
CA PHE A 171 6.82 -40.26 -42.03
C PHE A 171 7.72 -40.64 -40.86
N LEU A 172 8.73 -41.46 -41.11
CA LEU A 172 9.68 -41.81 -40.06
C LEU A 172 10.43 -40.63 -39.46
N GLU A 173 10.74 -39.63 -40.30
CA GLU A 173 11.46 -38.43 -39.85
C GLU A 173 10.55 -37.59 -38.97
N PHE A 174 9.31 -37.44 -39.43
CA PHE A 174 8.25 -36.84 -38.63
C PHE A 174 8.08 -37.54 -37.27
N THR A 175 8.03 -38.85 -37.31
CA THR A 175 7.97 -39.61 -36.06
C THR A 175 9.17 -39.34 -35.19
N ASP A 176 10.38 -39.38 -35.75
CA ASP A 176 11.59 -39.13 -34.95
C ASP A 176 11.52 -37.75 -34.27
N ASN A 177 10.96 -36.78 -35.00
CA ASN A 177 10.87 -35.40 -34.54
C ASN A 177 9.94 -35.31 -33.32
N GLN A 178 8.76 -35.93 -33.44
CA GLN A 178 7.83 -36.05 -32.30
C GLN A 178 8.50 -36.76 -31.14
N LEU A 179 9.23 -37.82 -31.41
CA LEU A 179 9.88 -38.53 -30.29
C LEU A 179 10.93 -37.70 -29.55
N LYS A 180 11.83 -37.07 -30.31
CA LYS A 180 12.84 -36.17 -29.72
C LYS A 180 12.17 -35.03 -28.93
N GLU A 181 11.11 -34.48 -29.50
CA GLU A 181 10.38 -33.42 -28.87
C GLU A 181 9.86 -33.86 -27.49
N LEU A 182 9.22 -35.03 -27.43
CA LEU A 182 8.71 -35.55 -26.15
C LEU A 182 9.83 -35.77 -25.17
N ALA A 183 10.92 -36.32 -25.64
CA ALA A 183 12.07 -36.61 -24.78
C ALA A 183 12.72 -35.37 -24.16
N THR A 184 12.75 -34.28 -24.94
CA THR A 184 13.47 -33.07 -24.54
C THR A 184 12.54 -32.10 -23.84
N ARG A 185 11.27 -32.03 -24.27
CA ARG A 185 10.25 -31.31 -23.51
C ARG A 185 9.98 -31.85 -22.10
N TYR A 186 10.01 -33.17 -21.92
CA TYR A 186 9.55 -33.81 -20.70
C TYR A 186 10.58 -34.79 -20.25
N PRO A 187 11.75 -34.29 -19.84
CA PRO A 187 12.86 -35.16 -19.54
C PRO A 187 12.75 -36.05 -18.31
N THR A 188 11.73 -35.91 -17.47
CA THR A 188 11.50 -36.89 -16.37
C THR A 188 10.84 -38.25 -16.83
N VAL A 189 10.46 -38.33 -18.09
CA VAL A 189 9.90 -39.57 -18.68
C VAL A 189 10.82 -40.77 -18.43
N LYS A 190 10.20 -41.90 -18.01
CA LYS A 190 10.98 -43.08 -17.65
C LYS A 190 10.93 -44.23 -18.69
N ASP A 191 10.05 -44.11 -19.67
CA ASP A 191 9.72 -45.22 -20.53
C ASP A 191 8.96 -44.72 -21.74
N PHE A 192 9.26 -45.33 -22.89
CA PHE A 192 8.43 -45.19 -24.07
C PHE A 192 7.84 -46.55 -24.46
N TRP A 193 6.52 -46.60 -24.60
CA TRP A 193 5.80 -47.83 -24.87
C TRP A 193 5.19 -47.66 -26.25
N PHE A 194 5.86 -48.23 -27.25
CA PHE A 194 5.38 -48.13 -28.62
C PHE A 194 4.27 -49.15 -28.93
N ASP A 195 3.28 -48.71 -29.70
CA ASP A 195 2.15 -49.47 -30.17
C ASP A 195 2.00 -49.17 -31.67
N GLY A 196 1.11 -49.90 -32.34
CA GLY A 196 0.82 -49.66 -33.75
C GLY A 196 2.05 -49.85 -34.65
N THR A 197 2.90 -50.82 -34.30
CA THR A 197 4.12 -51.12 -35.01
C THR A 197 4.04 -52.42 -35.87
N TRP A 198 2.82 -52.88 -36.13
CA TRP A 198 2.63 -54.21 -36.70
C TRP A 198 2.55 -54.23 -38.22
N ASP A 199 2.33 -53.09 -38.86
CA ASP A 199 2.20 -53.08 -40.29
C ASP A 199 3.51 -53.48 -40.99
N ALA A 200 3.35 -54.04 -42.19
CA ALA A 200 4.46 -54.48 -43.05
C ALA A 200 5.49 -53.37 -43.28
N SER A 201 4.97 -52.16 -43.44
CA SER A 201 5.83 -50.97 -43.57
C SER A 201 6.87 -50.90 -42.46
N VAL A 202 6.44 -51.12 -41.22
CA VAL A 202 7.41 -51.07 -40.10
C VAL A 202 8.29 -52.28 -40.06
N LYS A 203 7.70 -53.47 -40.29
CA LYS A 203 8.48 -54.73 -40.28
C LYS A 203 9.62 -54.68 -41.30
N LYS A 204 9.35 -54.04 -42.43
CA LYS A 204 10.37 -53.91 -43.46
C LYS A 204 11.50 -52.94 -43.09
N ASN A 205 11.30 -52.16 -42.03
CA ASN A 205 12.21 -51.09 -41.62
C ASN A 205 12.71 -51.26 -40.22
N GLY A 206 13.23 -52.45 -39.95
CA GLY A 206 13.77 -52.79 -38.66
C GLY A 206 14.83 -51.82 -38.18
N TRP A 207 15.64 -51.34 -39.11
CA TRP A 207 16.76 -50.46 -38.81
C TRP A 207 16.24 -49.23 -38.02
N TRP A 208 15.08 -48.73 -38.44
CA TRP A 208 14.52 -47.55 -37.84
C TRP A 208 14.15 -47.80 -36.35
N THR A 209 13.65 -49.02 -36.08
CA THR A 209 13.16 -49.34 -34.75
C THR A 209 14.36 -49.35 -33.85
N ALA A 210 15.46 -49.91 -34.33
CA ALA A 210 16.70 -49.99 -33.51
C ALA A 210 17.26 -48.60 -33.27
N HIS A 211 17.11 -47.77 -34.29
CA HIS A 211 17.56 -46.39 -34.25
C HIS A 211 16.72 -45.57 -33.24
N ALA A 212 15.40 -45.76 -33.27
CA ALA A 212 14.54 -45.05 -32.34
C ALA A 212 14.91 -45.39 -30.91
N GLU A 213 15.19 -46.65 -30.67
CA GLU A 213 15.61 -47.10 -29.34
C GLU A 213 16.87 -46.39 -28.87
N GLN A 214 17.93 -46.44 -29.70
CA GLN A 214 19.24 -45.84 -29.37
C GLN A 214 19.12 -44.32 -29.21
N MET A 215 18.35 -43.69 -30.09
CA MET A 215 18.15 -42.26 -30.06
C MET A 215 17.58 -41.83 -28.70
N LEU A 216 16.51 -42.50 -28.27
CA LEU A 216 15.84 -42.10 -27.04
C LEU A 216 16.69 -42.41 -25.83
N LYS A 217 17.47 -43.47 -25.91
CA LYS A 217 18.37 -43.81 -24.80
C LYS A 217 19.54 -42.79 -24.62
N GLU A 218 20.03 -42.26 -25.74
CA GLU A 218 20.97 -41.15 -25.71
C GLU A 218 20.35 -39.87 -25.13
N LEU A 219 19.07 -39.60 -25.47
CA LEU A 219 18.42 -38.41 -24.97
C LEU A 219 17.92 -38.47 -23.51
N VAL A 220 17.59 -39.68 -23.00
CA VAL A 220 17.02 -39.81 -21.66
C VAL A 220 17.77 -40.90 -20.93
N PRO A 221 18.71 -40.50 -20.07
CA PRO A 221 19.50 -41.55 -19.40
C PRO A 221 18.61 -42.52 -18.61
N GLY A 222 18.82 -43.82 -18.83
CA GLY A 222 18.13 -44.88 -18.08
C GLY A 222 16.67 -45.12 -18.50
N VAL A 223 16.23 -44.47 -19.57
CA VAL A 223 14.90 -44.68 -20.08
C VAL A 223 14.71 -46.15 -20.53
N ALA A 224 13.47 -46.63 -20.38
CA ALA A 224 13.08 -47.97 -20.79
C ALA A 224 12.37 -47.90 -22.11
N ILE A 225 12.56 -48.93 -22.92
CA ILE A 225 11.91 -49.05 -24.23
C ILE A 225 11.30 -50.45 -24.39
N ASN A 226 10.02 -50.51 -24.75
CA ASN A 226 9.32 -51.80 -24.84
C ASN A 226 9.69 -52.62 -26.11
N SER A 227 9.48 -53.93 -26.03
CA SER A 227 9.83 -54.84 -27.12
C SER A 227 8.97 -54.62 -28.35
N ARG A 228 7.76 -54.13 -28.15
CA ARG A 228 6.77 -53.98 -29.21
C ARG A 228 7.20 -52.99 -30.31
N LEU A 229 8.08 -52.08 -29.96
CA LEU A 229 8.72 -51.19 -30.94
C LEU A 229 9.45 -52.00 -32.00
N ARG A 230 10.18 -53.01 -31.55
CA ARG A 230 11.34 -53.51 -32.24
C ARG A 230 11.03 -54.60 -33.30
N ALA A 231 11.72 -54.47 -34.44
CA ALA A 231 11.75 -55.46 -35.51
C ALA A 231 13.21 -55.58 -35.93
N ASP A 232 13.63 -56.80 -36.28
CA ASP A 232 15.02 -57.01 -36.69
C ASP A 232 15.15 -56.90 -38.23
N ASP A 233 16.36 -57.23 -38.72
CA ASP A 233 16.68 -57.18 -40.16
C ASP A 233 15.67 -57.94 -41.01
N LYS A 234 15.10 -59.02 -40.47
CA LYS A 234 14.23 -59.92 -41.23
C LYS A 234 12.75 -59.65 -41.02
N GLY A 235 12.43 -58.62 -40.24
CA GLY A 235 11.03 -58.29 -39.98
C GLY A 235 10.43 -59.04 -38.80
N LYS A 236 11.26 -59.78 -38.07
CA LYS A 236 10.80 -60.49 -36.86
C LYS A 236 10.64 -59.51 -35.68
N ARG A 237 9.45 -59.48 -35.07
CA ARG A 237 9.12 -58.54 -33.98
C ARG A 237 9.30 -59.08 -32.55
N HIS A 238 9.56 -58.17 -31.60
CA HIS A 238 9.72 -58.46 -30.16
C HIS A 238 11.00 -59.23 -29.84
N PHE A 239 11.11 -60.46 -30.34
CA PHE A 239 12.32 -61.25 -30.18
C PHE A 239 12.91 -61.38 -31.57
N ASP A 240 14.22 -61.28 -31.65
CA ASP A 240 14.87 -61.29 -32.96
C ASP A 240 14.96 -62.71 -33.53
N SER A 241 15.58 -62.81 -34.70
CA SER A 241 15.72 -64.07 -35.42
C SER A 241 16.60 -65.11 -34.70
N ASN A 242 17.41 -64.67 -33.74
CA ASN A 242 18.14 -65.59 -32.83
C ASN A 242 17.47 -65.79 -31.45
N GLY A 243 16.16 -65.52 -31.36
CA GLY A 243 15.37 -65.73 -30.14
C GLY A 243 15.66 -64.79 -29.00
N ARG A 244 16.36 -63.69 -29.28
CA ARG A 244 16.75 -62.77 -28.24
C ARG A 244 15.74 -61.63 -28.15
N LEU A 245 15.43 -61.25 -26.91
CA LEU A 245 14.49 -60.16 -26.64
C LEU A 245 15.09 -58.79 -27.05
N MET A 246 14.36 -58.08 -27.92
CA MET A 246 14.70 -56.69 -28.25
C MET A 246 13.97 -55.73 -27.30
N GLY A 247 14.58 -54.57 -27.08
CA GLY A 247 14.06 -53.62 -26.11
C GLY A 247 14.46 -54.09 -24.74
N ASP A 248 13.87 -53.45 -23.74
CA ASP A 248 14.26 -53.66 -22.36
C ASP A 248 13.32 -54.60 -21.58
N TYR A 249 12.14 -54.80 -22.12
CA TYR A 249 11.16 -55.67 -21.50
C TYR A 249 10.13 -56.11 -22.49
N GLU A 250 9.57 -57.30 -22.22
CA GLU A 250 8.58 -57.92 -23.12
C GLU A 250 7.23 -57.31 -22.87
N SER A 251 6.51 -57.04 -23.94
CA SER A 251 5.34 -56.21 -23.92
C SER A 251 4.19 -56.72 -24.79
N GLY A 252 3.98 -58.05 -24.84
CA GLY A 252 2.92 -58.63 -25.66
C GLY A 252 1.70 -59.18 -24.94
N TYR A 253 1.74 -59.25 -23.61
CA TYR A 253 0.64 -59.77 -22.84
C TYR A 253 -0.36 -58.67 -22.61
N GLU A 254 -1.33 -58.59 -23.53
CA GLU A 254 -2.33 -57.57 -23.55
C GLU A 254 -3.71 -58.20 -23.43
N ARG A 255 -4.42 -57.92 -22.32
CA ARG A 255 -5.66 -58.61 -21.99
C ARG A 255 -5.50 -60.14 -21.85
N ARG A 256 -4.27 -60.63 -21.59
CA ARG A 256 -3.99 -62.01 -21.26
C ARG A 256 -2.65 -62.09 -20.54
N LEU A 257 -2.38 -63.24 -19.94
CA LEU A 257 -1.22 -63.46 -19.09
C LEU A 257 -0.60 -64.83 -19.35
N PRO A 258 0.71 -64.97 -19.09
CA PRO A 258 1.28 -66.29 -19.22
C PRO A 258 0.76 -67.30 -18.20
N ASP A 259 0.74 -68.56 -18.63
CA ASP A 259 0.25 -69.61 -17.79
C ASP A 259 1.22 -69.88 -16.65
N PRO A 260 0.72 -69.99 -15.43
CA PRO A 260 1.69 -70.12 -14.29
C PRO A 260 2.47 -71.43 -14.19
N VAL A 261 2.05 -72.45 -14.93
CA VAL A 261 2.73 -73.74 -14.96
C VAL A 261 3.57 -73.85 -16.24
N LYS A 262 2.99 -73.47 -17.38
CA LYS A 262 3.63 -73.76 -18.66
C LYS A 262 4.50 -72.65 -19.25
N ASP A 263 4.39 -71.44 -18.76
CA ASP A 263 5.06 -70.30 -19.37
C ASP A 263 6.07 -69.71 -18.45
N LEU A 264 6.79 -70.55 -17.69
CA LEU A 264 7.84 -70.07 -16.80
C LEU A 264 9.03 -69.40 -17.49
N LYS A 265 9.13 -69.56 -18.80
CA LYS A 265 10.18 -68.90 -19.58
C LYS A 265 10.21 -67.38 -19.32
N VAL A 266 9.05 -66.77 -19.03
CA VAL A 266 8.94 -65.33 -18.87
C VAL A 266 9.74 -64.81 -17.69
N THR A 267 10.12 -65.68 -16.74
CA THR A 267 10.85 -65.24 -15.58
C THR A 267 12.30 -64.88 -15.91
N GLN A 268 12.73 -65.19 -17.14
CA GLN A 268 14.11 -64.92 -17.60
C GLN A 268 14.31 -63.50 -18.10
N TRP A 269 13.23 -62.77 -18.34
CA TRP A 269 13.31 -61.38 -18.76
C TRP A 269 12.30 -60.48 -18.04
N ASP A 270 12.57 -59.18 -18.09
CA ASP A 270 11.60 -58.21 -17.59
C ASP A 270 10.41 -58.15 -18.53
N TRP A 271 9.22 -57.94 -18.00
CA TRP A 271 8.04 -57.84 -18.85
C TRP A 271 6.97 -57.06 -18.18
N GLU A 272 6.02 -56.56 -18.97
CA GLU A 272 4.93 -55.84 -18.47
C GLU A 272 3.66 -56.23 -19.20
N ALA A 273 2.60 -56.48 -18.44
CA ALA A 273 1.28 -56.76 -19.02
C ALA A 273 0.37 -55.60 -18.88
N CYS A 274 -0.64 -55.52 -19.73
CA CYS A 274 -1.66 -54.52 -19.56
C CYS A 274 -3.03 -55.12 -19.69
N MET A 275 -4.02 -54.47 -19.11
CA MET A 275 -5.37 -55.01 -19.08
C MET A 275 -6.43 -53.93 -19.07
N THR A 276 -7.61 -54.30 -19.53
CA THR A 276 -8.81 -53.46 -19.48
C THR A 276 -9.76 -53.93 -18.41
N ILE A 277 -10.72 -53.07 -18.05
CA ILE A 277 -11.72 -53.38 -17.03
C ILE A 277 -12.90 -54.13 -17.68
N PRO A 278 -13.54 -53.55 -18.72
CA PRO A 278 -14.40 -54.33 -19.54
C PRO A 278 -13.59 -55.26 -20.38
N GLU A 279 -14.27 -56.06 -21.20
CA GLU A 279 -13.56 -57.05 -22.00
C GLU A 279 -12.52 -56.47 -22.96
N ASN A 280 -12.94 -55.46 -23.72
CA ASN A 280 -12.10 -54.82 -24.71
C ASN A 280 -12.52 -53.36 -24.98
N GLN A 281 -12.24 -52.48 -24.03
CA GLN A 281 -12.44 -51.02 -24.14
C GLN A 281 -11.28 -50.33 -23.46
N TRP A 282 -10.49 -49.57 -24.23
CA TRP A 282 -9.39 -48.81 -23.69
C TRP A 282 -9.78 -47.31 -23.58
N GLY A 283 -10.16 -46.70 -24.70
CA GLY A 283 -10.79 -45.41 -24.69
C GLY A 283 -12.13 -45.47 -24.00
N TYR A 284 -12.63 -44.32 -23.56
CA TYR A 284 -13.98 -44.19 -23.01
C TYR A 284 -15.06 -44.68 -23.96
N HIS A 285 -15.87 -45.62 -23.46
CA HIS A 285 -17.07 -46.08 -24.13
C HIS A 285 -18.23 -45.83 -23.22
N LYS A 286 -19.29 -45.26 -23.80
CA LYS A 286 -20.45 -44.79 -23.07
C LYS A 286 -21.32 -45.87 -22.43
N ASP A 287 -21.28 -47.07 -23.00
CA ASP A 287 -22.12 -48.16 -22.57
C ASP A 287 -21.28 -49.42 -22.18
N TRP A 288 -21.04 -49.56 -20.89
CA TRP A 288 -20.32 -50.72 -20.34
C TRP A 288 -21.19 -51.98 -20.13
N SER A 289 -22.50 -51.87 -20.36
CA SER A 289 -23.39 -53.05 -20.30
C SER A 289 -23.21 -54.00 -21.50
N LEU A 290 -22.39 -53.65 -22.48
CA LEU A 290 -22.26 -54.45 -23.68
C LEU A 290 -21.28 -55.62 -23.58
N SER A 291 -20.48 -55.68 -22.53
CA SER A 291 -19.52 -56.77 -22.34
C SER A 291 -19.31 -56.91 -20.85
N TYR A 292 -18.62 -58.00 -20.48
CA TYR A 292 -18.37 -58.29 -19.07
C TYR A 292 -17.40 -57.26 -18.46
N VAL A 293 -17.73 -56.77 -17.26
CA VAL A 293 -16.92 -55.80 -16.52
C VAL A 293 -16.31 -56.52 -15.28
N LYS A 294 -14.98 -56.49 -15.17
CA LYS A 294 -14.29 -57.18 -14.09
C LYS A 294 -14.55 -56.56 -12.75
N THR A 295 -14.66 -57.40 -11.72
CA THR A 295 -14.74 -56.93 -10.37
C THR A 295 -13.33 -56.64 -9.85
N PRO A 296 -13.26 -55.91 -8.72
CA PRO A 296 -11.94 -55.59 -8.18
C PRO A 296 -11.07 -56.83 -7.86
N ILE A 297 -11.66 -57.88 -7.28
CA ILE A 297 -10.87 -59.07 -6.95
C ILE A 297 -10.33 -59.72 -8.21
N GLU A 298 -11.13 -59.74 -9.27
CA GLU A 298 -10.65 -60.24 -10.55
C GLU A 298 -9.43 -59.47 -11.05
N VAL A 299 -9.39 -58.17 -10.76
CA VAL A 299 -8.27 -57.32 -11.24
C VAL A 299 -7.06 -57.54 -10.42
N ILE A 300 -7.28 -57.60 -9.11
CA ILE A 300 -6.22 -57.90 -8.14
C ILE A 300 -5.55 -59.27 -8.37
N ASP A 301 -6.36 -60.27 -8.68
CA ASP A 301 -5.84 -61.59 -9.09
C ASP A 301 -4.82 -61.51 -10.25
N ARG A 302 -5.18 -60.79 -11.30
CA ARG A 302 -4.31 -60.58 -12.45
C ARG A 302 -3.02 -59.80 -12.09
N ILE A 303 -3.14 -58.82 -11.21
CA ILE A 303 -1.99 -58.04 -10.79
C ILE A 303 -1.00 -58.97 -10.09
N VAL A 304 -1.50 -59.69 -9.09
CA VAL A 304 -0.64 -60.60 -8.33
C VAL A 304 -0.06 -61.70 -9.22
N HIS A 305 -0.89 -62.19 -10.15
CA HIS A 305 -0.47 -63.19 -11.15
C HIS A 305 0.79 -62.71 -11.89
N ALA A 306 0.73 -61.50 -12.41
CA ALA A 306 1.86 -60.89 -13.08
C ALA A 306 3.13 -60.82 -12.26
N VAL A 307 3.01 -60.25 -11.05
CA VAL A 307 4.16 -60.15 -10.15
C VAL A 307 4.74 -61.54 -9.80
N SER A 308 3.87 -62.50 -9.58
CA SER A 308 4.31 -63.85 -9.20
C SER A 308 5.15 -64.47 -10.28
N MET A 309 5.00 -63.99 -11.51
CA MET A 309 5.82 -64.48 -12.62
C MET A 309 6.87 -63.49 -13.09
N GLY A 310 7.22 -62.54 -12.23
CA GLY A 310 8.30 -61.60 -12.53
C GLY A 310 7.93 -60.45 -13.47
N GLY A 311 6.67 -60.08 -13.50
CA GLY A 311 6.23 -59.06 -14.44
C GLY A 311 5.41 -57.96 -13.76
N ASN A 312 5.25 -56.86 -14.45
CA ASN A 312 4.46 -55.74 -14.01
C ASN A 312 3.08 -55.84 -14.60
N MET A 313 2.14 -55.14 -13.99
CA MET A 313 0.80 -55.02 -14.53
C MET A 313 0.31 -53.62 -14.54
N VAL A 314 -0.37 -53.26 -15.63
CA VAL A 314 -0.89 -51.92 -15.83
C VAL A 314 -2.37 -52.01 -16.11
N VAL A 315 -3.16 -51.43 -15.22
CA VAL A 315 -4.61 -51.39 -15.32
C VAL A 315 -5.09 -50.12 -16.07
N ASN A 316 -5.90 -50.31 -17.10
CA ASN A 316 -6.35 -49.20 -17.93
C ASN A 316 -7.59 -48.44 -17.44
N PHE A 317 -7.55 -47.12 -17.66
CA PHE A 317 -8.66 -46.20 -17.46
C PHE A 317 -8.89 -45.38 -18.69
N GLY A 318 -10.14 -45.10 -18.98
CA GLY A 318 -10.51 -44.35 -20.21
C GLY A 318 -11.34 -43.12 -19.80
N PRO A 319 -10.66 -42.00 -19.46
CA PRO A 319 -11.36 -40.83 -18.89
C PRO A 319 -12.45 -40.27 -19.79
N GLN A 320 -13.46 -39.68 -19.18
CA GLN A 320 -14.54 -39.08 -19.98
C GLN A 320 -14.06 -37.84 -20.79
N ALA A 321 -14.87 -37.47 -21.77
CA ALA A 321 -14.61 -36.28 -22.59
C ALA A 321 -14.47 -35.04 -21.70
N ASP A 322 -15.23 -34.97 -20.62
CA ASP A 322 -15.15 -33.81 -19.71
C ASP A 322 -13.91 -33.74 -18.80
N GLY A 323 -13.07 -34.78 -18.78
CA GLY A 323 -11.82 -34.76 -17.98
C GLY A 323 -11.95 -35.32 -16.56
N ASP A 324 -13.14 -35.82 -16.26
CA ASP A 324 -13.37 -36.62 -15.05
C ASP A 324 -13.31 -38.15 -15.42
N PHE A 325 -13.30 -38.99 -14.38
CA PHE A 325 -13.46 -40.45 -14.55
C PHE A 325 -14.87 -40.95 -14.22
N ARG A 326 -15.33 -41.96 -14.96
CA ARG A 326 -16.64 -42.57 -14.71
C ARG A 326 -16.67 -43.23 -13.32
N PRO A 327 -17.87 -43.43 -12.78
CA PRO A 327 -18.01 -43.96 -11.40
C PRO A 327 -17.43 -45.36 -11.19
N GLU A 328 -17.54 -46.21 -12.20
CA GLU A 328 -17.02 -47.57 -12.14
C GLU A 328 -15.50 -47.56 -11.99
N GLU A 329 -14.84 -46.61 -12.66
CA GLU A 329 -13.37 -46.47 -12.55
C GLU A 329 -12.95 -45.88 -11.19
N LYS A 330 -13.70 -44.92 -10.64
CA LYS A 330 -13.39 -44.45 -9.30
C LYS A 330 -13.55 -45.54 -8.24
N ALA A 331 -14.61 -46.30 -8.36
CA ALA A 331 -14.84 -47.42 -7.42
C ALA A 331 -13.67 -48.44 -7.48
N MET A 332 -13.29 -48.78 -8.70
CA MET A 332 -12.20 -49.73 -8.93
C MET A 332 -10.91 -49.29 -8.33
N ALA A 333 -10.55 -48.03 -8.56
CA ALA A 333 -9.23 -47.51 -8.08
C ALA A 333 -9.19 -47.53 -6.58
N THR A 334 -10.32 -47.14 -5.99
CA THR A 334 -10.46 -47.11 -4.52
C THR A 334 -10.37 -48.49 -3.91
N ALA A 335 -11.05 -49.45 -4.54
CA ALA A 335 -10.98 -50.87 -4.07
C ALA A 335 -9.61 -51.44 -4.19
N ILE A 336 -8.97 -51.22 -5.32
CA ILE A 336 -7.58 -51.69 -5.48
C ILE A 336 -6.70 -51.06 -4.43
N GLY A 337 -6.86 -49.76 -4.27
CA GLY A 337 -6.07 -49.02 -3.25
C GLY A 337 -6.14 -49.54 -1.84
N LYS A 338 -7.34 -49.90 -1.40
CA LYS A 338 -7.55 -50.47 -0.04
C LYS A 338 -6.78 -51.75 0.18
N TRP A 339 -6.89 -52.62 -0.83
CA TRP A 339 -6.25 -53.91 -0.77
C TRP A 339 -4.73 -53.75 -0.84
N MET A 340 -4.24 -52.89 -1.73
CA MET A 340 -2.78 -52.69 -1.84
C MET A 340 -2.20 -52.08 -0.57
N ASN A 341 -2.97 -51.24 0.09
CA ASN A 341 -2.49 -50.62 1.35
C ASN A 341 -2.29 -51.69 2.39
N ARG A 342 -3.17 -52.66 2.40
CA ARG A 342 -3.08 -53.76 3.37
C ARG A 342 -2.05 -54.82 3.00
N TYR A 343 -1.98 -55.17 1.71
CA TYR A 343 -1.22 -56.35 1.30
C TYR A 343 -0.09 -56.11 0.34
N GLY A 344 0.18 -54.84 0.04
CA GLY A 344 1.13 -54.46 -1.00
C GLY A 344 2.56 -54.82 -0.73
N LYS A 345 2.90 -55.22 0.48
CA LYS A 345 4.24 -55.76 0.74
C LYS A 345 4.55 -57.04 -0.03
N ALA A 346 3.51 -57.74 -0.47
CA ALA A 346 3.65 -58.92 -1.33
C ALA A 346 3.62 -58.58 -2.82
N VAL A 347 3.45 -57.30 -3.16
CA VAL A 347 3.44 -56.84 -4.57
C VAL A 347 4.63 -55.98 -4.93
N TYR A 348 4.73 -54.81 -4.28
CA TYR A 348 5.80 -53.83 -4.58
C TYR A 348 7.12 -54.41 -4.31
N ALA A 349 8.00 -54.30 -5.30
CA ALA A 349 9.38 -54.77 -5.14
C ALA A 349 9.49 -56.29 -4.95
N CYS A 350 8.48 -57.03 -5.43
CA CYS A 350 8.50 -58.49 -5.32
C CYS A 350 8.74 -59.08 -6.71
N ASP A 351 8.91 -60.42 -6.74
CA ASP A 351 9.30 -61.15 -7.95
C ASP A 351 8.91 -62.63 -7.84
N TYR A 352 9.21 -63.39 -8.88
CA TYR A 352 9.02 -64.82 -8.96
C TYR A 352 9.76 -65.53 -7.85
N ALA A 353 9.08 -66.44 -7.15
CA ALA A 353 9.67 -67.13 -5.99
C ALA A 353 10.32 -68.47 -6.30
N GLY A 354 10.22 -68.99 -7.51
CA GLY A 354 10.76 -70.33 -7.84
C GLY A 354 10.08 -71.57 -7.23
N PHE A 355 8.84 -71.45 -6.74
CA PHE A 355 8.10 -72.57 -6.17
C PHE A 355 7.01 -73.06 -7.15
N GLU A 356 6.73 -74.35 -7.08
CA GLU A 356 5.63 -74.93 -7.88
C GLU A 356 4.34 -74.27 -7.53
N LYS A 357 3.61 -73.84 -8.56
CA LYS A 357 2.30 -73.26 -8.39
C LYS A 357 1.33 -74.22 -7.68
N GLN A 358 0.54 -73.70 -6.74
CA GLN A 358 -0.46 -74.41 -6.05
C GLN A 358 -1.81 -73.71 -6.32
N ASP A 359 -2.87 -74.43 -6.04
CA ASP A 359 -4.22 -73.98 -6.41
C ASP A 359 -4.82 -72.84 -5.60
N TRP A 360 -4.33 -72.61 -4.39
CA TRP A 360 -4.86 -71.59 -3.53
C TRP A 360 -4.53 -70.14 -3.96
N GLY A 361 -3.55 -69.97 -4.86
CA GLY A 361 -3.14 -68.66 -5.24
C GLY A 361 -1.69 -68.64 -5.72
N TYR A 362 -0.99 -67.58 -5.34
CA TYR A 362 0.32 -67.26 -5.98
C TYR A 362 1.33 -67.00 -4.93
N TYR A 363 2.55 -67.34 -5.24
CA TYR A 363 3.66 -66.97 -4.40
C TYR A 363 4.28 -65.70 -4.99
N THR A 364 4.74 -64.80 -4.11
CA THR A 364 5.74 -63.79 -4.54
C THR A 364 6.92 -63.79 -3.56
N ARG A 365 8.06 -63.35 -4.05
CA ARG A 365 9.29 -63.30 -3.25
C ARG A 365 9.72 -61.83 -3.07
N GLY A 366 9.94 -61.48 -1.82
CA GLY A 366 10.45 -60.16 -1.43
C GLY A 366 11.95 -59.99 -1.66
N LYS A 367 12.43 -58.77 -1.40
CA LYS A 367 13.86 -58.41 -1.62
C LYS A 367 14.82 -59.04 -0.62
N ASN A 368 14.33 -59.39 0.55
CA ASN A 368 15.13 -60.10 1.53
CA ASN A 368 15.14 -60.10 1.54
C ASN A 368 14.66 -61.54 1.76
N ASP A 369 14.31 -62.21 0.66
CA ASP A 369 13.94 -63.63 0.63
C ASP A 369 12.69 -63.98 1.42
N GLU A 370 11.85 -63.01 1.69
CA GLU A 370 10.51 -63.28 2.20
C GLU A 370 9.77 -64.05 1.11
N VAL A 371 8.98 -65.05 1.50
CA VAL A 371 8.07 -65.76 0.53
C VAL A 371 6.65 -65.52 0.95
N TYR A 372 5.91 -64.87 0.09
CA TYR A 372 4.56 -64.54 0.42
C TYR A 372 3.62 -65.51 -0.30
N MET A 373 2.59 -65.95 0.43
CA MET A 373 1.53 -66.78 -0.12
C MET A 373 0.35 -65.90 -0.24
N VAL A 374 -0.12 -65.68 -1.47
CA VAL A 374 -1.26 -64.79 -1.66
C VAL A 374 -2.43 -65.69 -2.03
N VAL A 375 -3.41 -65.78 -1.14
CA VAL A 375 -4.46 -66.72 -1.18
C VAL A 375 -5.73 -66.14 -1.72
N PHE A 376 -6.12 -66.63 -2.90
CA PHE A 376 -7.37 -66.26 -3.57
C PHE A 376 -8.47 -67.30 -3.56
N ASN A 377 -8.07 -68.58 -3.35
CA ASN A 377 -8.98 -69.72 -3.36
C ASN A 377 -8.80 -70.50 -2.07
N GLN A 378 -9.79 -70.39 -1.18
CA GLN A 378 -9.67 -70.91 0.21
C GLN A 378 -10.03 -72.45 0.25
N PRO A 379 -9.07 -73.34 0.60
CA PRO A 379 -9.39 -74.80 0.63
C PRO A 379 -10.27 -75.21 1.79
N TYR A 380 -11.35 -75.94 1.50
CA TYR A 380 -12.20 -76.54 2.54
C TYR A 380 -11.40 -77.44 3.45
N SER A 381 -10.27 -77.94 2.97
CA SER A 381 -9.37 -78.73 3.82
C SER A 381 -8.75 -77.98 4.97
N GLU A 382 -8.75 -76.67 4.90
CA GLU A 382 -8.11 -75.80 5.89
C GLU A 382 -6.61 -75.90 5.88
N ARG A 383 -6.07 -76.44 4.80
CA ARG A 383 -4.67 -76.65 4.66
C ARG A 383 -4.19 -76.12 3.31
N LEU A 384 -3.10 -75.32 3.29
CA LEU A 384 -2.55 -74.76 2.08
C LEU A 384 -1.30 -75.49 1.79
N ILE A 385 -1.24 -76.15 0.63
CA ILE A 385 -0.13 -77.00 0.32
C ILE A 385 1.05 -76.14 -0.13
N VAL A 386 2.23 -76.44 0.42
CA VAL A 386 3.43 -75.75 0.03
C VAL A 386 4.48 -76.78 -0.25
N LYS A 387 4.80 -76.91 -1.52
CA LYS A 387 5.89 -77.79 -1.93
C LYS A 387 7.11 -76.93 -2.19
N THR A 388 8.19 -77.21 -1.47
CA THR A 388 9.44 -76.42 -1.55
C THR A 388 10.42 -76.93 -2.60
N PRO A 389 11.24 -76.04 -3.16
CA PRO A 389 12.32 -76.56 -4.01
C PRO A 389 13.35 -77.31 -3.21
N LYS A 390 14.23 -78.01 -3.92
CA LYS A 390 15.27 -78.83 -3.30
C LYS A 390 16.09 -77.94 -2.37
N GLY A 391 16.33 -78.39 -1.15
CA GLY A 391 17.15 -77.71 -0.18
C GLY A 391 16.52 -76.58 0.60
N ILE A 392 15.23 -76.36 0.44
CA ILE A 392 14.57 -75.20 1.05
C ILE A 392 13.61 -75.74 2.09
N THR A 393 13.62 -75.15 3.27
CA THR A 393 12.69 -75.55 4.30
C THR A 393 11.90 -74.32 4.72
N VAL A 394 10.75 -74.56 5.32
CA VAL A 394 9.89 -73.50 5.82
C VAL A 394 10.02 -73.50 7.30
N GLU A 395 10.52 -72.41 7.86
CA GLU A 395 10.76 -72.32 9.31
C GLU A 395 9.62 -71.70 10.05
N LYS A 396 8.89 -70.79 9.40
CA LYS A 396 7.81 -70.09 10.06
C LYS A 396 6.81 -69.60 9.05
N ALA A 397 5.60 -69.46 9.51
CA ALA A 397 4.55 -68.80 8.75
C ALA A 397 3.83 -67.81 9.65
N THR A 398 3.48 -66.67 9.07
CA THR A 398 2.92 -65.56 9.81
C THR A 398 1.86 -64.89 8.95
N LEU A 399 0.72 -64.63 9.54
CA LEU A 399 -0.30 -63.85 8.87
C LEU A 399 0.17 -62.39 8.79
N LEU A 400 0.26 -61.87 7.57
CA LEU A 400 0.83 -60.53 7.33
C LEU A 400 0.15 -59.40 8.11
N THR A 401 -1.16 -59.34 8.10
CA THR A 401 -1.85 -58.25 8.70
C THR A 401 -1.68 -58.21 10.24
N THR A 402 -1.72 -59.35 10.90
CA THR A 402 -1.79 -59.37 12.36
C THR A 402 -0.54 -59.83 13.02
N GLY A 403 0.37 -60.44 12.27
CA GLY A 403 1.58 -61.04 12.86
C GLY A 403 1.35 -62.39 13.57
N GLU A 404 0.12 -62.89 13.57
CA GLU A 404 -0.18 -64.14 14.26
C GLU A 404 0.57 -65.31 13.63
N ASP A 405 1.07 -66.21 14.48
CA ASP A 405 1.81 -67.40 14.05
C ASP A 405 0.85 -68.48 13.45
N ILE A 406 1.28 -69.09 12.37
CA ILE A 406 0.39 -70.02 11.56
C ILE A 406 1.09 -71.38 11.60
N THR A 407 0.34 -72.40 11.98
CA THR A 407 0.88 -73.76 12.07
C THR A 407 1.37 -74.28 10.71
N VAL A 408 2.57 -74.85 10.72
CA VAL A 408 3.20 -75.48 9.57
C VAL A 408 3.52 -76.94 9.89
N VAL A 409 3.01 -77.86 9.06
CA VAL A 409 3.17 -79.32 9.30
C VAL A 409 3.83 -79.94 8.10
N GLU A 410 4.97 -80.58 8.32
CA GLU A 410 5.65 -81.30 7.25
C GLU A 410 4.86 -82.58 6.89
N THR A 411 4.52 -82.77 5.62
CA THR A 411 3.65 -83.90 5.25
C THR A 411 4.51 -84.99 4.59
N THR A 412 5.56 -84.56 3.93
CA THR A 412 6.44 -85.41 3.21
C THR A 412 7.74 -84.59 3.02
N ARG A 413 8.79 -85.24 2.54
CA ARG A 413 10.02 -84.53 2.20
C ARG A 413 9.63 -83.43 1.19
N ASN A 414 10.01 -82.21 1.46
CA ASN A 414 9.72 -81.10 0.52
C ASN A 414 8.26 -80.69 0.39
N GLU A 415 7.42 -81.08 1.33
CA GLU A 415 6.07 -80.58 1.28
C GLU A 415 5.47 -80.37 2.67
N TYR A 416 4.69 -79.30 2.77
CA TYR A 416 4.06 -78.91 4.00
C TYR A 416 2.63 -78.56 3.83
N ASN A 417 1.87 -78.67 4.92
CA ASN A 417 0.56 -78.05 4.99
C ASN A 417 0.72 -76.84 5.88
N VAL A 418 0.38 -75.67 5.34
CA VAL A 418 0.32 -74.45 6.09
C VAL A 418 -1.12 -74.19 6.41
N SER A 419 -1.46 -74.05 7.71
CA SER A 419 -2.84 -73.90 8.05
C SER A 419 -3.38 -72.60 7.53
N VAL A 420 -4.69 -72.55 7.27
CA VAL A 420 -5.36 -71.31 7.06
C VAL A 420 -5.45 -70.61 8.42
N PRO A 421 -5.66 -69.29 8.39
CA PRO A 421 -5.85 -68.59 9.68
C PRO A 421 -7.07 -69.10 10.44
N LYS A 422 -7.01 -68.98 11.76
CA LYS A 422 -8.09 -69.38 12.61
C LYS A 422 -9.37 -68.64 12.26
N LYS A 423 -9.30 -67.32 11.97
CA LYS A 423 -10.48 -66.56 11.50
C LYS A 423 -10.32 -66.36 10.01
N ASN A 424 -11.36 -66.70 9.24
CA ASN A 424 -11.28 -66.56 7.77
C ASN A 424 -11.13 -65.09 7.41
N PRO A 425 -10.02 -64.70 6.73
CA PRO A 425 -9.90 -63.26 6.42
C PRO A 425 -11.02 -62.65 5.55
N GLY A 426 -11.81 -63.47 4.85
CA GLY A 426 -12.97 -62.96 4.07
C GLY A 426 -12.59 -62.16 2.82
N GLU A 427 -11.31 -62.20 2.41
CA GLU A 427 -10.85 -61.57 1.19
C GLU A 427 -9.54 -62.25 0.81
N PRO A 428 -9.04 -62.05 -0.39
CA PRO A 428 -7.69 -62.53 -0.68
C PRO A 428 -6.63 -62.02 0.33
N TYR A 429 -5.79 -62.92 0.86
CA TYR A 429 -4.98 -62.51 2.00
C TYR A 429 -3.55 -63.05 1.86
N VAL A 430 -2.66 -62.62 2.76
CA VAL A 430 -1.24 -63.01 2.66
C VAL A 430 -0.70 -63.69 3.91
N ILE A 431 -0.01 -64.82 3.70
CA ILE A 431 0.76 -65.46 4.74
C ILE A 431 2.21 -65.32 4.31
N GLN A 432 3.01 -64.81 5.23
CA GLN A 432 4.44 -64.67 4.96
C GLN A 432 5.19 -65.82 5.54
N LEU A 433 6.08 -66.39 4.74
CA LEU A 433 6.88 -67.51 5.17
C LEU A 433 8.32 -67.05 5.40
N LYS A 434 8.96 -67.64 6.41
CA LYS A 434 10.38 -67.60 6.53
C LYS A 434 10.91 -68.92 6.04
N VAL A 435 11.77 -68.88 5.04
CA VAL A 435 12.41 -70.03 4.49
C VAL A 435 13.94 -70.00 4.70
N ARG A 436 14.55 -71.17 4.66
CA ARG A 436 15.99 -71.35 4.85
C ARG A 436 16.49 -72.31 3.77
N ALA A 437 17.67 -72.04 3.22
CA ALA A 437 18.26 -72.89 2.22
C ALA A 437 19.51 -73.55 2.78
N ALA A 438 19.71 -74.82 2.44
CA ALA A 438 20.71 -75.70 3.11
C ALA A 438 22.14 -75.24 2.92
N LYS A 439 22.95 -75.38 3.97
CA LYS A 439 24.40 -75.21 3.89
C LYS A 439 25.02 -75.95 5.06
N GLU B 1 29.74 -4.50 -45.57
CA GLU B 1 28.86 -5.28 -44.65
C GLU B 1 29.46 -6.64 -44.34
N ILE B 2 29.71 -6.92 -43.06
CA ILE B 2 30.43 -8.13 -42.65
C ILE B 2 29.48 -9.34 -42.80
N PRO B 3 30.03 -10.53 -43.18
CA PRO B 3 29.15 -11.71 -43.24
C PRO B 3 29.03 -12.36 -41.86
N LEU B 4 27.82 -12.79 -41.50
CA LEU B 4 27.56 -13.29 -40.16
C LEU B 4 26.52 -14.40 -40.21
N LYS B 5 26.78 -15.47 -39.45
CA LYS B 5 25.76 -16.49 -39.25
C LYS B 5 24.93 -16.24 -37.99
N TYR B 6 25.48 -15.51 -37.01
CA TYR B 6 24.85 -15.42 -35.66
C TYR B 6 24.52 -13.98 -35.29
N GLY B 7 24.27 -13.18 -36.30
CA GLY B 7 23.90 -11.79 -36.13
C GLY B 7 22.40 -11.65 -36.05
N ALA B 8 21.90 -10.45 -36.32
CA ALA B 8 20.48 -10.15 -36.19
C ALA B 8 19.61 -10.94 -37.13
N THR B 9 18.35 -11.11 -36.72
CA THR B 9 17.33 -11.83 -37.50
C THR B 9 16.10 -10.94 -37.80
N ASN B 10 15.48 -10.38 -36.75
CA ASN B 10 14.37 -9.42 -36.87
C ASN B 10 14.71 -8.25 -37.80
N GLU B 11 13.72 -7.85 -38.60
CA GLU B 11 13.89 -6.72 -39.51
C GLU B 11 13.85 -5.43 -38.72
N GLY B 12 12.65 -4.98 -38.38
CA GLY B 12 12.51 -3.85 -37.45
C GLY B 12 11.90 -4.37 -36.18
N LYS B 13 10.89 -3.67 -35.68
CA LYS B 13 10.18 -4.08 -34.49
C LYS B 13 9.25 -5.20 -34.84
N ARG B 14 9.14 -6.16 -33.95
CA ARG B 14 8.09 -7.17 -34.06
C ARG B 14 6.74 -6.50 -33.90
N GLN B 15 5.79 -6.89 -34.72
CA GLN B 15 4.44 -6.37 -34.62
C GLN B 15 3.34 -7.44 -34.41
N ASP B 16 3.75 -8.65 -34.01
CA ASP B 16 2.79 -9.67 -33.60
C ASP B 16 2.13 -9.26 -32.27
N PRO B 17 0.96 -9.82 -31.97
CA PRO B 17 0.25 -9.45 -30.72
C PRO B 17 1.03 -9.71 -29.43
N ALA B 18 1.89 -10.71 -29.43
CA ALA B 18 2.65 -10.96 -28.20
C ALA B 18 3.65 -9.79 -27.90
N MET B 19 4.34 -9.30 -28.93
CA MET B 19 5.26 -8.20 -28.76
C MET B 19 4.48 -6.97 -28.45
N GLN B 20 3.29 -6.79 -29.05
CA GLN B 20 2.50 -5.64 -28.80
C GLN B 20 2.11 -5.60 -27.34
N LYS B 21 1.93 -6.77 -26.76
CA LYS B 21 1.54 -6.88 -25.35
C LYS B 21 2.73 -6.55 -24.44
N PHE B 22 3.90 -7.14 -24.74
CA PHE B 22 5.15 -6.84 -24.07
C PHE B 22 5.34 -5.29 -24.00
N ARG B 23 5.13 -4.64 -25.14
CA ARG B 23 5.25 -3.21 -25.31
C ARG B 23 4.20 -2.46 -24.55
N ASP B 24 2.95 -2.75 -24.82
CA ASP B 24 1.85 -1.98 -24.24
C ASP B 24 1.85 -2.04 -22.72
N ASN B 25 2.32 -3.13 -22.18
CA ASN B 25 2.41 -3.27 -20.72
C ASN B 25 3.10 -2.04 -20.10
N ARG B 26 4.24 -1.65 -20.71
CA ARG B 26 5.12 -0.50 -20.35
C ARG B 26 5.80 -0.58 -18.99
N LEU B 27 5.01 -0.78 -17.96
CA LEU B 27 5.53 -0.72 -16.59
C LEU B 27 5.60 -2.09 -15.91
N GLY B 28 6.80 -2.44 -15.46
CA GLY B 28 6.99 -3.68 -14.75
C GLY B 28 7.75 -3.53 -13.46
N ALA B 29 7.74 -4.59 -12.66
CA ALA B 29 8.56 -4.67 -11.43
C ALA B 29 9.56 -5.77 -11.63
N PHE B 30 10.70 -5.61 -10.96
CA PHE B 30 11.77 -6.54 -10.95
C PHE B 30 11.78 -7.12 -9.54
N ILE B 31 11.99 -8.42 -9.41
CA ILE B 31 12.22 -9.08 -8.11
C ILE B 31 13.60 -9.71 -8.15
N HIS B 32 14.48 -9.28 -7.25
CA HIS B 32 15.78 -9.95 -6.98
C HIS B 32 15.68 -10.63 -5.60
N TRP B 33 15.52 -11.95 -5.61
CA TRP B 33 15.42 -12.73 -4.39
C TRP B 33 16.23 -14.00 -4.56
N GLY B 34 17.08 -14.23 -3.56
CA GLY B 34 18.09 -15.25 -3.61
C GLY B 34 18.69 -15.37 -2.23
N LEU B 35 19.73 -16.19 -2.10
CA LEU B 35 20.37 -16.42 -0.80
C LEU B 35 20.99 -15.19 -0.20
N TYR B 36 21.38 -14.26 -1.06
CA TYR B 36 21.93 -12.95 -0.63
C TYR B 36 21.04 -12.23 0.34
N ALA B 37 19.72 -12.50 0.27
CA ALA B 37 18.78 -11.77 1.15
C ALA B 37 19.02 -12.10 2.60
N ILE B 38 19.61 -13.26 2.87
CA ILE B 38 19.84 -13.68 4.27
C ILE B 38 20.92 -12.83 4.97
N PRO B 39 22.16 -12.84 4.47
CA PRO B 39 23.11 -11.93 5.09
C PRO B 39 22.81 -10.41 4.86
N GLY B 40 22.13 -10.07 3.75
CA GLY B 40 21.67 -8.69 3.52
C GLY B 40 22.78 -7.67 3.49
N GLY B 41 23.87 -7.99 2.81
CA GLY B 41 24.98 -7.07 2.69
C GLY B 41 26.07 -7.19 3.75
N GLU B 42 25.83 -8.03 4.76
CA GLU B 42 26.75 -8.13 5.91
C GLU B 42 27.34 -9.52 6.01
N TRP B 43 28.66 -9.58 6.20
CA TRP B 43 29.35 -10.86 6.32
C TRP B 43 30.41 -10.82 7.43
N ASN B 44 30.30 -11.77 8.35
CA ASN B 44 31.21 -11.85 9.50
C ASN B 44 31.34 -10.50 10.19
N GLY B 45 30.21 -9.87 10.52
CA GLY B 45 30.22 -8.60 11.24
C GLY B 45 30.65 -7.36 10.48
N LYS B 46 30.97 -7.48 9.20
CA LYS B 46 31.28 -6.33 8.38
C LYS B 46 30.19 -6.06 7.32
N VAL B 47 29.65 -4.84 7.31
CA VAL B 47 28.66 -4.40 6.34
C VAL B 47 29.37 -3.90 5.05
N TYR B 48 29.10 -4.50 3.90
CA TYR B 48 29.70 -4.04 2.67
C TYR B 48 28.77 -3.12 1.90
N GLY B 49 29.35 -2.06 1.31
CA GLY B 49 28.58 -1.02 0.63
C GLY B 49 28.13 -1.39 -0.78
N GLY B 50 28.90 -2.25 -1.45
CA GLY B 50 28.50 -2.82 -2.75
C GLY B 50 27.11 -3.48 -2.79
N ALA B 51 26.62 -3.73 -4.01
CA ALA B 51 25.36 -4.41 -4.23
C ALA B 51 25.29 -5.77 -3.43
N ALA B 52 24.28 -5.87 -2.57
CA ALA B 52 24.12 -7.03 -1.67
C ALA B 52 24.10 -8.39 -2.40
N GLU B 53 23.55 -8.43 -3.61
CA GLU B 53 23.51 -9.67 -4.37
C GLU B 53 24.90 -10.11 -4.88
N TRP B 54 25.90 -9.24 -4.70
CA TRP B 54 27.27 -9.53 -5.07
C TRP B 54 28.14 -9.73 -3.83
N LEU B 55 27.52 -9.87 -2.68
CA LEU B 55 28.29 -10.01 -1.44
C LEU B 55 29.28 -11.17 -1.44
N LYS B 56 28.91 -12.27 -2.11
CA LYS B 56 29.83 -13.39 -2.25
C LYS B 56 31.19 -12.87 -2.76
N SER B 57 31.15 -11.98 -3.73
CA SER B 57 32.35 -11.41 -4.32
C SER B 57 33.05 -10.43 -3.37
N TRP B 58 32.29 -9.47 -2.83
CA TRP B 58 32.88 -8.43 -1.96
C TRP B 58 33.55 -9.04 -0.74
N ALA B 59 32.90 -10.02 -0.10
CA ALA B 59 33.44 -10.65 1.11
C ALA B 59 34.31 -11.88 0.80
N LYS B 60 34.53 -12.15 -0.50
CA LYS B 60 35.34 -13.31 -0.92
C LYS B 60 34.93 -14.64 -0.29
N VAL B 61 33.64 -14.98 -0.41
CA VAL B 61 33.14 -16.20 0.20
C VAL B 61 33.26 -17.34 -0.82
N PRO B 62 33.89 -18.46 -0.43
CA PRO B 62 33.91 -19.61 -1.33
C PRO B 62 32.51 -20.19 -1.58
N ALA B 63 32.32 -20.79 -2.75
CA ALA B 63 31.00 -21.27 -3.17
C ALA B 63 30.34 -22.23 -2.18
N ASP B 64 31.10 -23.21 -1.67
CA ASP B 64 30.58 -24.15 -0.69
C ASP B 64 30.02 -23.42 0.49
N GLU B 65 30.78 -22.47 1.01
CA GLU B 65 30.33 -21.76 2.19
C GLU B 65 29.15 -20.81 1.86
N TRP B 66 29.16 -20.18 0.70
CA TRP B 66 28.07 -19.30 0.32
C TRP B 66 26.75 -20.09 0.24
N LEU B 67 26.81 -21.23 -0.44
CA LEU B 67 25.63 -22.04 -0.73
C LEU B 67 24.99 -22.73 0.52
N LYS B 68 25.76 -22.83 1.61
CA LYS B 68 25.26 -23.25 2.91
C LYS B 68 24.15 -22.37 3.45
N LEU B 69 24.02 -21.16 2.90
CA LEU B 69 22.93 -20.30 3.27
C LEU B 69 21.58 -20.99 3.01
N MET B 70 21.58 -21.93 2.06
CA MET B 70 20.39 -22.76 1.78
C MET B 70 19.77 -23.34 3.07
N ASP B 71 20.62 -23.67 4.03
CA ASP B 71 20.17 -24.23 5.31
C ASP B 71 19.37 -23.24 6.15
N GLN B 72 19.51 -21.94 5.87
CA GLN B 72 18.70 -20.92 6.53
C GLN B 72 17.56 -20.37 5.67
N TRP B 73 17.40 -20.87 4.47
CA TRP B 73 16.35 -20.39 3.58
C TRP B 73 15.01 -20.93 4.06
N ASN B 74 14.28 -20.09 4.78
CA ASN B 74 13.00 -20.45 5.33
C ASN B 74 12.08 -19.21 5.42
N PRO B 75 11.63 -18.70 4.26
CA PRO B 75 10.85 -17.48 4.24
C PRO B 75 9.42 -17.64 4.72
N THR B 76 9.23 -17.69 6.04
CA THR B 76 7.95 -18.07 6.61
C THR B 76 6.86 -17.11 6.25
N LYS B 77 7.19 -15.83 6.02
CA LYS B 77 6.16 -14.84 5.67
C LYS B 77 5.81 -14.79 4.19
N PHE B 78 6.49 -15.57 3.39
CA PHE B 78 6.20 -15.54 1.97
C PHE B 78 4.75 -15.88 1.66
N ASP B 79 4.12 -15.12 0.78
CA ASP B 79 2.75 -15.42 0.36
C ASP B 79 2.60 -14.86 -1.04
N ALA B 80 2.56 -15.73 -2.03
CA ALA B 80 2.58 -15.30 -3.41
C ALA B 80 1.39 -14.47 -3.78
N LYS B 81 0.25 -14.73 -3.14
CA LYS B 81 -0.98 -13.98 -3.45
C LYS B 81 -0.82 -12.55 -2.96
N LYS B 82 -0.13 -12.36 -1.87
CA LYS B 82 0.13 -11.04 -1.37
C LYS B 82 1.14 -10.25 -2.25
N TRP B 83 2.19 -10.93 -2.71
CA TRP B 83 3.12 -10.35 -3.65
C TRP B 83 2.40 -9.89 -4.92
N ALA B 84 1.52 -10.74 -5.44
CA ALA B 84 0.79 -10.40 -6.65
C ALA B 84 -0.16 -9.25 -6.44
N LYS B 85 -0.72 -9.16 -5.24
CA LYS B 85 -1.65 -8.09 -4.91
C LYS B 85 -0.85 -6.76 -4.85
N MET B 86 0.33 -6.81 -4.27
CA MET B 86 1.20 -5.63 -4.21
C MET B 86 1.55 -5.11 -5.62
N ALA B 87 1.91 -6.01 -6.54
CA ALA B 87 2.21 -5.63 -7.89
C ALA B 87 0.97 -5.06 -8.62
N LYS B 88 -0.21 -5.68 -8.43
CA LYS B 88 -1.47 -5.15 -8.99
C LYS B 88 -1.71 -3.72 -8.53
N GLU B 89 -1.59 -3.51 -7.22
CA GLU B 89 -1.84 -2.20 -6.59
CA GLU B 89 -1.80 -2.20 -6.59
C GLU B 89 -0.82 -1.13 -7.10
N MET B 90 0.41 -1.53 -7.36
CA MET B 90 1.41 -0.64 -7.89
C MET B 90 1.08 -0.21 -9.32
N GLY B 91 0.22 -0.95 -9.99
CA GLY B 91 -0.07 -0.74 -11.43
C GLY B 91 0.94 -1.32 -12.39
N THR B 92 1.81 -2.24 -11.91
CA THR B 92 2.65 -3.02 -12.82
C THR B 92 1.82 -4.03 -13.64
N LYS B 93 2.14 -4.16 -14.93
CA LYS B 93 1.50 -5.11 -15.80
C LYS B 93 2.31 -6.36 -15.99
N TYR B 94 3.56 -6.36 -15.50
CA TYR B 94 4.41 -7.52 -15.55
C TYR B 94 5.42 -7.50 -14.47
N VAL B 95 5.95 -8.67 -14.18
CA VAL B 95 7.00 -8.85 -13.21
C VAL B 95 8.09 -9.72 -13.73
N LYS B 96 9.33 -9.30 -13.51
CA LYS B 96 10.50 -10.01 -13.97
C LYS B 96 11.13 -10.59 -12.73
N ILE B 97 11.36 -11.92 -12.72
CA ILE B 97 11.77 -12.62 -11.51
C ILE B 97 13.09 -13.28 -11.69
N THR B 98 13.97 -13.18 -10.69
CA THR B 98 15.25 -13.83 -10.73
C THR B 98 15.07 -15.35 -10.49
N THR B 99 15.04 -16.12 -11.57
CA THR B 99 14.87 -17.59 -11.48
C THR B 99 16.17 -18.16 -10.88
N LYS B 100 17.28 -17.57 -11.31
CA LYS B 100 18.60 -17.90 -10.81
C LYS B 100 19.50 -16.66 -11.00
N HIS B 101 20.21 -16.21 -9.96
CA HIS B 101 21.16 -15.10 -10.06
C HIS B 101 22.59 -15.71 -10.12
N HIS B 102 23.64 -14.88 -10.04
CA HIS B 102 25.03 -15.34 -10.31
C HIS B 102 25.40 -16.44 -9.33
N GLU B 103 24.90 -16.32 -8.11
CA GLU B 103 25.19 -17.30 -7.05
C GLU B 103 24.80 -18.75 -7.48
N GLY B 104 23.81 -18.90 -8.36
CA GLY B 104 23.41 -20.20 -8.90
C GLY B 104 22.27 -20.95 -8.20
N PHE B 105 21.77 -20.43 -7.06
CA PHE B 105 20.62 -20.97 -6.35
C PHE B 105 19.33 -20.75 -7.13
N CYS B 106 18.57 -21.82 -7.37
CA CYS B 106 17.40 -21.76 -8.22
C CYS B 106 16.14 -21.63 -7.39
N LEU B 107 15.25 -20.73 -7.83
CA LEU B 107 13.96 -20.51 -7.11
C LEU B 107 12.89 -21.54 -7.51
N TRP B 108 13.24 -22.43 -8.45
CA TRP B 108 12.43 -23.56 -8.84
C TRP B 108 13.24 -24.84 -8.61
N PRO B 109 12.53 -25.98 -8.44
CA PRO B 109 13.27 -27.21 -8.06
C PRO B 109 13.88 -27.88 -9.31
N SER B 110 14.97 -27.33 -9.79
CA SER B 110 15.57 -27.83 -11.04
C SER B 110 16.07 -29.25 -10.83
N LYS B 111 15.94 -30.06 -11.88
CA LYS B 111 16.49 -31.44 -11.90
C LYS B 111 17.99 -31.43 -12.17
N TYR B 112 18.57 -30.29 -12.59
CA TYR B 112 19.96 -30.29 -13.05
C TYR B 112 20.99 -29.77 -12.10
N THR B 113 20.60 -29.45 -10.88
CA THR B 113 21.56 -29.09 -9.84
C THR B 113 20.89 -29.32 -8.49
N LYS B 114 21.69 -29.49 -7.45
CA LYS B 114 21.18 -29.56 -6.07
C LYS B 114 21.00 -28.21 -5.37
N TYR B 115 21.48 -27.15 -5.99
CA TYR B 115 21.38 -25.81 -5.37
C TYR B 115 20.04 -25.18 -5.71
N THR B 116 18.97 -25.68 -5.08
CA THR B 116 17.60 -25.24 -5.36
C THR B 116 16.76 -25.11 -4.11
N VAL B 117 15.62 -24.46 -4.26
CA VAL B 117 14.62 -24.32 -3.21
C VAL B 117 14.17 -25.65 -2.58
N ALA B 118 14.19 -26.72 -3.39
CA ALA B 118 13.76 -28.05 -2.90
C ALA B 118 14.66 -28.50 -1.77
N ASN B 119 15.94 -28.13 -1.79
CA ASN B 119 16.87 -28.60 -0.75
C ASN B 119 17.10 -27.58 0.34
N THR B 120 16.02 -26.91 0.72
CA THR B 120 16.05 -25.92 1.80
C THR B 120 15.00 -26.34 2.77
N PRO B 121 15.04 -25.84 4.00
CA PRO B 121 13.91 -26.07 4.91
C PRO B 121 12.55 -25.76 4.33
N TYR B 122 12.48 -24.76 3.44
CA TYR B 122 11.20 -24.32 2.90
C TYR B 122 10.63 -25.24 1.84
N LYS B 123 11.52 -25.83 1.02
CA LYS B 123 11.16 -26.87 0.04
C LYS B 123 10.32 -26.44 -1.14
N ARG B 124 9.38 -25.53 -0.95
CA ARG B 124 8.41 -25.23 -1.99
C ARG B 124 8.93 -24.53 -3.25
N ASP B 125 8.26 -24.79 -4.37
CA ASP B 125 8.54 -24.16 -5.65
C ASP B 125 8.06 -22.70 -5.69
N ILE B 126 8.85 -21.82 -5.09
CA ILE B 126 8.61 -20.36 -5.04
C ILE B 126 8.26 -19.83 -6.41
N LEU B 127 9.06 -20.16 -7.41
CA LEU B 127 8.81 -19.62 -8.74
C LEU B 127 7.43 -20.04 -9.27
N GLY B 128 7.06 -21.29 -9.09
CA GLY B 128 5.74 -21.78 -9.56
C GLY B 128 4.61 -21.10 -8.86
N GLU B 129 4.78 -20.89 -7.55
CA GLU B 129 3.78 -20.16 -6.78
C GLU B 129 3.64 -18.72 -7.25
N LEU B 130 4.76 -18.06 -7.55
CA LEU B 130 4.72 -16.72 -8.10
C LEU B 130 4.04 -16.67 -9.44
N VAL B 131 4.42 -17.57 -10.34
CA VAL B 131 3.81 -17.55 -11.72
C VAL B 131 2.32 -17.62 -11.66
N LYS B 132 1.86 -18.55 -10.81
CA LYS B 132 0.41 -18.76 -10.66
C LYS B 132 -0.27 -17.54 -10.05
N ALA B 133 0.31 -17.01 -8.98
CA ALA B 133 -0.27 -15.83 -8.31
C ALA B 133 -0.31 -14.57 -9.20
N TYR B 134 0.78 -14.30 -9.90
CA TYR B 134 0.81 -13.12 -10.82
C TYR B 134 -0.17 -13.31 -11.91
N ASN B 135 -0.15 -14.48 -12.54
CA ASN B 135 -1.08 -14.74 -13.66
C ASN B 135 -2.51 -14.61 -13.25
N ASP B 136 -2.82 -15.09 -12.08
CA ASP B 136 -4.20 -14.91 -11.53
C ASP B 136 -4.61 -13.46 -11.41
N GLU B 137 -3.65 -12.55 -11.22
CA GLU B 137 -3.94 -11.11 -11.19
C GLU B 137 -3.92 -10.44 -12.58
N GLY B 138 -3.74 -11.22 -13.64
CA GLY B 138 -3.65 -10.68 -14.99
C GLY B 138 -2.27 -10.05 -15.30
N ILE B 139 -1.23 -10.47 -14.59
CA ILE B 139 0.10 -9.89 -14.67
C ILE B 139 1.05 -10.88 -15.36
N ASP B 140 1.63 -10.48 -16.48
CA ASP B 140 2.59 -11.33 -17.20
C ASP B 140 3.84 -11.55 -16.39
N VAL B 141 4.49 -12.67 -16.64
CA VAL B 141 5.74 -13.00 -15.92
C VAL B 141 6.87 -13.24 -16.88
N HIS B 142 8.03 -12.65 -16.55
CA HIS B 142 9.21 -12.72 -17.35
C HIS B 142 10.21 -13.36 -16.45
N PHE B 143 11.14 -14.09 -17.02
CA PHE B 143 12.18 -14.75 -16.19
C PHE B 143 13.53 -14.15 -16.46
N TYR B 144 14.14 -13.65 -15.38
CA TYR B 144 15.53 -13.25 -15.37
C TYR B 144 16.34 -14.51 -15.19
N PHE B 145 17.44 -14.63 -15.94
CA PHE B 145 18.29 -15.81 -15.85
C PHE B 145 19.75 -15.41 -16.05
N SER B 146 20.58 -15.66 -15.04
CA SER B 146 21.98 -15.43 -15.14
C SER B 146 22.73 -16.60 -15.79
N VAL B 147 23.34 -16.36 -16.94
CA VAL B 147 24.19 -17.35 -17.55
C VAL B 147 25.37 -17.64 -16.65
N MET B 148 26.11 -16.61 -16.26
CA MET B 148 27.19 -16.77 -15.32
C MET B 148 26.65 -17.46 -14.05
N ASP B 149 27.42 -18.42 -13.53
CA ASP B 149 26.93 -19.29 -12.43
C ASP B 149 28.10 -19.69 -11.55
N TRP B 150 28.15 -19.07 -10.37
CA TRP B 150 29.26 -19.25 -9.44
C TRP B 150 29.24 -20.62 -8.74
N SER B 151 28.17 -21.40 -8.95
CA SER B 151 27.97 -22.67 -8.21
C SER B 151 28.46 -23.86 -9.02
N ASN B 152 28.58 -23.68 -10.32
CA ASN B 152 28.97 -24.75 -11.24
C ASN B 152 30.43 -24.59 -11.68
N PRO B 153 31.31 -25.50 -11.27
CA PRO B 153 32.73 -25.37 -11.61
C PRO B 153 33.06 -25.59 -13.09
N ASP B 154 32.11 -26.02 -13.91
CA ASP B 154 32.34 -26.00 -15.36
C ASP B 154 32.21 -24.62 -15.97
N TYR B 155 31.80 -23.63 -15.19
CA TYR B 155 31.76 -22.25 -15.68
C TYR B 155 33.21 -21.81 -15.98
N ARG B 156 33.36 -21.09 -17.08
CA ARG B 156 34.63 -20.39 -17.39
C ARG B 156 34.40 -18.90 -17.73
N TYR B 157 35.29 -18.05 -17.22
CA TYR B 157 35.31 -16.62 -17.55
C TYR B 157 35.88 -16.37 -18.93
N ASP B 158 36.88 -17.17 -19.30
CA ASP B 158 37.46 -17.15 -20.63
C ASP B 158 37.86 -18.57 -21.04
N ILE B 159 38.01 -18.77 -22.34
CA ILE B 159 38.51 -20.01 -22.95
C ILE B 159 40.02 -19.86 -23.28
N LYS B 160 40.88 -20.34 -22.40
CA LYS B 160 42.34 -20.26 -22.58
C LYS B 160 43.01 -21.63 -22.93
N SER B 161 42.22 -22.69 -23.07
CA SER B 161 42.74 -24.03 -23.33
C SER B 161 41.66 -24.94 -23.90
N LYS B 162 42.07 -26.11 -24.38
CA LYS B 162 41.11 -27.09 -24.83
C LYS B 162 40.29 -27.63 -23.63
N GLU B 163 40.91 -27.76 -22.45
CA GLU B 163 40.21 -28.23 -21.26
CA GLU B 163 40.18 -28.22 -21.29
C GLU B 163 39.05 -27.26 -20.93
N ASP B 164 39.37 -25.97 -20.97
CA ASP B 164 38.41 -24.89 -20.75
C ASP B 164 37.25 -25.06 -21.70
N SER B 165 37.56 -25.33 -22.96
CA SER B 165 36.55 -25.44 -24.00
C SER B 165 35.61 -26.64 -23.75
N ILE B 166 36.18 -27.70 -23.21
CA ILE B 166 35.42 -28.92 -22.94
C ILE B 166 34.46 -28.68 -21.76
N ALA B 167 35.01 -28.18 -20.65
CA ALA B 167 34.24 -27.80 -19.45
C ALA B 167 33.09 -26.86 -19.82
N PHE B 168 33.40 -25.87 -20.63
CA PHE B 168 32.42 -24.84 -20.90
C PHE B 168 31.36 -25.37 -21.78
N SER B 169 31.73 -26.29 -22.67
CA SER B 169 30.76 -26.90 -23.52
C SER B 169 29.71 -27.69 -22.74
N ARG B 170 30.18 -28.36 -21.68
CA ARG B 170 29.28 -28.99 -20.72
C ARG B 170 28.35 -27.97 -20.01
N PHE B 171 28.97 -26.87 -19.58
CA PHE B 171 28.24 -25.80 -18.93
C PHE B 171 27.11 -25.29 -19.78
N LEU B 172 27.37 -25.04 -21.05
CA LEU B 172 26.29 -24.63 -21.95
C LEU B 172 25.14 -25.63 -22.07
N GLU B 173 25.46 -26.92 -21.97
CA GLU B 173 24.43 -27.98 -22.11
C GLU B 173 23.58 -27.97 -20.86
N PHE B 174 24.25 -27.83 -19.72
CA PHE B 174 23.59 -27.66 -18.44
C PHE B 174 22.66 -26.41 -18.42
N THR B 175 23.17 -25.32 -18.95
CA THR B 175 22.35 -24.13 -19.11
C THR B 175 21.15 -24.38 -20.01
N ASP B 176 21.36 -25.04 -21.16
CA ASP B 176 20.25 -25.33 -22.08
C ASP B 176 19.15 -26.13 -21.38
N ASN B 177 19.58 -27.04 -20.53
CA ASN B 177 18.70 -27.94 -19.81
C ASN B 177 17.84 -27.15 -18.83
N GLN B 178 18.48 -26.30 -18.02
CA GLN B 178 17.71 -25.39 -17.15
C GLN B 178 16.73 -24.54 -18.00
N LEU B 179 17.19 -24.03 -19.13
CA LEU B 179 16.30 -23.18 -19.90
C LEU B 179 15.06 -23.91 -20.40
N LYS B 180 15.28 -25.07 -21.02
CA LYS B 180 14.16 -25.91 -21.51
C LYS B 180 13.23 -26.27 -20.39
N GLU B 181 13.79 -26.60 -19.25
CA GLU B 181 13.02 -26.93 -18.09
C GLU B 181 12.08 -25.81 -17.66
N LEU B 182 12.61 -24.59 -17.57
CA LEU B 182 11.78 -23.44 -17.22
C LEU B 182 10.70 -23.19 -18.23
N ALA B 183 11.04 -23.33 -19.50
CA ALA B 183 10.09 -23.06 -20.58
C ALA B 183 8.93 -24.02 -20.61
N THR B 184 9.20 -25.27 -20.23
CA THR B 184 8.19 -26.35 -20.30
C THR B 184 7.45 -26.49 -19.01
N ARG B 185 8.13 -26.33 -17.88
CA ARG B 185 7.46 -26.32 -16.57
C ARG B 185 6.50 -25.14 -16.40
N TYR B 186 6.83 -23.97 -16.98
CA TYR B 186 6.06 -22.73 -16.76
C TYR B 186 5.76 -22.06 -18.08
N PRO B 187 4.88 -22.69 -18.88
CA PRO B 187 4.69 -22.27 -20.26
C PRO B 187 3.96 -20.95 -20.43
N THR B 188 3.44 -20.34 -19.34
CA THR B 188 2.89 -18.94 -19.46
C THR B 188 3.98 -17.78 -19.53
N VAL B 189 5.26 -18.15 -19.36
CA VAL B 189 6.36 -17.19 -19.40
C VAL B 189 6.34 -16.39 -20.69
N LYS B 190 6.53 -15.07 -20.59
CA LYS B 190 6.44 -14.20 -21.77
C LYS B 190 7.76 -13.64 -22.27
N ASP B 191 8.81 -13.89 -21.51
CA ASP B 191 10.09 -13.27 -21.77
C ASP B 191 11.17 -13.96 -20.99
N PHE B 192 12.32 -14.09 -21.62
CA PHE B 192 13.57 -14.44 -20.88
C PHE B 192 14.54 -13.23 -20.98
N TRP B 193 15.00 -12.77 -19.82
CA TRP B 193 15.89 -11.62 -19.71
C TRP B 193 17.21 -12.15 -19.18
N PHE B 194 18.12 -12.39 -20.10
CA PHE B 194 19.45 -12.89 -19.74
C PHE B 194 20.36 -11.78 -19.18
N ASP B 195 21.19 -12.17 -18.22
CA ASP B 195 22.16 -11.35 -17.58
C ASP B 195 23.43 -12.18 -17.42
N GLY B 196 24.53 -11.55 -17.03
CA GLY B 196 25.78 -12.29 -16.74
C GLY B 196 26.30 -12.97 -18.01
N THR B 197 26.15 -12.29 -19.15
CA THR B 197 26.59 -12.76 -20.44
C THR B 197 27.81 -11.99 -20.97
N TRP B 198 28.50 -11.28 -20.09
CA TRP B 198 29.57 -10.35 -20.52
C TRP B 198 30.96 -10.98 -20.63
N ASP B 199 31.17 -12.14 -20.03
CA ASP B 199 32.48 -12.72 -20.02
C ASP B 199 32.92 -13.13 -21.41
N ALA B 200 34.23 -13.14 -21.59
CA ALA B 200 34.86 -13.54 -22.88
C ALA B 200 34.42 -14.94 -23.35
N SER B 201 34.23 -15.83 -22.38
CA SER B 201 33.71 -17.18 -22.68
C SER B 201 32.42 -17.14 -23.49
N VAL B 202 31.50 -16.26 -23.09
CA VAL B 202 30.24 -16.14 -23.82
C VAL B 202 30.40 -15.42 -25.12
N LYS B 203 31.21 -14.34 -25.11
CA LYS B 203 31.49 -13.59 -26.34
C LYS B 203 32.07 -14.51 -27.43
N LYS B 204 32.91 -15.44 -27.01
CA LYS B 204 33.54 -16.35 -27.98
C LYS B 204 32.56 -17.39 -28.55
N ASN B 205 31.39 -17.49 -27.95
CA ASN B 205 30.39 -18.51 -28.28
C ASN B 205 29.09 -17.93 -28.67
N GLY B 206 29.16 -17.02 -29.60
CA GLY B 206 28.01 -16.37 -30.14
C GLY B 206 26.96 -17.33 -30.64
N TRP B 207 27.41 -18.41 -31.27
CA TRP B 207 26.51 -19.40 -31.92
C TRP B 207 25.51 -19.89 -30.86
N TRP B 208 25.99 -20.10 -29.64
CA TRP B 208 25.16 -20.59 -28.57
C TRP B 208 24.01 -19.58 -28.23
N THR B 209 24.37 -18.29 -28.24
CA THR B 209 23.42 -17.27 -27.86
C THR B 209 22.31 -17.26 -28.87
N ALA B 210 22.66 -17.37 -30.14
CA ALA B 210 21.65 -17.39 -31.23
C ALA B 210 20.78 -18.64 -31.11
N HIS B 211 21.42 -19.74 -30.69
CA HIS B 211 20.76 -21.00 -30.49
C HIS B 211 19.76 -20.93 -29.31
N ALA B 212 20.19 -20.36 -28.18
CA ALA B 212 19.34 -20.24 -26.99
C ALA B 212 18.10 -19.44 -27.37
N GLU B 213 18.30 -18.37 -28.16
CA GLU B 213 17.18 -17.58 -28.65
C GLU B 213 16.16 -18.42 -29.46
N GLN B 214 16.66 -19.12 -30.48
CA GLN B 214 15.81 -19.95 -31.35
C GLN B 214 15.14 -21.11 -30.60
N MET B 215 15.91 -21.79 -29.76
CA MET B 215 15.39 -22.86 -28.97
C MET B 215 14.17 -22.41 -28.13
N LEU B 216 14.29 -21.30 -27.43
CA LEU B 216 13.20 -20.86 -26.55
C LEU B 216 12.02 -20.39 -27.36
N LYS B 217 12.29 -19.78 -28.50
CA LYS B 217 11.20 -19.29 -29.35
C LYS B 217 10.39 -20.45 -29.93
N GLU B 218 11.07 -21.56 -30.19
CA GLU B 218 10.37 -22.80 -30.58
C GLU B 218 9.53 -23.38 -29.43
N LEU B 219 10.02 -23.30 -28.21
CA LEU B 219 9.29 -23.86 -27.06
C LEU B 219 8.16 -22.97 -26.51
N VAL B 220 8.24 -21.65 -26.72
CA VAL B 220 7.25 -20.74 -26.17
C VAL B 220 6.80 -19.76 -27.26
N PRO B 221 5.66 -20.03 -27.84
CA PRO B 221 5.26 -19.14 -28.93
C PRO B 221 5.15 -17.69 -28.49
N GLY B 222 5.77 -16.80 -29.26
CA GLY B 222 5.68 -15.35 -29.07
C GLY B 222 6.52 -14.82 -27.91
N VAL B 223 7.36 -15.66 -27.33
CA VAL B 223 8.20 -15.27 -26.25
C VAL B 223 9.19 -14.19 -26.74
N ALA B 224 9.53 -13.30 -25.79
CA ALA B 224 10.49 -12.23 -26.03
C ALA B 224 11.81 -12.61 -25.44
N ILE B 225 12.86 -12.18 -26.13
CA ILE B 225 14.21 -12.49 -25.69
C ILE B 225 15.05 -11.19 -25.77
N ASN B 226 15.76 -10.86 -24.68
CA ASN B 226 16.48 -9.57 -24.59
C ASN B 226 17.81 -9.57 -25.35
N SER B 227 18.26 -8.38 -25.72
CA SER B 227 19.48 -8.21 -26.53
C SER B 227 20.70 -8.62 -25.77
N ARG B 228 20.64 -8.50 -24.46
CA ARG B 228 21.78 -8.80 -23.58
C ARG B 228 22.28 -10.24 -23.66
N LEU B 229 21.41 -11.14 -24.04
CA LEU B 229 21.81 -12.54 -24.31
C LEU B 229 22.88 -12.60 -25.38
N ARG B 230 22.68 -11.80 -26.42
CA ARG B 230 23.20 -12.09 -27.74
C ARG B 230 24.60 -11.54 -28.02
N ALA B 231 25.39 -12.40 -28.67
CA ALA B 231 26.69 -12.05 -29.18
C ALA B 231 26.77 -12.65 -30.57
N ASP B 232 27.46 -11.96 -31.47
CA ASP B 232 27.57 -12.44 -32.85
C ASP B 232 28.87 -13.26 -33.02
N ASP B 233 29.16 -13.60 -34.26
CA ASP B 233 30.33 -14.40 -34.64
C ASP B 233 31.63 -13.82 -34.11
N LYS B 234 31.71 -12.48 -34.02
CA LYS B 234 32.94 -11.79 -33.65
C LYS B 234 33.00 -11.40 -32.20
N GLY B 235 31.98 -11.79 -31.44
CA GLY B 235 31.95 -11.45 -30.02
C GLY B 235 31.30 -10.11 -29.69
N LYS B 236 30.72 -9.45 -30.69
CA LYS B 236 30.05 -8.18 -30.45
C LYS B 236 28.64 -8.38 -29.85
N ARG B 237 28.37 -7.70 -28.74
CA ARG B 237 27.14 -7.88 -27.96
C ARG B 237 26.05 -6.85 -28.20
N HIS B 238 24.78 -7.29 -28.00
CA HIS B 238 23.58 -6.49 -28.17
C HIS B 238 23.27 -6.15 -29.63
N PHE B 239 24.15 -5.37 -30.26
CA PHE B 239 24.00 -5.04 -31.67
C PHE B 239 25.18 -5.76 -32.38
N ASP B 240 24.91 -6.35 -33.52
CA ASP B 240 25.92 -7.17 -34.19
C ASP B 240 26.98 -6.28 -34.88
N SER B 241 27.91 -6.92 -35.56
CA SER B 241 29.01 -6.24 -36.23
C SER B 241 28.55 -5.32 -37.37
N ASN B 242 27.32 -5.50 -37.86
CA ASN B 242 26.73 -4.61 -38.84
C ASN B 242 25.74 -3.60 -38.25
N GLY B 243 25.84 -3.36 -36.94
CA GLY B 243 24.99 -2.38 -36.25
C GLY B 243 23.52 -2.76 -36.09
N ARG B 244 23.19 -4.04 -36.29
CA ARG B 244 21.79 -4.47 -36.20
C ARG B 244 21.51 -5.06 -34.83
N LEU B 245 20.33 -4.72 -34.30
CA LEU B 245 19.91 -5.18 -32.96
C LEU B 245 19.63 -6.69 -32.97
N MET B 246 20.30 -7.42 -32.08
CA MET B 246 19.98 -8.82 -31.84
C MET B 246 18.92 -8.95 -30.70
N GLY B 247 18.16 -10.02 -30.74
CA GLY B 247 17.10 -10.22 -29.76
C GLY B 247 15.93 -9.41 -30.21
N ASP B 248 14.94 -9.31 -29.34
CA ASP B 248 13.68 -8.66 -29.69
C ASP B 248 13.61 -7.21 -29.21
N TYR B 249 14.44 -6.87 -28.24
CA TYR B 249 14.42 -5.51 -27.64
C TYR B 249 15.76 -5.22 -26.97
N GLU B 250 16.09 -3.92 -26.97
CA GLU B 250 17.36 -3.45 -26.42
C GLU B 250 17.24 -3.37 -24.89
N SER B 251 18.28 -3.85 -24.22
CA SER B 251 18.25 -4.11 -22.80
C SER B 251 19.54 -3.67 -22.07
N GLY B 252 20.09 -2.51 -22.42
CA GLY B 252 21.32 -2.02 -21.80
C GLY B 252 21.17 -0.82 -20.87
N TYR B 253 19.99 -0.19 -20.84
CA TYR B 253 19.78 0.95 -20.02
C TYR B 253 19.43 0.46 -18.63
N GLU B 254 20.47 0.36 -17.81
CA GLU B 254 20.39 -0.13 -16.45
C GLU B 254 20.85 0.94 -15.47
N ARG B 255 19.92 1.44 -14.63
CA ARG B 255 20.22 2.61 -13.78
C ARG B 255 20.60 3.89 -14.57
N ARG B 256 20.18 3.97 -15.82
CA ARG B 256 20.33 5.16 -16.65
C ARG B 256 19.39 5.06 -17.81
N LEU B 257 19.18 6.19 -18.48
CA LEU B 257 18.23 6.35 -19.56
C LEU B 257 18.79 7.18 -20.73
N PRO B 258 18.24 7.00 -21.95
CA PRO B 258 18.71 7.81 -23.06
C PRO B 258 18.30 9.26 -22.95
N ASP B 259 19.13 10.12 -23.51
CA ASP B 259 18.94 11.54 -23.43
C ASP B 259 17.76 11.93 -24.32
N PRO B 260 16.77 12.65 -23.79
CA PRO B 260 15.59 12.95 -24.62
C PRO B 260 15.78 13.81 -25.90
N VAL B 261 16.92 14.48 -26.01
CA VAL B 261 17.24 15.32 -27.17
C VAL B 261 18.22 14.58 -28.09
N LYS B 262 19.25 13.99 -27.51
CA LYS B 262 20.34 13.43 -28.30
C LYS B 262 20.29 11.95 -28.66
N ASP B 263 19.45 11.17 -27.96
CA ASP B 263 19.43 9.74 -28.16
C ASP B 263 18.10 9.30 -28.75
N LEU B 264 17.53 10.10 -29.67
CA LEU B 264 16.27 9.69 -30.36
C LEU B 264 16.35 8.40 -31.21
N LYS B 265 17.57 7.95 -31.47
CA LYS B 265 17.77 6.72 -32.21
C LYS B 265 17.00 5.54 -31.59
N VAL B 266 16.79 5.57 -30.26
CA VAL B 266 16.17 4.46 -29.57
C VAL B 266 14.73 4.25 -29.94
N THR B 267 14.08 5.25 -30.55
CA THR B 267 12.70 5.12 -30.91
C THR B 267 12.53 4.16 -32.11
N GLN B 268 13.64 3.74 -32.71
CA GLN B 268 13.61 2.83 -33.89
C GLN B 268 13.46 1.36 -33.50
N TRP B 269 13.64 1.04 -32.20
CA TRP B 269 13.53 -0.36 -31.71
C TRP B 269 12.86 -0.44 -30.37
N ASP B 270 12.31 -1.62 -30.08
CA ASP B 270 11.74 -1.86 -28.76
C ASP B 270 12.89 -1.87 -27.77
N TRP B 271 12.63 -1.40 -26.55
CA TRP B 271 13.67 -1.44 -25.53
C TRP B 271 13.03 -1.40 -24.15
N GLU B 272 13.75 -1.88 -23.16
CA GLU B 272 13.29 -1.91 -21.81
C GLU B 272 14.44 -1.47 -20.90
N ALA B 273 14.15 -0.48 -20.03
CA ALA B 273 15.12 -0.06 -18.98
C ALA B 273 14.82 -0.69 -17.66
N CYS B 274 15.81 -0.76 -16.79
CA CYS B 274 15.56 -1.19 -15.43
C CYS B 274 16.26 -0.26 -14.44
N MET B 275 15.77 -0.21 -13.19
CA MET B 275 16.23 0.79 -12.22
C MET B 275 16.10 0.27 -10.82
N THR B 276 16.98 0.74 -9.97
CA THR B 276 16.95 0.48 -8.53
C THR B 276 16.39 1.68 -7.78
N ILE B 277 15.98 1.46 -6.53
CA ILE B 277 15.45 2.50 -5.67
C ILE B 277 16.57 3.25 -4.95
N PRO B 278 17.45 2.52 -4.22
CA PRO B 278 18.74 3.12 -3.88
C PRO B 278 19.61 3.31 -5.08
N GLU B 279 20.83 3.79 -4.87
CA GLU B 279 21.73 3.99 -5.97
C GLU B 279 22.09 2.74 -6.73
N ASN B 280 22.49 1.73 -5.98
CA ASN B 280 22.97 0.46 -6.56
C ASN B 280 22.79 -0.73 -5.58
N GLN B 281 21.54 -1.13 -5.39
CA GLN B 281 21.18 -2.34 -4.60
C GLN B 281 20.01 -3.03 -5.31
N TRP B 282 20.19 -4.29 -5.70
CA TRP B 282 19.12 -5.07 -6.36
C TRP B 282 18.59 -6.11 -5.38
N GLY B 283 19.48 -6.94 -4.88
CA GLY B 283 19.14 -7.78 -3.73
C GLY B 283 18.89 -6.96 -2.48
N TYR B 284 18.25 -7.58 -1.50
CA TYR B 284 18.05 -6.97 -0.17
C TYR B 284 19.34 -6.58 0.51
N HIS B 285 19.46 -5.30 0.84
CA HIS B 285 20.54 -4.78 1.67
C HIS B 285 19.92 -4.18 2.92
N LYS B 286 20.49 -4.56 4.07
CA LYS B 286 19.90 -4.19 5.39
C LYS B 286 19.98 -2.69 5.75
N ASP B 287 20.92 -1.96 5.13
CA ASP B 287 21.17 -0.55 5.42
C ASP B 287 21.09 0.39 4.20
N TRP B 288 19.91 0.92 3.99
CA TRP B 288 19.66 1.86 2.91
C TRP B 288 20.18 3.31 3.15
N SER B 289 20.68 3.61 4.37
CA SER B 289 21.30 4.90 4.64
C SER B 289 22.66 5.12 3.92
N LEU B 290 23.19 4.10 3.27
CA LEU B 290 24.55 4.20 2.73
C LEU B 290 24.64 4.87 1.37
N SER B 291 23.49 5.12 0.73
CA SER B 291 23.46 5.80 -0.54
C SER B 291 22.15 6.49 -0.66
N TYR B 292 22.01 7.29 -1.73
CA TYR B 292 20.79 8.03 -1.98
C TYR B 292 19.64 7.10 -2.34
N VAL B 293 18.46 7.34 -1.74
CA VAL B 293 17.24 6.58 -1.98
C VAL B 293 16.23 7.46 -2.70
N LYS B 294 15.77 7.01 -3.89
CA LYS B 294 14.89 7.83 -4.70
C LYS B 294 13.50 7.98 -4.11
N THR B 295 12.90 9.14 -4.33
CA THR B 295 11.53 9.37 -3.91
C THR B 295 10.61 8.85 -4.99
N PRO B 296 9.34 8.67 -4.65
CA PRO B 296 8.40 8.24 -5.65
C PRO B 296 8.35 9.12 -6.91
N ILE B 297 8.41 10.45 -6.78
CA ILE B 297 8.33 11.31 -7.97
C ILE B 297 9.51 11.14 -8.85
N GLU B 298 10.67 10.93 -8.25
CA GLU B 298 11.87 10.65 -9.00
C GLU B 298 11.76 9.36 -9.80
N VAL B 299 11.06 8.36 -9.24
CA VAL B 299 10.85 7.11 -9.92
C VAL B 299 9.84 7.25 -11.05
N ILE B 300 8.74 7.94 -10.75
CA ILE B 300 7.69 8.24 -11.75
C ILE B 300 8.24 9.02 -12.95
N ASP B 301 9.11 9.97 -12.68
CA ASP B 301 9.84 10.70 -13.76
C ASP B 301 10.56 9.79 -14.72
N ARG B 302 11.31 8.84 -14.18
CA ARG B 302 12.05 7.86 -14.99
C ARG B 302 11.15 6.94 -15.76
N ILE B 303 10.03 6.59 -15.17
CA ILE B 303 9.06 5.69 -15.84
C ILE B 303 8.50 6.41 -17.11
N VAL B 304 7.99 7.60 -16.88
CA VAL B 304 7.42 8.40 -17.96
C VAL B 304 8.46 8.76 -19.03
N HIS B 305 9.69 9.05 -18.59
CA HIS B 305 10.82 9.32 -19.44
C HIS B 305 10.99 8.15 -20.40
N ALA B 306 11.03 6.93 -19.87
CA ALA B 306 11.15 5.72 -20.71
C ALA B 306 10.06 5.59 -21.76
N VAL B 307 8.83 5.70 -21.33
CA VAL B 307 7.72 5.60 -22.24
C VAL B 307 7.73 6.69 -23.34
N SER B 308 8.11 7.92 -22.96
CA SER B 308 8.14 9.02 -23.90
C SER B 308 9.12 8.78 -25.01
N MET B 309 10.07 7.90 -24.77
CA MET B 309 11.02 7.52 -25.76
C MET B 309 10.84 6.12 -26.34
N GLY B 310 9.64 5.59 -26.18
CA GLY B 310 9.28 4.33 -26.77
C GLY B 310 9.80 3.10 -26.07
N GLY B 311 10.04 3.23 -24.78
CA GLY B 311 10.61 2.08 -24.05
C GLY B 311 9.81 1.72 -22.81
N ASN B 312 10.07 0.55 -22.27
CA ASN B 312 9.46 0.10 -21.03
C ASN B 312 10.35 0.46 -19.86
N MET B 313 9.77 0.49 -18.66
CA MET B 313 10.57 0.57 -17.44
C MET B 313 10.22 -0.47 -16.40
N VAL B 314 11.26 -1.00 -15.75
CA VAL B 314 11.08 -2.00 -14.71
C VAL B 314 11.74 -1.49 -13.43
N VAL B 315 10.91 -1.33 -12.41
CA VAL B 315 11.37 -0.93 -11.04
C VAL B 315 11.71 -2.12 -10.15
N ASN B 316 12.91 -2.12 -9.58
CA ASN B 316 13.36 -3.25 -8.76
C ASN B 316 12.95 -3.24 -7.28
N PHE B 317 12.65 -4.46 -6.79
CA PHE B 317 12.39 -4.76 -5.39
C PHE B 317 13.30 -5.90 -4.93
N GLY B 318 13.78 -5.84 -3.70
CA GLY B 318 14.69 -6.84 -3.14
C GLY B 318 14.07 -7.37 -1.84
N PRO B 319 13.15 -8.38 -1.94
CA PRO B 319 12.41 -8.86 -0.79
C PRO B 319 13.31 -9.33 0.36
N GLN B 320 12.80 -9.23 1.57
CA GLN B 320 13.57 -9.69 2.72
C GLN B 320 13.72 -11.22 2.73
N ALA B 321 14.64 -11.68 3.58
CA ALA B 321 14.86 -13.12 3.77
C ALA B 321 13.58 -13.82 4.23
N ASP B 322 12.77 -13.14 5.01
CA ASP B 322 11.54 -13.74 5.52
C ASP B 322 10.39 -13.82 4.52
N GLY B 323 10.55 -13.26 3.34
CA GLY B 323 9.53 -13.34 2.29
C GLY B 323 8.52 -12.19 2.28
N ASP B 324 8.73 -11.22 3.16
CA ASP B 324 7.98 -9.96 3.16
C ASP B 324 8.84 -8.86 2.45
N PHE B 325 8.20 -7.73 2.16
CA PHE B 325 8.94 -6.55 1.66
C PHE B 325 9.20 -5.51 2.74
N ARG B 326 10.35 -4.85 2.68
CA ARG B 326 10.68 -3.76 3.58
C ARG B 326 9.69 -2.58 3.44
N PRO B 327 9.59 -1.77 4.49
CA PRO B 327 8.59 -0.71 4.51
C PRO B 327 8.77 0.35 3.40
N GLU B 328 10.01 0.64 3.06
CA GLU B 328 10.33 1.63 2.03
C GLU B 328 9.77 1.17 0.70
N GLU B 329 9.81 -0.14 0.47
CA GLU B 329 9.32 -0.70 -0.81
C GLU B 329 7.81 -0.74 -0.85
N LYS B 330 7.17 -1.04 0.27
CA LYS B 330 5.70 -0.96 0.31
C LYS B 330 5.20 0.48 0.07
N ALA B 331 5.87 1.45 0.67
CA ALA B 331 5.49 2.87 0.49
C ALA B 331 5.62 3.28 -0.98
N MET B 332 6.74 2.83 -1.59
CA MET B 332 7.02 3.14 -2.99
C MET B 332 5.96 2.58 -3.93
N ALA B 333 5.62 1.30 -3.73
CA ALA B 333 4.65 0.61 -4.61
C ALA B 333 3.30 1.25 -4.52
N THR B 334 2.93 1.58 -3.31
CA THR B 334 1.68 2.28 -3.06
C THR B 334 1.64 3.65 -3.69
N ALA B 335 2.73 4.41 -3.57
CA ALA B 335 2.78 5.78 -4.14
C ALA B 335 2.73 5.71 -5.65
N ILE B 336 3.51 4.83 -6.21
CA ILE B 336 3.46 4.67 -7.69
C ILE B 336 2.06 4.28 -8.13
N GLY B 337 1.47 3.35 -7.39
CA GLY B 337 0.10 2.91 -7.69
C GLY B 337 -0.95 4.00 -7.72
N LYS B 338 -0.92 4.88 -6.75
CA LYS B 338 -1.88 6.00 -6.67
C LYS B 338 -1.81 6.87 -7.93
N TRP B 339 -0.58 7.18 -8.32
CA TRP B 339 -0.32 8.05 -9.46
C TRP B 339 -0.70 7.39 -10.76
N MET B 340 -0.33 6.12 -10.93
CA MET B 340 -0.70 5.38 -12.13
C MET B 340 -2.24 5.22 -12.27
N ASN B 341 -2.92 5.04 -11.14
CA ASN B 341 -4.36 4.91 -11.16
C ASN B 341 -4.98 6.18 -11.69
N ARG B 342 -4.38 7.33 -11.33
CA ARG B 342 -4.90 8.61 -11.79
C ARG B 342 -4.46 8.99 -13.19
N TYR B 343 -3.20 8.71 -13.52
CA TYR B 343 -2.56 9.22 -14.74
C TYR B 343 -2.07 8.20 -15.75
N GLY B 344 -2.33 6.90 -15.48
CA GLY B 344 -1.76 5.85 -16.28
C GLY B 344 -2.24 5.76 -17.69
N LYS B 345 -3.28 6.50 -18.05
CA LYS B 345 -3.69 6.55 -19.46
C LYS B 345 -2.63 7.14 -20.38
N ALA B 346 -1.72 7.91 -19.79
CA ALA B 346 -0.55 8.44 -20.51
C ALA B 346 0.66 7.55 -20.52
N VAL B 347 0.56 6.39 -19.86
CA VAL B 347 1.67 5.45 -19.78
C VAL B 347 1.38 4.16 -20.49
N TYR B 348 0.32 3.44 -20.08
CA TYR B 348 -0.03 2.15 -20.63
C TYR B 348 -0.38 2.30 -22.07
N ALA B 349 0.24 1.52 -22.92
CA ALA B 349 -0.05 1.47 -24.33
C ALA B 349 0.32 2.77 -25.05
N CYS B 350 1.24 3.51 -24.46
CA CYS B 350 1.69 4.75 -25.03
C CYS B 350 3.09 4.59 -25.63
N ASP B 351 3.54 5.61 -26.35
CA ASP B 351 4.78 5.53 -27.13
C ASP B 351 5.33 6.93 -27.38
N TYR B 352 6.46 7.01 -28.06
CA TYR B 352 7.08 8.28 -28.51
C TYR B 352 6.12 9.11 -29.38
N ALA B 353 6.01 10.42 -29.12
CA ALA B 353 5.06 11.28 -29.81
C ALA B 353 5.62 12.05 -31.02
N GLY B 354 6.91 12.02 -31.26
CA GLY B 354 7.50 12.78 -32.34
C GLY B 354 7.60 14.30 -32.21
N PHE B 355 7.44 14.84 -30.99
CA PHE B 355 7.48 16.31 -30.74
C PHE B 355 8.82 16.70 -30.11
N GLU B 356 9.28 17.91 -30.41
CA GLU B 356 10.48 18.44 -29.77
C GLU B 356 10.28 18.47 -28.23
N LYS B 357 11.26 17.95 -27.49
CA LYS B 357 11.23 17.97 -26.03
C LYS B 357 11.15 19.37 -25.44
N GLN B 358 10.34 19.57 -24.42
CA GLN B 358 10.18 20.84 -23.76
C GLN B 358 10.51 20.63 -22.27
N ASP B 359 10.84 21.73 -21.60
CA ASP B 359 11.34 21.68 -20.23
C ASP B 359 10.34 21.28 -19.14
N TRP B 360 9.04 21.47 -19.36
CA TRP B 360 8.04 21.15 -18.39
C TRP B 360 7.86 19.62 -18.10
N GLY B 361 8.34 18.74 -18.98
CA GLY B 361 8.16 17.32 -18.87
C GLY B 361 8.25 16.55 -20.19
N TYR B 362 7.34 15.58 -20.35
CA TYR B 362 7.42 14.63 -21.44
C TYR B 362 6.11 14.56 -22.14
N TYR B 363 6.20 14.29 -23.41
CA TYR B 363 5.06 13.91 -24.19
C TYR B 363 5.01 12.37 -24.24
N THR B 364 3.79 11.83 -24.24
CA THR B 364 3.56 10.47 -24.77
C THR B 364 2.40 10.47 -25.76
N ARG B 365 2.41 9.46 -26.63
CA ARG B 365 1.37 9.30 -27.65
C ARG B 365 0.58 8.02 -27.46
N GLY B 366 -0.74 8.17 -27.40
CA GLY B 366 -1.64 7.02 -27.30
C GLY B 366 -1.83 6.26 -28.58
N LYS B 367 -2.58 5.16 -28.50
CA LYS B 367 -2.84 4.30 -29.64
C LYS B 367 -3.67 4.93 -30.73
N ASN B 368 -4.52 5.86 -30.36
CA ASN B 368 -5.37 6.53 -31.35
C ASN B 368 -5.05 8.01 -31.45
N ASP B 369 -3.74 8.25 -31.46
CA ASP B 369 -3.17 9.59 -31.65
C ASP B 369 -3.50 10.63 -30.58
N GLU B 370 -3.91 10.21 -29.39
CA GLU B 370 -3.92 11.10 -28.25
C GLU B 370 -2.49 11.57 -27.98
N VAL B 371 -2.31 12.85 -27.61
CA VAL B 371 -0.97 13.35 -27.21
C VAL B 371 -1.06 13.86 -25.80
N TYR B 372 -0.28 13.27 -24.95
CA TYR B 372 -0.35 13.60 -23.54
C TYR B 372 0.87 14.42 -23.13
N MET B 373 0.63 15.44 -22.34
CA MET B 373 1.69 16.29 -21.80
C MET B 373 1.79 15.91 -20.35
N VAL B 374 2.93 15.33 -19.96
CA VAL B 374 3.11 14.93 -18.57
C VAL B 374 4.04 15.94 -17.91
N VAL B 375 3.47 16.75 -17.02
CA VAL B 375 4.12 17.93 -16.47
C VAL B 375 4.75 17.65 -15.13
N PHE B 376 6.07 17.71 -15.11
CA PHE B 376 6.85 17.51 -13.89
C PHE B 376 7.45 18.82 -13.32
N ASN B 377 7.66 19.81 -14.21
CA ASN B 377 8.30 21.09 -13.86
C ASN B 377 7.37 22.21 -14.23
N GLN B 378 6.79 22.84 -13.21
CA GLN B 378 5.71 23.82 -13.44
C GLN B 378 6.30 25.21 -13.75
N PRO B 379 6.04 25.73 -14.96
CA PRO B 379 6.56 27.10 -15.28
C PRO B 379 5.91 28.25 -14.55
N TYR B 380 6.71 29.09 -13.93
CA TYR B 380 6.22 30.38 -13.34
C TYR B 380 5.49 31.21 -14.38
N SER B 381 5.85 31.06 -15.66
CA SER B 381 5.11 31.77 -16.74
C SER B 381 3.66 31.37 -16.89
N GLU B 382 3.27 30.21 -16.35
CA GLU B 382 1.88 29.72 -16.40
C GLU B 382 1.52 29.31 -17.75
N ARG B 383 2.55 29.13 -18.56
CA ARG B 383 2.38 28.72 -19.94
C ARG B 383 3.28 27.54 -20.27
N LEU B 384 2.72 26.49 -20.88
CA LEU B 384 3.50 25.31 -21.25
C LEU B 384 3.68 25.32 -22.73
N ILE B 385 4.90 25.36 -23.18
CA ILE B 385 5.24 25.54 -24.59
C ILE B 385 5.09 24.24 -25.34
N VAL B 386 4.36 24.31 -26.45
CA VAL B 386 4.15 23.16 -27.30
C VAL B 386 4.46 23.50 -28.72
N LYS B 387 5.54 22.95 -29.19
CA LYS B 387 5.95 23.16 -30.56
C LYS B 387 5.60 21.91 -31.33
N THR B 388 4.77 22.06 -32.36
CA THR B 388 4.23 20.95 -33.14
C THR B 388 5.08 20.61 -34.33
N PRO B 389 5.08 19.33 -34.75
CA PRO B 389 5.79 19.03 -36.03
C PRO B 389 5.02 19.60 -37.20
N LYS B 390 5.65 19.60 -38.38
CA LYS B 390 5.09 20.18 -39.59
C LYS B 390 3.75 19.53 -39.84
N GLY B 391 2.75 20.34 -40.12
CA GLY B 391 1.45 19.84 -40.50
C GLY B 391 0.50 19.47 -39.35
N ILE B 392 0.91 19.66 -38.10
CA ILE B 392 0.12 19.22 -36.96
C ILE B 392 -0.37 20.44 -36.26
N THR B 393 -1.64 20.47 -35.92
CA THR B 393 -2.19 21.56 -35.16
C THR B 393 -2.77 20.98 -33.87
N VAL B 394 -2.93 21.82 -32.86
CA VAL B 394 -3.56 21.45 -31.62
C VAL B 394 -4.96 22.04 -31.60
N GLU B 395 -5.98 21.19 -31.51
CA GLU B 395 -7.36 21.66 -31.51
C GLU B 395 -7.94 21.80 -30.14
N LYS B 396 -7.46 21.02 -29.18
CA LYS B 396 -8.03 21.09 -27.84
C LYS B 396 -7.02 20.61 -26.82
N ALA B 397 -7.17 21.11 -25.60
CA ALA B 397 -6.44 20.62 -24.48
C ALA B 397 -7.38 20.39 -23.33
N THR B 398 -7.15 19.26 -22.61
CA THR B 398 -8.06 18.81 -21.56
C THR B 398 -7.26 18.29 -20.39
N LEU B 399 -7.59 18.77 -19.20
CA LEU B 399 -7.00 18.22 -18.02
C LEU B 399 -7.56 16.79 -17.82
N LEU B 400 -6.64 15.82 -17.76
CA LEU B 400 -7.01 14.42 -17.75
C LEU B 400 -7.90 14.02 -16.55
N THR B 401 -7.57 14.48 -15.36
CA THR B 401 -8.30 14.07 -14.17
C THR B 401 -9.73 14.62 -14.09
N THR B 402 -9.94 15.86 -14.53
CA THR B 402 -11.25 16.49 -14.36
C THR B 402 -12.04 16.65 -15.63
N GLY B 403 -11.40 16.52 -16.78
CA GLY B 403 -12.07 16.84 -18.04
C GLY B 403 -12.24 18.33 -18.35
N GLU B 404 -11.74 19.21 -17.49
CA GLU B 404 -11.82 20.65 -17.71
C GLU B 404 -11.02 21.09 -18.95
N ASP B 405 -11.58 22.03 -19.69
CA ASP B 405 -10.95 22.58 -20.88
C ASP B 405 -9.81 23.54 -20.52
N ILE B 406 -8.74 23.47 -21.31
CA ILE B 406 -7.50 24.20 -21.03
C ILE B 406 -7.20 25.10 -22.21
N THR B 407 -7.00 26.37 -21.92
CA THR B 407 -6.77 27.37 -22.97
C THR B 407 -5.51 27.07 -23.75
N VAL B 408 -5.64 27.15 -25.08
CA VAL B 408 -4.52 26.99 -25.99
C VAL B 408 -4.38 28.29 -26.84
N VAL B 409 -3.19 28.89 -26.83
CA VAL B 409 -2.94 30.13 -27.56
C VAL B 409 -1.83 29.89 -28.56
N GLU B 410 -2.12 30.15 -29.84
CA GLU B 410 -1.08 30.07 -30.86
C GLU B 410 -0.09 31.24 -30.67
N THR B 411 1.20 30.98 -30.64
CA THR B 411 2.18 32.07 -30.43
C THR B 411 2.89 32.39 -31.74
N THR B 412 3.01 31.39 -32.57
CA THR B 412 3.68 31.50 -33.84
C THR B 412 3.19 30.32 -34.70
N ARG B 413 3.53 30.28 -35.97
CA ARG B 413 3.29 29.09 -36.79
C ARG B 413 3.99 27.88 -36.08
N ASN B 414 3.25 26.81 -35.85
CA ASN B 414 3.84 25.62 -35.19
C ASN B 414 4.21 25.75 -33.69
N GLU B 415 3.70 26.76 -33.01
CA GLU B 415 3.95 26.83 -31.60
C GLU B 415 2.78 27.42 -30.86
N TYR B 416 2.52 26.84 -29.68
CA TYR B 416 1.46 27.25 -28.81
C TYR B 416 1.90 27.39 -27.37
N ASN B 417 1.18 28.19 -26.62
CA ASN B 417 1.24 28.18 -25.17
C ASN B 417 -0.06 27.52 -24.66
N VAL B 418 0.09 26.41 -23.93
CA VAL B 418 -1.02 25.73 -23.32
C VAL B 418 -1.01 26.20 -21.90
N SER B 419 -2.13 26.73 -21.43
CA SER B 419 -2.16 27.21 -20.06
C SER B 419 -2.03 26.09 -19.03
N VAL B 420 -1.45 26.42 -17.88
CA VAL B 420 -1.47 25.52 -16.76
C VAL B 420 -2.90 25.56 -16.22
N PRO B 421 -3.26 24.55 -15.45
CA PRO B 421 -4.64 24.56 -14.92
C PRO B 421 -4.83 25.67 -13.94
N LYS B 422 -6.08 26.10 -13.84
CA LYS B 422 -6.44 27.22 -12.99
C LYS B 422 -6.10 26.89 -11.55
N LYS B 423 -6.30 25.65 -11.15
CA LYS B 423 -5.79 25.22 -9.80
C LYS B 423 -4.58 24.35 -9.97
N ASN B 424 -3.51 24.63 -9.24
CA ASN B 424 -2.26 23.89 -9.39
C ASN B 424 -2.45 22.43 -8.95
N PRO B 425 -2.23 21.43 -9.83
CA PRO B 425 -2.56 20.07 -9.38
C PRO B 425 -1.71 19.58 -8.21
N GLY B 426 -0.60 20.26 -7.93
CA GLY B 426 0.22 19.94 -6.72
C GLY B 426 1.02 18.65 -6.82
N GLU B 427 1.11 18.10 -8.01
CA GLU B 427 1.86 16.89 -8.28
C GLU B 427 2.06 16.81 -9.80
N PRO B 428 2.98 15.94 -10.26
CA PRO B 428 3.07 15.77 -11.70
C PRO B 428 1.72 15.40 -12.34
N TYR B 429 1.35 16.05 -13.45
CA TYR B 429 -0.04 15.92 -13.96
C TYR B 429 -0.10 15.81 -15.47
N VAL B 430 -1.29 15.54 -16.00
CA VAL B 430 -1.41 15.31 -17.45
C VAL B 430 -2.42 16.21 -18.07
N ILE B 431 -2.03 16.74 -19.23
CA ILE B 431 -2.93 17.44 -20.12
C ILE B 431 -2.98 16.66 -21.41
N GLN B 432 -4.19 16.32 -21.85
CA GLN B 432 -4.37 15.59 -23.06
C GLN B 432 -4.71 16.54 -24.16
N LEU B 433 -4.04 16.38 -25.29
CA LEU B 433 -4.23 17.22 -26.44
C LEU B 433 -4.96 16.44 -27.52
N LYS B 434 -5.83 17.15 -28.24
CA LYS B 434 -6.38 16.65 -29.46
C LYS B 434 -5.64 17.36 -30.55
N VAL B 435 -4.96 16.60 -31.40
CA VAL B 435 -4.25 17.13 -32.55
C VAL B 435 -4.87 16.70 -33.87
N ARG B 436 -4.55 17.42 -34.94
CA ARG B 436 -5.06 17.18 -36.28
C ARG B 436 -3.91 17.35 -37.25
N ALA B 437 -3.84 16.51 -38.25
CA ALA B 437 -2.76 16.60 -39.23
C ALA B 437 -3.43 16.98 -40.56
N ALA B 438 -2.93 18.02 -41.24
CA ALA B 438 -3.45 18.38 -42.58
C ALA B 438 -2.89 17.51 -43.74
N LYS B 439 -3.74 17.14 -44.71
CA LYS B 439 -3.27 16.36 -45.90
C LYS B 439 -2.32 17.17 -46.72
N GLU C 1 -20.48 -1.91 54.17
CA GLU C 1 -20.15 -0.84 53.18
C GLU C 1 -19.19 0.18 53.80
N ILE C 2 -18.02 0.35 53.18
CA ILE C 2 -16.98 1.21 53.77
C ILE C 2 -17.39 2.68 53.56
N PRO C 3 -17.09 3.57 54.54
CA PRO C 3 -17.39 5.00 54.30
C PRO C 3 -16.24 5.66 53.54
N LEU C 4 -16.58 6.53 52.59
CA LEU C 4 -15.58 7.13 51.68
C LEU C 4 -15.95 8.54 51.31
N LYS C 5 -14.96 9.42 51.37
CA LYS C 5 -15.15 10.77 50.87
C LYS C 5 -14.73 10.90 49.39
N TYR C 6 -13.84 10.02 48.91
CA TYR C 6 -13.26 10.18 47.57
C TYR C 6 -13.53 8.98 46.66
N GLY C 7 -14.64 8.30 46.90
CA GLY C 7 -15.08 7.18 46.09
C GLY C 7 -16.00 7.63 44.98
N ALA C 8 -16.78 6.71 44.44
CA ALA C 8 -17.58 6.97 43.26
C ALA C 8 -18.68 7.98 43.46
N THR C 9 -19.12 8.58 42.36
CA THR C 9 -20.14 9.62 42.36
C THR C 9 -21.32 9.25 41.48
N ASN C 10 -21.05 8.97 40.19
CA ASN C 10 -22.06 8.44 39.22
C ASN C 10 -22.78 7.19 39.76
N GLU C 11 -24.09 7.11 39.54
CA GLU C 11 -24.85 5.91 39.93
C GLU C 11 -24.54 4.82 38.92
N GLY C 12 -25.17 4.87 37.75
CA GLY C 12 -24.85 3.92 36.67
C GLY C 12 -24.20 4.70 35.56
N LYS C 13 -24.62 4.44 34.34
CA LYS C 13 -24.10 5.12 33.17
C LYS C 13 -24.68 6.52 33.06
N ARG C 14 -23.83 7.46 32.65
CA ARG C 14 -24.30 8.78 32.31
C ARG C 14 -25.15 8.69 31.06
N GLN C 15 -26.26 9.44 31.04
CA GLN C 15 -27.12 9.45 29.88
C GLN C 15 -27.37 10.83 29.29
N ASP C 16 -26.56 11.82 29.70
CA ASP C 16 -26.57 13.13 29.04
C ASP C 16 -26.05 13.02 27.61
N PRO C 17 -26.40 13.97 26.73
CA PRO C 17 -26.00 13.88 25.33
C PRO C 17 -24.49 13.79 25.12
N ALA C 18 -23.71 14.37 26.02
CA ALA C 18 -22.25 14.38 25.83
C ALA C 18 -21.69 12.98 26.02
N MET C 19 -22.20 12.26 27.02
CA MET C 19 -21.79 10.87 27.20
C MET C 19 -22.33 9.99 26.08
N GLN C 20 -23.54 10.27 25.61
CA GLN C 20 -24.13 9.49 24.52
C GLN C 20 -23.33 9.63 23.25
N LYS C 21 -22.72 10.79 23.08
CA LYS C 21 -21.88 11.05 21.92
C LYS C 21 -20.53 10.30 22.09
N PHE C 22 -19.94 10.40 23.27
CA PHE C 22 -18.70 9.66 23.60
C PHE C 22 -18.90 8.20 23.22
N ARG C 23 -20.02 7.65 23.65
CA ARG C 23 -20.38 6.26 23.43
C ARG C 23 -20.62 5.98 21.97
N ASP C 24 -21.54 6.70 21.35
CA ASP C 24 -21.96 6.41 19.99
C ASP C 24 -20.83 6.51 18.97
N ASN C 25 -19.86 7.34 19.25
CA ASN C 25 -18.64 7.44 18.44
C ASN C 25 -18.03 6.06 18.16
N ARG C 26 -17.90 5.27 19.24
CA ARG C 26 -17.37 3.90 19.29
C ARG C 26 -15.92 3.69 18.88
N LEU C 27 -15.55 4.18 17.69
CA LEU C 27 -14.23 3.99 17.17
C LEU C 27 -13.37 5.25 17.20
N GLY C 28 -12.23 5.16 17.89
CA GLY C 28 -11.28 6.25 17.95
C GLY C 28 -9.87 5.85 17.54
N ALA C 29 -9.00 6.87 17.36
CA ALA C 29 -7.55 6.66 17.18
C ALA C 29 -6.85 7.27 18.34
N PHE C 30 -5.71 6.69 18.67
CA PHE C 30 -4.84 7.19 19.70
C PHE C 30 -3.63 7.76 18.94
N ILE C 31 -3.08 8.90 19.41
CA ILE C 31 -1.80 9.45 18.90
C ILE C 31 -0.81 9.57 20.03
N HIS C 32 0.31 8.85 19.92
CA HIS C 32 1.41 9.00 20.85
C HIS C 32 2.53 9.70 20.07
N TRP C 33 2.75 10.97 20.38
CA TRP C 33 3.81 11.77 19.75
C TRP C 33 4.47 12.63 20.77
N GLY C 34 5.79 12.55 20.77
CA GLY C 34 6.61 13.12 21.81
C GLY C 34 8.07 12.97 21.37
N LEU C 35 8.97 13.41 22.22
CA LEU C 35 10.40 13.46 21.89
C LEU C 35 10.96 12.07 21.60
N TYR C 36 10.30 11.05 22.15
CA TYR C 36 10.65 9.63 21.90
C TYR C 36 10.62 9.26 20.45
N ALA C 37 9.85 9.98 19.66
CA ALA C 37 9.82 9.72 18.23
C ALA C 37 11.18 9.93 17.53
N ILE C 38 12.01 10.82 18.07
CA ILE C 38 13.28 11.17 17.42
C ILE C 38 14.29 9.99 17.48
N PRO C 39 14.63 9.50 18.67
CA PRO C 39 15.47 8.31 18.71
C PRO C 39 14.76 7.03 18.19
N GLY C 40 13.44 6.95 18.33
CA GLY C 40 12.66 5.82 17.79
C GLY C 40 13.08 4.44 18.30
N GLY C 41 13.30 4.32 19.59
CA GLY C 41 13.66 3.07 20.18
C GLY C 41 15.15 2.79 20.28
N GLU C 42 15.95 3.70 19.73
CA GLU C 42 17.39 3.50 19.68
C GLU C 42 18.11 4.60 20.45
N TRP C 43 19.05 4.20 21.29
CA TRP C 43 19.86 5.14 22.02
C TRP C 43 21.34 4.80 21.97
N ASN C 44 22.12 5.79 21.53
CA ASN C 44 23.57 5.65 21.34
C ASN C 44 23.94 4.32 20.66
N GLY C 45 23.35 4.09 19.50
CA GLY C 45 23.64 2.90 18.69
C GLY C 45 23.06 1.58 19.16
N LYS C 46 22.34 1.56 20.28
CA LYS C 46 21.69 0.34 20.75
C LYS C 46 20.14 0.42 20.61
N VAL C 47 19.54 -0.53 19.88
CA VAL C 47 18.08 -0.64 19.70
C VAL C 47 17.46 -1.36 20.89
N TYR C 48 16.54 -0.73 21.59
CA TYR C 48 15.88 -1.40 22.74
C TYR C 48 14.49 -1.95 22.31
N GLY C 49 14.17 -3.15 22.81
CA GLY C 49 12.96 -3.89 22.40
C GLY C 49 11.72 -3.39 23.12
N GLY C 50 11.89 -2.83 24.32
CA GLY C 50 10.79 -2.22 25.08
C GLY C 50 10.08 -1.07 24.33
N ALA C 51 8.91 -0.69 24.83
CA ALA C 51 8.11 0.39 24.24
C ALA C 51 8.96 1.68 24.04
N ALA C 52 8.98 2.18 22.82
CA ALA C 52 9.85 3.32 22.44
C ALA C 52 9.61 4.55 23.28
N GLU C 53 8.37 4.78 23.71
CA GLU C 53 8.07 5.99 24.53
C GLU C 53 8.63 5.88 25.92
N TRP C 54 9.12 4.71 26.27
CA TRP C 54 9.77 4.50 27.58
C TRP C 54 11.30 4.41 27.44
N LEU C 55 11.84 4.73 26.28
CA LEU C 55 13.30 4.60 26.05
C LEU C 55 14.15 5.35 27.05
N LYS C 56 13.67 6.51 27.55
CA LYS C 56 14.37 7.22 28.61
C LYS C 56 14.67 6.28 29.76
N SER C 57 13.70 5.45 30.09
CA SER C 57 13.88 4.48 31.20
C SER C 57 14.83 3.32 30.79
N TRP C 58 14.58 2.71 29.64
CA TRP C 58 15.34 1.52 29.22
C TRP C 58 16.82 1.85 29.12
N ALA C 59 17.12 2.99 28.50
CA ALA C 59 18.50 3.40 28.28
C ALA C 59 19.07 4.23 29.43
N LYS C 60 18.28 4.41 30.49
CA LYS C 60 18.70 5.19 31.67
C LYS C 60 19.26 6.57 31.31
N VAL C 61 18.49 7.33 30.53
CA VAL C 61 18.92 8.64 30.11
C VAL C 61 18.48 9.66 31.18
N PRO C 62 19.44 10.46 31.70
CA PRO C 62 19.03 11.53 32.63
C PRO C 62 18.09 12.55 31.95
N ALA C 63 17.24 13.17 32.74
CA ALA C 63 16.25 14.13 32.22
C ALA C 63 16.83 15.27 31.37
N ASP C 64 17.93 15.92 31.86
CA ASP C 64 18.57 17.00 31.14
C ASP C 64 18.96 16.55 29.75
N GLU C 65 19.58 15.37 29.66
CA GLU C 65 20.00 14.89 28.35
C GLU C 65 18.83 14.43 27.49
N TRP C 66 17.83 13.81 28.10
CA TRP C 66 16.67 13.39 27.32
C TRP C 66 16.01 14.61 26.67
N LEU C 67 15.80 15.65 27.49
CA LEU C 67 14.99 16.84 27.06
C LEU C 67 15.70 17.71 26.04
N LYS C 68 17.02 17.54 25.90
CA LYS C 68 17.78 18.11 24.80
C LYS C 68 17.32 17.69 23.43
N LEU C 69 16.55 16.60 23.36
CA LEU C 69 15.97 16.20 22.09
C LEU C 69 15.09 17.30 21.53
N MET C 70 14.60 18.19 22.41
CA MET C 70 13.84 19.41 21.99
C MET C 70 14.56 20.18 20.89
N ASP C 71 15.89 20.19 20.93
CA ASP C 71 16.71 20.91 19.94
C ASP C 71 16.64 20.27 18.57
N GLN C 72 16.21 19.00 18.50
CA GLN C 72 15.97 18.35 17.19
C GLN C 72 14.52 18.29 16.78
N TRP C 73 13.63 18.79 17.61
CA TRP C 73 12.21 18.70 17.31
C TRP C 73 11.85 19.70 16.23
N ASN C 74 11.73 19.19 15.02
CA ASN C 74 11.42 20.00 13.86
C ASN C 74 10.67 19.17 12.80
N PRO C 75 9.39 18.83 13.10
CA PRO C 75 8.65 17.97 12.22
C PRO C 75 8.17 18.65 10.95
N THR C 76 9.07 18.77 9.98
CA THR C 76 8.79 19.57 8.80
C THR C 76 7.66 19.03 7.96
N LYS C 77 7.42 17.71 7.97
CA LYS C 77 6.29 17.14 7.20
C LYS C 77 4.93 17.19 7.94
N PHE C 78 4.91 17.65 9.18
CA PHE C 78 3.65 17.76 9.93
C PHE C 78 2.64 18.63 9.23
N ASP C 79 1.42 18.13 9.07
CA ASP C 79 0.36 18.91 8.46
C ASP C 79 -0.92 18.45 9.14
N ALA C 80 -1.47 19.27 10.03
CA ALA C 80 -2.62 18.86 10.82
C ALA C 80 -3.83 18.52 9.97
N LYS C 81 -3.99 19.19 8.83
CA LYS C 81 -5.12 18.90 7.94
C LYS C 81 -5.00 17.52 7.31
N LYS C 82 -3.77 17.11 7.02
CA LYS C 82 -3.54 15.74 6.49
C LYS C 82 -3.81 14.67 7.58
N TRP C 83 -3.37 14.93 8.82
CA TRP C 83 -3.65 14.02 9.93
C TRP C 83 -5.14 13.84 10.10
N ALA C 84 -5.88 14.94 10.10
CA ALA C 84 -7.34 14.89 10.27
C ALA C 84 -8.02 14.17 9.12
N LYS C 85 -7.44 14.27 7.92
CA LYS C 85 -7.98 13.62 6.72
C LYS C 85 -7.76 12.11 6.82
N MET C 86 -6.61 11.71 7.31
CA MET C 86 -6.31 10.30 7.54
C MET C 86 -7.29 9.67 8.56
N ALA C 87 -7.54 10.37 9.67
CA ALA C 87 -8.49 9.89 10.66
C ALA C 87 -9.93 9.81 10.13
N LYS C 88 -10.36 10.83 9.36
CA LYS C 88 -11.69 10.78 8.69
C LYS C 88 -11.81 9.57 7.77
N GLU C 89 -10.80 9.33 6.96
CA GLU C 89 -10.75 8.22 5.99
C GLU C 89 -10.74 6.84 6.67
N MET C 90 -10.06 6.75 7.81
CA MET C 90 -10.12 5.56 8.64
C MET C 90 -11.51 5.26 9.23
N GLY C 91 -12.36 6.29 9.33
CA GLY C 91 -13.66 6.15 9.96
C GLY C 91 -13.66 6.34 11.47
N THR C 92 -12.60 6.92 12.02
CA THR C 92 -12.58 7.29 13.44
C THR C 92 -13.44 8.51 13.71
N LYS C 93 -14.18 8.50 14.82
CA LYS C 93 -15.04 9.61 15.18
C LYS C 93 -14.42 10.49 16.26
N TYR C 94 -13.30 10.03 16.83
CA TYR C 94 -12.54 10.77 17.79
C TYR C 94 -11.11 10.39 17.79
N VAL C 95 -10.30 11.30 18.29
CA VAL C 95 -8.89 11.07 18.46
C VAL C 95 -8.46 11.47 19.86
N LYS C 96 -7.64 10.61 20.47
CA LYS C 96 -7.06 10.86 21.76
C LYS C 96 -5.59 11.20 21.55
N ILE C 97 -5.14 12.34 22.05
CA ILE C 97 -3.81 12.86 21.77
C ILE C 97 -3.00 12.96 23.04
N THR C 98 -1.73 12.54 22.99
CA THR C 98 -0.84 12.72 24.12
C THR C 98 -0.39 14.21 24.24
N THR C 99 -1.04 14.94 25.15
CA THR C 99 -0.74 16.34 25.38
C THR C 99 0.61 16.42 26.06
N LYS C 100 0.84 15.47 26.95
CA LYS C 100 2.09 15.29 27.64
C LYS C 100 2.21 13.79 28.07
N HIS C 101 3.31 13.13 27.70
CA HIS C 101 3.57 11.77 28.15
C HIS C 101 4.50 11.82 29.36
N HIS C 102 5.02 10.68 29.81
CA HIS C 102 5.84 10.63 31.04
C HIS C 102 7.08 11.52 30.96
N GLU C 103 7.68 11.61 29.78
CA GLU C 103 8.85 12.44 29.52
C GLU C 103 8.62 13.91 29.90
N GLY C 104 7.37 14.38 29.83
CA GLY C 104 7.01 15.71 30.33
C GLY C 104 6.98 16.82 29.29
N PHE C 105 7.40 16.52 28.06
CA PHE C 105 7.40 17.49 26.98
C PHE C 105 5.98 17.75 26.57
N CYS C 106 5.60 19.02 26.46
CA CYS C 106 4.20 19.35 26.19
C CYS C 106 4.02 19.69 24.74
N LEU C 107 2.97 19.16 24.13
CA LEU C 107 2.68 19.47 22.74
C LEU C 107 1.91 20.81 22.55
N TRP C 108 1.64 21.48 23.67
CA TRP C 108 1.14 22.84 23.68
C TRP C 108 2.10 23.74 24.46
N PRO C 109 2.10 25.06 24.17
CA PRO C 109 3.07 25.94 24.82
C PRO C 109 2.66 26.33 26.24
N SER C 110 2.84 25.42 27.18
CA SER C 110 2.40 25.65 28.54
C SER C 110 3.20 26.79 29.14
N LYS C 111 2.54 27.56 29.98
CA LYS C 111 3.21 28.66 30.68
C LYS C 111 3.84 28.11 31.95
N TYR C 112 3.58 26.85 32.32
CA TYR C 112 4.10 26.37 33.59
C TYR C 112 5.38 25.52 33.54
N THR C 113 5.99 25.36 32.37
CA THR C 113 7.29 24.71 32.26
C THR C 113 7.94 25.17 30.96
N LYS C 114 9.26 25.06 30.89
CA LYS C 114 9.97 25.33 29.62
C LYS C 114 10.02 24.17 28.65
N TYR C 115 9.61 22.99 29.10
CA TYR C 115 9.74 21.79 28.26
C TYR C 115 8.53 21.65 27.35
N THR C 116 8.45 22.52 26.35
CA THR C 116 7.29 22.57 25.46
C THR C 116 7.72 22.79 24.01
N VAL C 117 6.75 22.61 23.13
CA VAL C 117 6.90 22.86 21.72
C VAL C 117 7.42 24.28 21.39
N ALA C 118 7.07 25.26 22.22
CA ALA C 118 7.51 26.66 22.01
C ALA C 118 9.03 26.80 22.04
N ASN C 119 9.71 25.99 22.85
CA ASN C 119 11.15 26.04 22.93
C ASN C 119 11.87 25.01 22.07
N THR C 120 11.36 24.83 20.87
CA THR C 120 11.92 23.91 19.89
C THR C 120 12.08 24.67 18.61
N PRO C 121 12.91 24.19 17.66
CA PRO C 121 12.98 24.87 16.39
C PRO C 121 11.61 25.08 15.77
N TYR C 122 10.69 24.16 16.01
CA TYR C 122 9.41 24.20 15.32
C TYR C 122 8.53 25.27 15.90
N LYS C 123 8.61 25.48 17.22
CA LYS C 123 7.88 26.57 17.92
C LYS C 123 6.37 26.47 18.00
N ARG C 124 5.73 25.94 16.97
CA ARG C 124 4.28 26.01 16.88
C ARG C 124 3.50 25.17 17.90
N ASP C 125 2.29 25.63 18.20
CA ASP C 125 1.32 24.91 19.05
C ASP C 125 0.67 23.75 18.27
N ILE C 126 1.40 22.64 18.20
CA ILE C 126 0.94 21.37 17.58
C ILE C 126 -0.47 20.99 18.09
N LEU C 127 -0.65 21.00 19.40
CA LEU C 127 -1.90 20.55 19.94
C LEU C 127 -3.07 21.41 19.44
N GLY C 128 -2.87 22.72 19.47
CA GLY C 128 -3.89 23.63 18.96
C GLY C 128 -4.20 23.38 17.50
N GLU C 129 -3.15 23.16 16.70
CA GLU C 129 -3.36 22.88 15.26
C GLU C 129 -4.15 21.61 15.06
N LEU C 130 -3.85 20.60 15.88
CA LEU C 130 -4.60 19.35 15.80
C LEU C 130 -6.04 19.52 16.20
N VAL C 131 -6.28 20.19 17.33
CA VAL C 131 -7.65 20.40 17.78
C VAL C 131 -8.51 21.05 16.71
N LYS C 132 -7.95 22.09 16.09
CA LYS C 132 -8.64 22.78 15.00
C LYS C 132 -8.88 21.82 13.84
N ALA C 133 -7.83 21.12 13.40
CA ALA C 133 -7.95 20.29 12.20
C ALA C 133 -8.93 19.14 12.36
N TYR C 134 -8.83 18.47 13.50
CA TYR C 134 -9.80 17.37 13.77
C TYR C 134 -11.22 17.90 13.86
N ASN C 135 -11.40 18.95 14.67
CA ASN C 135 -12.74 19.55 14.83
C ASN C 135 -13.34 19.97 13.47
N ASP C 136 -12.53 20.58 12.61
CA ASP C 136 -12.98 20.92 11.22
C ASP C 136 -13.50 19.71 10.45
N GLU C 137 -12.97 18.51 10.72
CA GLU C 137 -13.48 17.29 10.07
C GLU C 137 -14.66 16.64 10.80
N GLY C 138 -15.17 17.28 11.86
CA GLY C 138 -16.27 16.73 12.65
C GLY C 138 -15.82 15.64 13.62
N ILE C 139 -14.54 15.63 13.98
CA ILE C 139 -13.95 14.61 14.85
C ILE C 139 -13.69 15.20 16.25
N ASP C 140 -14.24 14.57 17.28
CA ASP C 140 -13.98 14.97 18.66
C ASP C 140 -12.55 14.75 19.07
N VAL C 141 -12.08 15.58 20.01
CA VAL C 141 -10.75 15.45 20.54
C VAL C 141 -10.74 15.20 22.05
N HIS C 142 -9.91 14.25 22.46
CA HIS C 142 -9.79 13.81 23.82
C HIS C 142 -8.35 14.00 24.14
N PHE C 143 -8.06 14.33 25.38
CA PHE C 143 -6.68 14.61 25.77
C PHE C 143 -6.17 13.55 26.73
N TYR C 144 -5.12 12.86 26.29
CA TYR C 144 -4.30 12.02 27.18
C TYR C 144 -3.44 12.94 27.98
N PHE C 145 -3.28 12.65 29.28
CA PHE C 145 -2.42 13.41 30.14
C PHE C 145 -1.73 12.50 31.14
N SER C 146 -0.41 12.49 31.13
CA SER C 146 0.35 11.72 32.10
C SER C 146 0.61 12.51 33.37
N VAL C 147 0.06 12.06 34.48
CA VAL C 147 0.36 12.71 35.75
C VAL C 147 1.84 12.56 36.07
N MET C 148 2.35 11.34 36.05
CA MET C 148 3.78 11.12 36.23
C MET C 148 4.53 11.96 35.22
N ASP C 149 5.62 12.60 35.68
CA ASP C 149 6.35 13.62 34.84
C ASP C 149 7.80 13.58 35.17
N TRP C 150 8.56 12.97 34.28
CA TRP C 150 10.00 12.76 34.48
C TRP C 150 10.83 14.05 34.29
N SER C 151 10.17 15.16 33.88
CA SER C 151 10.87 16.43 33.61
C SER C 151 10.81 17.42 34.75
N ASN C 152 9.85 17.22 35.65
CA ASN C 152 9.69 18.11 36.77
C ASN C 152 10.30 17.48 38.01
N PRO C 153 11.35 18.11 38.55
CA PRO C 153 12.04 17.52 39.70
C PRO C 153 11.26 17.58 40.98
N ASP C 154 10.10 18.23 40.99
CA ASP C 154 9.19 18.09 42.13
C ASP C 154 8.34 16.81 42.12
N TYR C 155 8.40 16.03 41.01
CA TYR C 155 7.68 14.77 41.01
C TYR C 155 8.27 13.85 42.07
N ARG C 156 7.41 13.10 42.76
CA ARG C 156 7.83 12.03 43.66
C ARG C 156 7.09 10.68 43.37
N TYR C 157 7.84 9.57 43.40
CA TYR C 157 7.30 8.20 43.26
C TYR C 157 6.57 7.76 44.52
N ASP C 158 7.12 8.16 45.66
CA ASP C 158 6.50 7.95 46.95
C ASP C 158 6.84 9.12 47.89
N ILE C 159 6.05 9.24 48.95
CA ILE C 159 6.25 10.26 50.00
C ILE C 159 6.99 9.63 51.20
N LYS C 160 8.31 9.83 51.28
CA LYS C 160 9.13 9.28 52.38
C LYS C 160 9.62 10.31 53.42
N SER C 161 9.26 11.58 53.26
CA SER C 161 9.77 12.68 54.11
C SER C 161 8.92 13.93 53.96
N LYS C 162 9.12 14.88 54.86
CA LYS C 162 8.39 16.14 54.82
C LYS C 162 8.85 16.93 53.58
N GLU C 163 10.14 16.80 53.20
CA GLU C 163 10.69 17.47 51.97
C GLU C 163 9.96 16.94 50.72
N ASP C 164 9.80 15.61 50.67
CA ASP C 164 9.00 14.94 49.62
C ASP C 164 7.61 15.53 49.57
N SER C 165 6.98 15.65 50.71
CA SER C 165 5.57 16.11 50.77
C SER C 165 5.42 17.58 50.26
N ILE C 166 6.43 18.39 50.54
CA ILE C 166 6.45 19.80 50.12
C ILE C 166 6.59 19.89 48.60
N ALA C 167 7.59 19.19 48.09
CA ALA C 167 7.84 19.08 46.64
C ALA C 167 6.63 18.57 45.90
N PHE C 168 6.01 17.53 46.43
CA PHE C 168 4.90 16.86 45.71
C PHE C 168 3.68 17.73 45.76
N SER C 169 3.51 18.45 46.86
CA SER C 169 2.36 19.37 46.99
C SER C 169 2.44 20.43 45.91
N ARG C 170 3.64 20.93 45.67
CA ARG C 170 3.88 21.88 44.59
C ARG C 170 3.67 21.24 43.19
N PHE C 171 4.14 20.00 43.02
CA PHE C 171 3.83 19.21 41.81
C PHE C 171 2.31 19.08 41.47
N LEU C 172 1.49 18.75 42.46
CA LEU C 172 0.02 18.67 42.26
C LEU C 172 -0.60 19.98 41.86
N GLU C 173 -0.04 21.09 42.35
CA GLU C 173 -0.54 22.42 41.98
C GLU C 173 -0.14 22.74 40.56
N PHE C 174 1.10 22.43 40.22
CA PHE C 174 1.59 22.53 38.84
C PHE C 174 0.72 21.70 37.90
N THR C 175 0.41 20.48 38.31
CA THR C 175 -0.47 19.62 37.49
C THR C 175 -1.87 20.23 37.34
N ASP C 176 -2.45 20.73 38.42
CA ASP C 176 -3.73 21.40 38.33
C ASP C 176 -3.69 22.59 37.33
N ASN C 177 -2.58 23.33 37.37
CA ASN C 177 -2.39 24.50 36.54
C ASN C 177 -2.35 24.13 35.07
N GLN C 178 -1.55 23.09 34.74
CA GLN C 178 -1.57 22.55 33.36
C GLN C 178 -2.96 22.08 32.96
N LEU C 179 -3.67 21.38 33.86
CA LEU C 179 -4.98 20.87 33.50
C LEU C 179 -5.98 21.99 33.20
N LYS C 180 -6.02 23.00 34.07
CA LYS C 180 -6.88 24.18 33.84
C LYS C 180 -6.51 24.89 32.54
N GLU C 181 -5.22 25.00 32.30
CA GLU C 181 -4.72 25.63 31.08
C GLU C 181 -5.22 24.94 29.84
N LEU C 182 -5.10 23.61 29.80
CA LEU C 182 -5.64 22.84 28.68
C LEU C 182 -7.15 23.02 28.49
N ALA C 183 -7.87 22.97 29.59
CA ALA C 183 -9.34 23.07 29.58
C ALA C 183 -9.84 24.41 29.06
N THR C 184 -9.08 25.46 29.35
CA THR C 184 -9.49 26.86 29.00
C THR C 184 -8.91 27.28 27.66
N ARG C 185 -7.70 26.85 27.35
CA ARG C 185 -7.12 27.07 26.03
C ARG C 185 -7.83 26.33 24.90
N TYR C 186 -8.30 25.12 25.18
CA TYR C 186 -8.91 24.27 24.16
C TYR C 186 -10.27 23.76 24.63
N PRO C 187 -11.26 24.66 24.70
CA PRO C 187 -12.53 24.29 25.33
C PRO C 187 -13.40 23.30 24.56
N THR C 188 -13.07 22.95 23.32
CA THR C 188 -13.78 21.87 22.60
C THR C 188 -13.42 20.42 23.07
N VAL C 189 -12.42 20.29 23.94
CA VAL C 189 -12.02 19.00 24.49
C VAL C 189 -13.23 18.24 25.11
N LYS C 190 -13.35 16.94 24.78
CA LYS C 190 -14.48 16.14 25.24
C LYS C 190 -14.17 15.17 26.37
N ASP C 191 -12.88 14.98 26.66
CA ASP C 191 -12.43 13.90 27.53
C ASP C 191 -11.02 14.13 27.97
N PHE C 192 -10.72 13.81 29.23
CA PHE C 192 -9.37 13.72 29.74
C PHE C 192 -9.09 12.28 30.15
N TRP C 193 -8.04 11.72 29.57
CA TRP C 193 -7.71 10.29 29.76
C TRP C 193 -6.40 10.31 30.50
N PHE C 194 -6.48 10.19 31.80
CA PHE C 194 -5.29 10.18 32.63
C PHE C 194 -4.53 8.83 32.60
N ASP C 195 -3.21 8.92 32.66
CA ASP C 195 -2.31 7.79 32.71
C ASP C 195 -1.23 8.12 33.74
N GLY C 196 -0.35 7.16 34.05
CA GLY C 196 0.78 7.42 34.89
C GLY C 196 0.34 7.81 36.28
N THR C 197 -0.74 7.20 36.75
CA THR C 197 -1.34 7.49 38.07
C THR C 197 -1.13 6.36 39.05
N TRP C 198 -0.17 5.48 38.76
CA TRP C 198 -0.02 4.23 39.53
C TRP C 198 0.94 4.36 40.71
N ASP C 199 1.77 5.38 40.77
CA ASP C 199 2.76 5.46 41.85
C ASP C 199 2.12 5.69 43.20
N ALA C 200 2.81 5.22 44.23
CA ALA C 200 2.36 5.32 45.62
C ALA C 200 1.99 6.79 46.00
N SER C 201 2.81 7.72 45.51
CA SER C 201 2.58 9.14 45.75
C SER C 201 1.14 9.48 45.38
N VAL C 202 0.67 9.00 44.23
CA VAL C 202 -0.74 9.29 43.79
C VAL C 202 -1.77 8.51 44.54
N LYS C 203 -1.49 7.23 44.78
CA LYS C 203 -2.41 6.37 45.56
C LYS C 203 -2.66 6.94 46.95
N LYS C 204 -1.60 7.51 47.54
CA LYS C 204 -1.72 8.10 48.88
C LYS C 204 -2.57 9.38 48.90
N ASN C 205 -2.86 9.93 47.73
CA ASN C 205 -3.49 11.23 47.58
C ASN C 205 -4.77 11.17 46.78
N GLY C 206 -5.65 10.25 47.17
CA GLY C 206 -6.89 10.00 46.45
C GLY C 206 -7.72 11.24 46.33
N TRP C 207 -7.66 12.06 47.38
CA TRP C 207 -8.45 13.31 47.47
C TRP C 207 -8.16 14.15 46.22
N TRP C 208 -6.91 14.15 45.78
CA TRP C 208 -6.51 15.01 44.65
C TRP C 208 -7.15 14.53 43.35
N THR C 209 -7.25 13.20 43.23
CA THR C 209 -7.83 12.59 42.01
C THR C 209 -9.27 12.95 41.89
N ALA C 210 -9.98 12.91 43.02
CA ALA C 210 -11.44 13.28 43.04
C ALA C 210 -11.63 14.75 42.73
N HIS C 211 -10.68 15.54 43.23
CA HIS C 211 -10.64 16.99 43.01
C HIS C 211 -10.36 17.33 41.53
N ALA C 212 -9.39 16.62 40.92
CA ALA C 212 -9.10 16.88 39.50
C ALA C 212 -10.32 16.61 38.66
N GLU C 213 -11.03 15.53 38.98
CA GLU C 213 -12.26 15.17 38.23
C GLU C 213 -13.29 16.29 38.30
N GLN C 214 -13.59 16.72 39.54
CA GLN C 214 -14.60 17.79 39.77
C GLN C 214 -14.18 19.12 39.13
N MET C 215 -12.91 19.51 39.32
CA MET C 215 -12.37 20.74 38.74
C MET C 215 -12.60 20.78 37.21
N LEU C 216 -12.25 19.71 36.53
CA LEU C 216 -12.40 19.71 35.07
C LEU C 216 -13.86 19.70 34.63
N LYS C 217 -14.70 18.99 35.36
CA LYS C 217 -16.13 18.92 35.04
C LYS C 217 -16.81 20.28 35.24
N GLU C 218 -16.34 21.04 36.22
CA GLU C 218 -16.76 22.45 36.37
C GLU C 218 -16.29 23.34 35.23
N LEU C 219 -15.09 23.09 34.72
CA LEU C 219 -14.57 23.92 33.60
C LEU C 219 -15.08 23.54 32.22
N VAL C 220 -15.42 22.28 32.00
CA VAL C 220 -15.79 21.84 30.66
C VAL C 220 -17.09 21.08 30.75
N PRO C 221 -18.22 21.74 30.36
CA PRO C 221 -19.49 21.05 30.56
C PRO C 221 -19.55 19.75 29.77
N GLY C 222 -19.91 18.67 30.46
CA GLY C 222 -20.12 17.36 29.80
C GLY C 222 -18.86 16.57 29.49
N VAL C 223 -17.72 17.04 29.98
CA VAL C 223 -16.46 16.38 29.74
C VAL C 223 -16.48 15.01 30.42
N ALA C 224 -15.75 14.07 29.78
CA ALA C 224 -15.62 12.72 30.27
C ALA C 224 -14.28 12.57 30.92
N ILE C 225 -14.25 11.77 31.97
CA ILE C 225 -13.04 11.55 32.74
C ILE C 225 -12.88 10.04 32.96
N ASN C 226 -11.70 9.50 32.64
CA ASN C 226 -11.49 8.07 32.75
C ASN C 226 -11.30 7.58 34.20
N SER C 227 -11.56 6.29 34.41
CA SER C 227 -11.43 5.64 35.72
C SER C 227 -9.98 5.59 36.19
N ARG C 228 -9.04 5.51 35.26
CA ARG C 228 -7.61 5.39 35.56
C ARG C 228 -7.00 6.58 36.40
N LEU C 229 -7.63 7.75 36.29
CA LEU C 229 -7.30 8.90 37.14
C LEU C 229 -7.44 8.56 38.61
N ARG C 230 -8.51 7.83 38.91
CA ARG C 230 -9.07 7.85 40.24
C ARG C 230 -8.56 6.82 41.22
N ALA C 231 -8.35 7.31 42.44
CA ALA C 231 -8.00 6.48 43.60
C ALA C 231 -8.89 6.97 44.73
N ASP C 232 -9.33 6.04 45.58
CA ASP C 232 -10.20 6.42 46.68
C ASP C 232 -9.35 6.65 47.96
N ASP C 233 -10.04 6.83 49.07
CA ASP C 233 -9.43 7.12 50.38
C ASP C 233 -8.37 6.11 50.76
N LYS C 234 -8.54 4.86 50.31
CA LYS C 234 -7.68 3.77 50.73
C LYS C 234 -6.62 3.43 49.73
N GLY C 235 -6.55 4.19 48.65
CA GLY C 235 -5.57 3.93 47.63
C GLY C 235 -6.01 2.90 46.59
N LYS C 236 -7.29 2.49 46.63
CA LYS C 236 -7.85 1.59 45.60
C LYS C 236 -8.17 2.33 44.30
N ARG C 237 -7.64 1.81 43.19
CA ARG C 237 -7.75 2.48 41.88
C ARG C 237 -8.88 1.94 40.97
N HIS C 238 -9.42 2.82 40.11
CA HIS C 238 -10.49 2.51 39.13
C HIS C 238 -11.86 2.28 39.74
N PHE C 239 -11.97 1.23 40.56
CA PHE C 239 -13.21 0.95 41.27
C PHE C 239 -12.87 1.15 42.74
N ASP C 240 -13.79 1.77 43.47
CA ASP C 240 -13.47 2.13 44.83
C ASP C 240 -13.56 0.89 45.76
N SER C 241 -13.36 1.13 47.06
CA SER C 241 -13.38 0.07 48.06
C SER C 241 -14.76 -0.60 48.23
N ASN C 242 -15.83 0.02 47.76
CA ASN C 242 -17.16 -0.61 47.70
C ASN C 242 -17.53 -1.17 46.33
N GLY C 243 -16.52 -1.42 45.49
CA GLY C 243 -16.75 -1.97 44.13
C GLY C 243 -17.42 -1.04 43.11
N ARG C 244 -17.47 0.26 43.39
CA ARG C 244 -18.14 1.19 42.49
C ARG C 244 -17.13 1.85 41.57
N LEU C 245 -17.54 1.99 40.30
CA LEU C 245 -16.69 2.61 39.27
C LEU C 245 -16.49 4.10 39.53
N MET C 246 -15.23 4.52 39.64
CA MET C 246 -14.89 5.97 39.68
C MET C 246 -14.63 6.48 38.28
N GLY C 247 -14.91 7.76 38.08
CA GLY C 247 -14.84 8.32 36.74
C GLY C 247 -16.09 7.97 35.96
N ASP C 248 -16.10 8.31 34.68
CA ASP C 248 -17.24 8.15 33.82
C ASP C 248 -17.25 6.85 33.01
N TYR C 249 -16.09 6.21 32.88
CA TYR C 249 -15.97 4.98 32.11
C TYR C 249 -14.72 4.21 32.55
N GLU C 250 -14.80 2.90 32.39
CA GLU C 250 -13.73 2.00 32.76
C GLU C 250 -12.72 2.00 31.66
N SER C 251 -11.44 2.03 32.07
CA SER C 251 -10.31 2.35 31.17
C SER C 251 -9.07 1.50 31.47
N GLY C 252 -9.28 0.23 31.80
CA GLY C 252 -8.18 -0.68 32.13
C GLY C 252 -7.88 -1.69 31.03
N TYR C 253 -8.73 -1.81 30.00
CA TYR C 253 -8.49 -2.82 28.98
C TYR C 253 -7.55 -2.23 27.99
N GLU C 254 -6.27 -2.50 28.23
CA GLU C 254 -5.17 -1.95 27.46
C GLU C 254 -4.43 -3.12 26.84
N ARG C 255 -4.47 -3.21 25.51
CA ARG C 255 -3.91 -4.38 24.81
C ARG C 255 -4.53 -5.74 25.24
N ARG C 256 -5.76 -5.70 25.77
CA ARG C 256 -6.57 -6.91 25.99
C ARG C 256 -8.05 -6.51 26.08
N LEU C 257 -8.94 -7.52 26.10
CA LEU C 257 -10.38 -7.31 26.04
C LEU C 257 -11.13 -8.29 26.96
N PRO C 258 -12.33 -7.94 27.37
CA PRO C 258 -13.06 -8.86 28.24
C PRO C 258 -13.55 -10.05 27.45
N ASP C 259 -13.64 -11.19 28.13
CA ASP C 259 -14.04 -12.44 27.51
C ASP C 259 -15.51 -12.38 27.17
N PRO C 260 -15.89 -12.69 25.92
CA PRO C 260 -17.29 -12.54 25.50
C PRO C 260 -18.35 -13.43 26.21
N VAL C 261 -17.88 -14.46 26.92
CA VAL C 261 -18.76 -15.35 27.68
C VAL C 261 -18.69 -15.04 29.17
N LYS C 262 -17.49 -14.87 29.70
CA LYS C 262 -17.31 -14.77 31.16
C LYS C 262 -17.28 -13.39 31.76
N ASP C 263 -17.11 -12.35 30.94
CA ASP C 263 -16.94 -11.02 31.46
C ASP C 263 -18.07 -10.13 31.06
N LEU C 264 -19.29 -10.66 31.02
CA LEU C 264 -20.50 -9.83 30.71
C LEU C 264 -20.83 -8.69 31.71
N LYS C 265 -20.22 -8.74 32.88
CA LYS C 265 -20.30 -7.64 33.84
C LYS C 265 -20.01 -6.25 33.22
N VAL C 266 -19.15 -6.20 32.19
CA VAL C 266 -18.70 -4.92 31.57
C VAL C 266 -19.84 -4.21 30.87
N THR C 267 -20.92 -4.91 30.56
CA THR C 267 -22.05 -4.27 29.87
C THR C 267 -22.82 -3.34 30.79
N GLN C 268 -22.53 -3.38 32.09
CA GLN C 268 -23.22 -2.52 33.07
C GLN C 268 -22.67 -1.11 33.18
N TRP C 269 -21.48 -0.86 32.60
CA TRP C 269 -20.88 0.47 32.61
C TRP C 269 -20.29 0.82 31.26
N ASP C 270 -20.09 2.11 31.06
CA ASP C 270 -19.35 2.57 29.87
C ASP C 270 -17.88 2.19 30.04
N TRP C 271 -17.22 1.90 28.92
CA TRP C 271 -15.81 1.53 28.98
C TRP C 271 -15.16 1.71 27.62
N GLU C 272 -13.83 1.88 27.65
CA GLU C 272 -13.09 2.14 26.43
C GLU C 272 -11.81 1.36 26.51
N ALA C 273 -11.59 0.58 25.47
CA ALA C 273 -10.35 -0.17 25.35
C ALA C 273 -9.38 0.57 24.45
N CYS C 274 -8.09 0.31 24.63
CA CYS C 274 -7.10 0.83 23.71
CA CYS C 274 -7.11 0.88 23.73
C CYS C 274 -6.12 -0.25 23.32
N MET C 275 -5.53 -0.12 22.13
CA MET C 275 -4.72 -1.20 21.58
C MET C 275 -3.61 -0.63 20.73
N THR C 276 -2.54 -1.41 20.61
CA THR C 276 -1.44 -1.16 19.70
C THR C 276 -1.50 -2.05 18.46
N ILE C 277 -0.79 -1.67 17.41
CA ILE C 277 -0.67 -2.44 16.22
C ILE C 277 0.42 -3.56 16.39
N PRO C 278 1.66 -3.20 16.75
CA PRO C 278 2.60 -4.23 17.23
C PRO C 278 2.20 -4.69 18.61
N GLU C 279 2.98 -5.59 19.18
CA GLU C 279 2.59 -6.18 20.45
C GLU C 279 2.54 -5.17 21.55
N ASN C 280 3.61 -4.36 21.66
CA ASN C 280 3.71 -3.33 22.71
C ASN C 280 4.60 -2.10 22.34
N GLN C 281 4.09 -1.28 21.42
CA GLN C 281 4.73 -0.06 20.96
C GLN C 281 3.65 0.99 20.80
N TRP C 282 3.76 2.10 21.55
CA TRP C 282 2.82 3.21 21.44
C TRP C 282 3.46 4.38 20.73
N GLY C 283 4.61 4.86 21.27
CA GLY C 283 5.47 5.79 20.53
C GLY C 283 6.09 5.14 19.31
N TYR C 284 6.53 5.95 18.36
CA TYR C 284 7.23 5.48 17.16
C TYR C 284 8.48 4.67 17.47
N HIS C 285 8.51 3.45 16.96
CA HIS C 285 9.70 2.57 17.05
C HIS C 285 10.13 2.24 15.65
N LYS C 286 11.43 2.42 15.38
CA LYS C 286 11.99 2.30 14.01
C LYS C 286 11.96 0.88 13.42
N ASP C 287 11.93 -0.13 14.28
CA ASP C 287 11.97 -1.54 13.87
C ASP C 287 10.75 -2.37 14.38
N TRP C 288 9.76 -2.51 13.51
CA TRP C 288 8.57 -3.31 13.77
C TRP C 288 8.73 -4.82 13.53
N SER C 289 9.90 -5.24 13.02
CA SER C 289 10.21 -6.69 12.88
C SER C 289 10.45 -7.37 14.23
N LEU C 290 10.49 -6.62 15.33
CA LEU C 290 10.83 -7.21 16.62
C LEU C 290 9.71 -7.94 17.36
N SER C 291 8.47 -7.78 16.93
CA SER C 291 7.35 -8.41 17.59
C SER C 291 6.27 -8.55 16.56
N TYR C 292 5.22 -9.29 16.92
CA TYR C 292 4.12 -9.53 16.01
C TYR C 292 3.35 -8.23 15.71
N VAL C 293 3.05 -8.01 14.43
CA VAL C 293 2.30 -6.87 13.94
C VAL C 293 0.91 -7.36 13.45
N LYS C 294 -0.15 -6.78 13.98
CA LYS C 294 -1.49 -7.21 13.65
C LYS C 294 -1.89 -6.83 12.25
N THR C 295 -2.68 -7.70 11.61
CA THR C 295 -3.24 -7.40 10.32
C THR C 295 -4.51 -6.62 10.53
N PRO C 296 -5.01 -6.03 9.44
CA PRO C 296 -6.21 -5.22 9.56
C PRO C 296 -7.43 -5.99 10.06
N ILE C 297 -7.63 -7.22 9.59
CA ILE C 297 -8.78 -8.02 10.06
C ILE C 297 -8.67 -8.32 11.56
N GLU C 298 -7.46 -8.57 12.04
CA GLU C 298 -7.23 -8.77 13.46
C GLU C 298 -7.62 -7.56 14.27
N VAL C 299 -7.41 -6.36 13.70
CA VAL C 299 -7.71 -5.14 14.41
C VAL C 299 -9.23 -4.93 14.38
N ILE C 300 -9.82 -5.14 13.21
CA ILE C 300 -11.27 -5.05 13.05
C ILE C 300 -12.05 -6.00 14.00
N ASP C 301 -11.53 -7.22 14.14
CA ASP C 301 -12.06 -8.19 15.08
C ASP C 301 -12.16 -7.57 16.50
N ARG C 302 -11.08 -6.95 16.94
CA ARG C 302 -10.99 -6.34 18.28
C ARG C 302 -11.92 -5.15 18.43
N ILE C 303 -12.03 -4.35 17.37
CA ILE C 303 -12.98 -3.24 17.37
C ILE C 303 -14.43 -3.73 17.55
N VAL C 304 -14.84 -4.69 16.71
CA VAL C 304 -16.19 -5.20 16.80
C VAL C 304 -16.44 -5.92 18.16
N HIS C 305 -15.42 -6.62 18.64
CA HIS C 305 -15.46 -7.29 19.93
C HIS C 305 -15.84 -6.31 20.98
N ALA C 306 -15.15 -5.17 20.99
CA ALA C 306 -15.42 -4.15 21.99
C ALA C 306 -16.87 -3.68 21.94
N VAL C 307 -17.33 -3.29 20.74
CA VAL C 307 -18.67 -2.78 20.57
C VAL C 307 -19.75 -3.83 20.95
N SER C 308 -19.50 -5.10 20.61
CA SER C 308 -20.39 -6.17 20.95
C SER C 308 -20.57 -6.35 22.43
N MET C 309 -19.63 -5.86 23.21
CA MET C 309 -19.74 -5.87 24.67
C MET C 309 -19.93 -4.47 25.30
N GLY C 310 -20.40 -3.51 24.51
CA GLY C 310 -20.81 -2.23 25.01
C GLY C 310 -19.65 -1.27 25.30
N GLY C 311 -18.53 -1.45 24.60
CA GLY C 311 -17.39 -0.58 24.82
C GLY C 311 -16.83 0.04 23.55
N ASN C 312 -16.02 1.06 23.75
CA ASN C 312 -15.35 1.73 22.65
C ASN C 312 -14.01 1.09 22.43
N MET C 313 -13.46 1.30 21.23
CA MET C 313 -12.08 0.88 20.95
C MET C 313 -11.25 2.00 20.29
N VAL C 314 -10.01 2.18 20.78
CA VAL C 314 -9.12 3.22 20.30
C VAL C 314 -7.85 2.55 19.79
N VAL C 315 -7.60 2.70 18.49
CA VAL C 315 -6.44 2.14 17.85
C VAL C 315 -5.29 3.15 17.84
N ASN C 316 -4.12 2.73 18.31
CA ASN C 316 -2.97 3.60 18.41
C ASN C 316 -2.08 3.77 17.16
N PHE C 317 -1.59 5.01 17.00
CA PHE C 317 -0.63 5.43 15.97
C PHE C 317 0.52 6.20 16.61
N GLY C 318 1.74 5.93 16.17
CA GLY C 318 2.95 6.54 16.73
C GLY C 318 3.68 7.28 15.59
N PRO C 319 3.28 8.54 15.31
CA PRO C 319 3.82 9.25 14.16
C PRO C 319 5.36 9.35 14.19
N GLN C 320 5.96 9.45 13.01
CA GLN C 320 7.41 9.66 12.90
C GLN C 320 7.85 11.06 13.39
N ALA C 321 9.13 11.16 13.68
CA ALA C 321 9.75 12.42 14.10
C ALA C 321 9.45 13.54 13.10
N ASP C 322 9.43 13.20 11.82
CA ASP C 322 9.20 14.20 10.78
C ASP C 322 7.75 14.68 10.66
N GLY C 323 6.82 14.05 11.39
CA GLY C 323 5.41 14.49 11.40
C GLY C 323 4.51 13.77 10.40
N ASP C 324 5.08 12.79 9.72
CA ASP C 324 4.37 11.91 8.81
C ASP C 324 4.13 10.55 9.53
N PHE C 325 3.30 9.71 8.94
CA PHE C 325 3.07 8.36 9.47
C PHE C 325 3.79 7.33 8.65
N ARG C 326 4.30 6.30 9.32
CA ARG C 326 4.91 5.16 8.65
C ARG C 326 3.93 4.42 7.72
N PRO C 327 4.48 3.71 6.71
CA PRO C 327 3.62 3.08 5.70
C PRO C 327 2.65 2.05 6.25
N GLU C 328 3.07 1.31 7.29
CA GLU C 328 2.22 0.27 7.89
C GLU C 328 0.95 0.90 8.51
N GLU C 329 1.13 2.10 9.09
CA GLU C 329 0.01 2.81 9.71
C GLU C 329 -0.91 3.41 8.66
N LYS C 330 -0.36 3.92 7.57
CA LYS C 330 -1.26 4.40 6.46
C LYS C 330 -2.06 3.26 5.86
N ALA C 331 -1.41 2.12 5.68
CA ALA C 331 -2.10 0.96 5.12
C ALA C 331 -3.24 0.52 6.06
N MET C 332 -2.93 0.49 7.34
CA MET C 332 -3.91 0.06 8.36
C MET C 332 -5.12 0.96 8.38
N ALA C 333 -4.89 2.27 8.39
CA ALA C 333 -5.95 3.20 8.46
C ALA C 333 -6.85 3.10 7.26
N THR C 334 -6.22 2.96 6.10
CA THR C 334 -6.94 2.79 4.83
C THR C 334 -7.77 1.52 4.81
N ALA C 335 -7.17 0.41 5.24
CA ALA C 335 -7.91 -0.86 5.30
C ALA C 335 -9.08 -0.79 6.28
N ILE C 336 -8.86 -0.24 7.46
CA ILE C 336 -9.96 -0.09 8.41
C ILE C 336 -11.05 0.76 7.83
N GLY C 337 -10.65 1.86 7.22
CA GLY C 337 -11.61 2.76 6.59
C GLY C 337 -12.51 2.14 5.54
N LYS C 338 -11.94 1.34 4.63
CA LYS C 338 -12.73 0.68 3.56
C LYS C 338 -13.81 -0.25 4.16
N TRP C 339 -13.42 -0.99 5.21
CA TRP C 339 -14.35 -1.90 5.89
C TRP C 339 -15.44 -1.16 6.62
N MET C 340 -15.06 -0.11 7.36
CA MET C 340 -16.02 0.67 8.14
C MET C 340 -17.02 1.35 7.23
N ASN C 341 -16.55 1.75 6.06
CA ASN C 341 -17.42 2.41 5.09
C ASN C 341 -18.51 1.45 4.62
N ARG C 342 -18.13 0.21 4.43
CA ARG C 342 -19.07 -0.82 4.00
C ARG C 342 -19.95 -1.36 5.14
N TYR C 343 -19.37 -1.55 6.33
CA TYR C 343 -20.04 -2.28 7.41
C TYR C 343 -20.27 -1.53 8.71
N GLY C 344 -19.95 -0.25 8.73
CA GLY C 344 -19.97 0.52 9.94
C GLY C 344 -21.32 0.70 10.58
N LYS C 345 -22.40 0.41 9.86
CA LYS C 345 -23.77 0.52 10.45
C LYS C 345 -23.90 -0.50 11.62
N ALA C 346 -23.03 -1.52 11.65
CA ALA C 346 -22.98 -2.47 12.77
C ALA C 346 -22.04 -2.04 13.91
N VAL C 347 -21.37 -0.90 13.76
CA VAL C 347 -20.40 -0.42 14.75
C VAL C 347 -20.80 0.89 15.41
N TYR C 348 -20.91 1.94 14.60
CA TYR C 348 -21.27 3.27 15.12
C TYR C 348 -22.65 3.24 15.77
N ALA C 349 -22.74 3.78 16.98
CA ALA C 349 -24.01 3.90 17.68
C ALA C 349 -24.63 2.55 18.02
N CYS C 350 -23.80 1.50 18.07
CA CYS C 350 -24.25 0.17 18.39
C CYS C 350 -23.82 -0.21 19.80
N ASP C 351 -24.31 -1.36 20.27
CA ASP C 351 -24.16 -1.76 21.66
C ASP C 351 -24.31 -3.27 21.79
N TYR C 352 -24.12 -3.77 23.01
CA TYR C 352 -24.37 -5.13 23.37
C TYR C 352 -25.80 -5.56 23.02
N ALA C 353 -25.95 -6.73 22.40
CA ALA C 353 -27.25 -7.23 21.94
C ALA C 353 -27.97 -8.22 22.87
N GLY C 354 -27.34 -8.67 23.94
CA GLY C 354 -27.96 -9.63 24.85
C GLY C 354 -28.14 -11.06 24.36
N PHE C 355 -27.45 -11.47 23.29
CA PHE C 355 -27.54 -12.86 22.76
C PHE C 355 -26.34 -13.69 23.17
N GLU C 356 -26.55 -14.98 23.36
CA GLU C 356 -25.42 -15.87 23.64
C GLU C 356 -24.41 -15.85 22.52
N LYS C 357 -23.15 -15.72 22.88
CA LYS C 357 -22.06 -15.69 21.90
C LYS C 357 -22.04 -16.97 21.07
N GLN C 358 -21.81 -16.85 19.75
CA GLN C 358 -21.62 -17.96 18.85
C GLN C 358 -20.22 -17.85 18.15
N ASP C 359 -19.76 -18.95 17.58
CA ASP C 359 -18.39 -19.11 17.15
C ASP C 359 -18.07 -18.36 15.86
N TRP C 360 -19.09 -18.02 15.09
CA TRP C 360 -18.89 -17.34 13.80
C TRP C 360 -18.46 -15.88 13.93
N GLY C 361 -18.65 -15.27 15.10
CA GLY C 361 -18.39 -13.85 15.26
C GLY C 361 -19.16 -13.20 16.38
N TYR C 362 -19.61 -11.97 16.15
CA TYR C 362 -20.19 -11.17 17.19
C TYR C 362 -21.51 -10.62 16.76
N TYR C 363 -22.37 -10.39 17.75
CA TYR C 363 -23.58 -9.62 17.54
C TYR C 363 -23.35 -8.17 18.01
N THR C 364 -23.94 -7.22 17.31
CA THR C 364 -24.15 -5.90 17.87
C THR C 364 -25.63 -5.50 17.66
N ARG C 365 -26.09 -4.58 18.50
CA ARG C 365 -27.46 -4.07 18.48
C ARG C 365 -27.49 -2.57 18.12
N GLY C 366 -28.28 -2.26 17.10
CA GLY C 366 -28.52 -0.88 16.66
C GLY C 366 -29.52 -0.11 17.51
N LYS C 367 -29.65 1.17 17.20
CA LYS C 367 -30.51 2.08 17.96
C LYS C 367 -31.99 1.75 17.82
N ASN C 368 -32.37 1.16 16.70
CA ASN C 368 -33.78 0.78 16.50
C ASN C 368 -33.94 -0.73 16.52
N ASP C 369 -33.24 -1.36 17.46
CA ASP C 369 -33.34 -2.80 17.71
C ASP C 369 -32.95 -3.69 16.52
N GLU C 370 -32.20 -3.16 15.57
CA GLU C 370 -31.52 -3.99 14.59
C GLU C 370 -30.53 -4.89 15.33
N VAL C 371 -30.40 -6.15 14.88
CA VAL C 371 -29.40 -7.06 15.42
C VAL C 371 -28.49 -7.49 14.29
N TYR C 372 -27.21 -7.18 14.46
CA TYR C 372 -26.26 -7.44 13.39
C TYR C 372 -25.41 -8.62 13.74
N MET C 373 -25.21 -9.50 12.77
CA MET C 373 -24.34 -10.62 12.92
C MET C 373 -23.10 -10.26 12.16
N VAL C 374 -21.96 -10.16 12.85
CA VAL C 374 -20.72 -9.80 12.19
C VAL C 374 -19.88 -11.07 12.17
N VAL C 375 -19.70 -11.59 10.97
CA VAL C 375 -19.13 -12.91 10.74
C VAL C 375 -17.66 -12.84 10.37
N PHE C 376 -16.84 -13.41 11.25
CA PHE C 376 -15.43 -13.46 11.07
C PHE C 376 -14.92 -14.86 10.74
N ASN C 377 -15.70 -15.89 11.17
CA ASN C 377 -15.33 -17.29 11.03
C ASN C 377 -16.42 -18.05 10.31
N GLN C 378 -16.15 -18.43 9.06
CA GLN C 378 -17.16 -18.97 8.14
C GLN C 378 -17.35 -20.48 8.37
N PRO C 379 -18.54 -20.91 8.78
CA PRO C 379 -18.74 -22.36 9.03
C PRO C 379 -18.82 -23.16 7.74
N TYR C 380 -18.06 -24.24 7.67
CA TYR C 380 -18.20 -25.21 6.56
C TYR C 380 -19.61 -25.81 6.45
N SER C 381 -20.34 -25.82 7.56
CA SER C 381 -21.75 -26.24 7.55
C SER C 381 -22.65 -25.35 6.74
N GLU C 382 -22.19 -24.14 6.42
CA GLU C 382 -22.99 -23.16 5.67
C GLU C 382 -24.20 -22.67 6.44
N ARG C 383 -24.16 -22.88 7.76
CA ARG C 383 -25.22 -22.48 8.63
C ARG C 383 -24.66 -21.70 9.85
N LEU C 384 -25.23 -20.54 10.15
CA LEU C 384 -24.79 -19.69 11.26
C LEU C 384 -25.79 -19.78 12.37
N ILE C 385 -25.35 -20.29 13.53
CA ILE C 385 -26.28 -20.64 14.57
C ILE C 385 -26.66 -19.38 15.29
N VAL C 386 -27.96 -19.20 15.51
CA VAL C 386 -28.45 -18.07 16.24
C VAL C 386 -29.39 -18.58 17.30
N LYS C 387 -28.99 -18.44 18.55
CA LYS C 387 -29.81 -18.79 19.68
C LYS C 387 -30.34 -17.50 20.28
N THR C 388 -31.68 -17.38 20.32
CA THR C 388 -32.36 -16.16 20.77
C THR C 388 -32.66 -16.17 22.25
N PRO C 389 -32.65 -15.01 22.90
CA PRO C 389 -33.09 -15.00 24.29
C PRO C 389 -34.60 -15.27 24.37
N LYS C 390 -35.05 -15.50 25.60
CA LYS C 390 -36.44 -15.85 25.88
C LYS C 390 -37.30 -14.80 25.26
N GLY C 391 -38.33 -15.19 24.51
CA GLY C 391 -39.32 -14.27 23.99
C GLY C 391 -38.96 -13.51 22.72
N ILE C 392 -37.80 -13.82 22.14
CA ILE C 392 -37.35 -13.13 20.95
C ILE C 392 -37.37 -14.08 19.78
N THR C 393 -37.88 -13.61 18.65
CA THR C 393 -37.91 -14.44 17.45
C THR C 393 -37.23 -13.67 16.35
N VAL C 394 -36.78 -14.39 15.33
CA VAL C 394 -36.12 -13.79 14.20
C VAL C 394 -37.12 -13.82 13.08
N GLU C 395 -37.51 -12.66 12.58
CA GLU C 395 -38.46 -12.58 11.47
C GLU C 395 -37.80 -12.53 10.10
N LYS C 396 -36.61 -11.95 10.02
CA LYS C 396 -35.96 -11.79 8.71
C LYS C 396 -34.47 -11.66 8.87
N ALA C 397 -33.77 -12.09 7.84
CA ALA C 397 -32.34 -11.87 7.77
C ALA C 397 -32.03 -11.30 6.41
N THR C 398 -31.10 -10.32 6.42
CA THR C 398 -30.74 -9.57 5.23
C THR C 398 -29.23 -9.35 5.17
N LEU C 399 -28.63 -9.64 4.03
CA LEU C 399 -27.24 -9.27 3.83
C LEU C 399 -27.10 -7.74 3.69
N LEU C 400 -26.31 -7.16 4.59
CA LEU C 400 -26.25 -5.69 4.71
C LEU C 400 -25.84 -4.98 3.42
N THR C 401 -24.80 -5.46 2.76
CA THR C 401 -24.27 -4.78 1.60
C THR C 401 -25.24 -4.80 0.42
N THR C 402 -25.93 -5.92 0.17
CA THR C 402 -26.74 -6.07 -1.03
C THR C 402 -28.25 -6.00 -0.81
N GLY C 403 -28.71 -6.11 0.42
CA GLY C 403 -30.13 -6.19 0.71
C GLY C 403 -30.76 -7.54 0.38
N GLU C 404 -29.97 -8.50 -0.09
CA GLU C 404 -30.51 -9.82 -0.44
C GLU C 404 -31.05 -10.56 0.80
N ASP C 405 -32.17 -11.24 0.63
CA ASP C 405 -32.82 -11.98 1.69
C ASP C 405 -32.04 -13.28 1.99
N ILE C 406 -31.97 -13.62 3.26
CA ILE C 406 -31.16 -14.75 3.71
C ILE C 406 -32.11 -15.74 4.41
N THR C 407 -32.03 -17.02 4.02
CA THR C 407 -32.85 -18.09 4.60
C THR C 407 -32.60 -18.30 6.08
N VAL C 408 -33.69 -18.35 6.83
CA VAL C 408 -33.70 -18.61 8.26
C VAL C 408 -34.52 -19.84 8.52
N VAL C 409 -33.93 -20.84 9.17
CA VAL C 409 -34.60 -22.10 9.48
C VAL C 409 -34.60 -22.32 11.01
N GLU C 410 -35.77 -22.48 11.59
CA GLU C 410 -35.88 -22.79 13.02
C GLU C 410 -35.39 -24.23 13.24
N THR C 411 -34.50 -24.45 14.19
CA THR C 411 -33.96 -25.80 14.38
C THR C 411 -34.53 -26.39 15.65
N THR C 412 -34.84 -25.52 16.59
CA THR C 412 -35.37 -25.92 17.89
C THR C 412 -36.04 -24.67 18.47
N ARG C 413 -36.74 -24.81 19.60
CA ARG C 413 -37.28 -23.65 20.32
C ARG C 413 -36.08 -22.71 20.63
N ASN C 414 -36.19 -21.45 20.26
CA ASN C 414 -35.12 -20.48 20.56
C ASN C 414 -33.80 -20.67 19.79
N GLU C 415 -33.83 -21.41 18.70
CA GLU C 415 -32.63 -21.52 17.91
C GLU C 415 -32.93 -21.65 16.42
N TYR C 416 -32.10 -21.00 15.63
CA TYR C 416 -32.19 -21.01 14.19
C TYR C 416 -30.85 -21.32 13.54
N ASN C 417 -30.90 -21.81 12.29
CA ASN C 417 -29.78 -21.76 11.38
C ASN C 417 -30.02 -20.65 10.35
N VAL C 418 -29.12 -19.66 10.32
CA VAL C 418 -29.19 -18.57 9.34
C VAL C 418 -28.20 -18.93 8.28
N SER C 419 -28.66 -19.01 7.03
CA SER C 419 -27.75 -19.46 5.97
C SER C 419 -26.66 -18.44 5.73
N VAL C 420 -25.51 -18.92 5.29
CA VAL C 420 -24.48 -18.03 4.80
C VAL C 420 -24.96 -17.52 3.44
N PRO C 421 -24.40 -16.41 2.98
CA PRO C 421 -24.83 -15.92 1.66
C PRO C 421 -24.46 -16.88 0.56
N LYS C 422 -25.25 -16.84 -0.51
CA LYS C 422 -25.05 -17.73 -1.65
C LYS C 422 -23.65 -17.55 -2.23
N LYS C 423 -23.16 -16.31 -2.30
CA LYS C 423 -21.76 -16.07 -2.67
C LYS C 423 -20.96 -15.66 -1.45
N ASN C 424 -19.82 -16.29 -1.25
CA ASN C 424 -18.99 -16.03 -0.08
C ASN C 424 -18.47 -14.60 -0.14
N PRO C 425 -18.82 -13.77 0.86
CA PRO C 425 -18.31 -12.40 0.77
C PRO C 425 -16.77 -12.21 0.74
N GLY C 426 -16.01 -13.22 1.16
CA GLY C 426 -14.53 -13.17 1.11
C GLY C 426 -13.87 -12.21 2.09
N GLU C 427 -14.64 -11.73 3.06
CA GLU C 427 -14.13 -10.87 4.12
C GLU C 427 -15.15 -10.91 5.25
N PRO C 428 -14.77 -10.44 6.47
CA PRO C 428 -15.77 -10.35 7.52
C PRO C 428 -16.97 -9.56 7.05
N TYR C 429 -18.16 -10.07 7.31
CA TYR C 429 -19.35 -9.45 6.71
C TYR C 429 -20.49 -9.35 7.71
N VAL C 430 -21.57 -8.66 7.32
CA VAL C 430 -22.70 -8.48 8.21
C VAL C 430 -24.01 -9.01 7.62
N ILE C 431 -24.74 -9.73 8.47
CA ILE C 431 -26.13 -10.06 8.21
C ILE C 431 -26.96 -9.32 9.25
N GLN C 432 -27.95 -8.59 8.77
CA GLN C 432 -28.82 -7.86 9.65
C GLN C 432 -30.09 -8.65 9.89
N LEU C 433 -30.49 -8.73 11.15
CA LEU C 433 -31.68 -9.47 11.53
C LEU C 433 -32.75 -8.53 11.92
N LYS C 434 -33.99 -8.88 11.57
CA LYS C 434 -35.15 -8.24 12.16
C LYS C 434 -35.70 -9.18 13.19
N VAL C 435 -35.76 -8.72 14.42
CA VAL C 435 -36.27 -9.54 15.50
C VAL C 435 -37.57 -8.92 16.06
N ARG C 436 -38.32 -9.75 16.81
CA ARG C 436 -39.55 -9.32 17.46
C ARG C 436 -39.53 -9.86 18.88
N ALA C 437 -39.89 -9.02 19.84
CA ALA C 437 -40.19 -9.41 21.20
C ALA C 437 -41.72 -9.46 21.40
N GLU D 1 -1.76 60.60 43.96
CA GLU D 1 -1.73 59.30 43.24
C GLU D 1 -2.72 58.28 43.80
N ILE D 2 -3.49 57.68 42.90
CA ILE D 2 -4.57 56.73 43.26
C ILE D 2 -4.14 55.24 43.21
N PRO D 3 -4.66 54.40 44.12
CA PRO D 3 -4.38 52.96 44.02
C PRO D 3 -5.36 52.26 43.05
N LEU D 4 -4.84 51.35 42.23
CA LEU D 4 -5.61 50.73 41.16
C LEU D 4 -5.20 49.28 40.96
N LYS D 5 -6.19 48.41 40.81
CA LYS D 5 -5.96 47.03 40.41
C LYS D 5 -6.01 46.86 38.88
N TYR D 6 -6.76 47.73 38.19
CA TYR D 6 -7.04 47.53 36.75
C TYR D 6 -6.54 48.68 35.87
N GLY D 7 -5.49 49.32 36.33
CA GLY D 7 -4.87 50.43 35.61
C GLY D 7 -3.75 49.92 34.74
N ALA D 8 -2.84 50.81 34.37
CA ALA D 8 -1.78 50.48 33.43
C ALA D 8 -0.81 49.45 33.98
N THR D 9 -0.15 48.76 33.06
CA THR D 9 0.83 47.74 33.39
C THR D 9 2.21 48.10 32.80
N ASN D 10 2.26 48.31 31.48
CA ASN D 10 3.48 48.78 30.76
C ASN D 10 4.10 50.03 31.40
N GLU D 11 5.44 50.07 31.48
CA GLU D 11 6.15 51.26 31.99
C GLU D 11 6.06 52.34 30.94
N GLY D 12 6.91 52.25 29.92
CA GLY D 12 6.82 53.17 28.78
C GLY D 12 6.40 52.37 27.55
N LYS D 13 7.11 52.56 26.46
CA LYS D 13 6.88 51.83 25.24
C LYS D 13 7.45 50.43 25.35
N ARG D 14 6.73 49.45 24.81
CA ARG D 14 7.27 48.11 24.70
C ARG D 14 8.40 48.14 23.68
N GLN D 15 9.48 47.42 23.98
CA GLN D 15 10.61 47.35 23.06
C GLN D 15 10.98 45.94 22.62
N ASP D 16 10.11 44.97 22.87
CA ASP D 16 10.26 43.61 22.33
C ASP D 16 10.12 43.65 20.81
N PRO D 17 10.63 42.61 20.12
CA PRO D 17 10.61 42.62 18.66
C PRO D 17 9.23 42.67 18.07
N ALA D 18 8.23 42.15 18.77
CA ALA D 18 6.89 42.15 18.22
C ALA D 18 6.31 43.56 18.19
N MET D 19 6.52 44.32 19.27
CA MET D 19 6.09 45.73 19.26
C MET D 19 6.90 46.56 18.26
N GLN D 20 8.19 46.27 18.13
CA GLN D 20 9.03 46.99 17.17
C GLN D 20 8.56 46.78 15.76
N LYS D 21 8.02 45.60 15.50
CA LYS D 21 7.50 45.28 14.20
C LYS D 21 6.16 46.04 13.99
N PHE D 22 5.28 46.00 15.00
CA PHE D 22 3.98 46.73 14.98
C PHE D 22 4.25 48.20 14.60
N ARG D 23 5.23 48.78 15.29
CA ARG D 23 5.68 50.16 15.05
C ARG D 23 6.32 50.39 13.68
N ASP D 24 7.38 49.64 13.36
CA ASP D 24 8.10 49.84 12.11
C ASP D 24 7.21 49.69 10.88
N ASN D 25 6.19 48.84 10.99
CA ASN D 25 5.25 48.69 9.87
C ASN D 25 4.71 50.06 9.35
N ARG D 26 4.33 50.91 10.31
CA ARG D 26 3.82 52.29 10.14
C ARG D 26 2.53 52.46 9.37
N LEU D 27 2.48 51.93 8.17
CA LEU D 27 1.32 52.07 7.32
C LEU D 27 0.47 50.75 7.24
N GLY D 28 -0.82 50.88 7.60
CA GLY D 28 -1.76 49.79 7.48
C GLY D 28 -3.01 50.14 6.72
N ALA D 29 -3.77 49.10 6.34
CA ALA D 29 -5.12 49.28 5.78
C ALA D 29 -6.14 48.72 6.78
N PHE D 30 -7.33 49.29 6.73
CA PHE D 30 -8.44 48.85 7.53
C PHE D 30 -9.38 48.24 6.53
N ILE D 31 -10.00 47.11 6.89
CA ILE D 31 -11.14 46.55 6.13
C ILE D 31 -12.38 46.54 7.01
N HIS D 32 -13.43 47.21 6.54
CA HIS D 32 -14.75 47.12 7.15
C HIS D 32 -15.65 46.36 6.17
N TRP D 33 -15.92 45.09 6.48
CA TRP D 33 -16.80 44.27 5.65
C TRP D 33 -17.72 43.49 6.55
N GLY D 34 -18.98 43.59 6.23
CA GLY D 34 -20.06 43.03 7.06
C GLY D 34 -21.34 43.13 6.25
N LEU D 35 -22.45 42.77 6.87
CA LEU D 35 -23.75 42.73 6.20
C LEU D 35 -24.20 44.09 5.67
N TYR D 36 -23.71 45.14 6.31
CA TYR D 36 -23.99 46.55 5.89
C TYR D 36 -23.60 46.80 4.46
N ALA D 37 -22.65 46.02 3.95
CA ALA D 37 -22.24 46.18 2.56
C ALA D 37 -23.38 45.93 1.56
N ILE D 38 -24.36 45.09 1.95
CA ILE D 38 -25.41 44.69 1.01
C ILE D 38 -26.34 45.86 0.72
N PRO D 39 -27.00 46.40 1.74
CA PRO D 39 -27.83 47.58 1.47
C PRO D 39 -27.03 48.87 1.09
N GLY D 40 -25.78 48.96 1.56
CA GLY D 40 -24.87 50.05 1.16
C GLY D 40 -25.41 51.45 1.45
N GLY D 41 -25.93 51.65 2.64
CA GLY D 41 -26.44 52.93 3.04
C GLY D 41 -27.92 53.21 2.75
N GLU D 42 -28.58 52.28 2.04
CA GLU D 42 -29.96 52.45 1.65
C GLU D 42 -30.89 51.40 2.28
N TRP D 43 -32.00 51.87 2.83
CA TRP D 43 -32.98 50.99 3.46
C TRP D 43 -34.42 51.39 3.10
N ASN D 44 -35.17 50.43 2.56
CA ASN D 44 -36.55 50.66 2.14
C ASN D 44 -36.68 51.89 1.27
N GLY D 45 -35.84 51.99 0.23
CA GLY D 45 -35.90 53.09 -0.72
C GLY D 45 -35.38 54.43 -0.24
N LYS D 46 -34.90 54.52 0.99
CA LYS D 46 -34.34 55.76 1.51
C LYS D 46 -32.81 55.65 1.73
N VAL D 47 -32.06 56.54 1.10
CA VAL D 47 -30.59 56.61 1.28
C VAL D 47 -30.26 57.41 2.55
N TYR D 48 -29.56 56.82 3.50
CA TYR D 48 -29.16 57.56 4.69
C TYR D 48 -27.70 58.08 4.55
N GLY D 49 -27.49 59.32 5.01
CA GLY D 49 -26.19 60.01 4.86
C GLY D 49 -25.17 59.57 5.89
N GLY D 50 -25.62 59.12 7.06
CA GLY D 50 -24.74 58.56 8.08
C GLY D 50 -23.85 57.39 7.62
N ALA D 51 -22.87 57.04 8.45
CA ALA D 51 -21.95 55.93 8.16
C ALA D 51 -22.75 54.64 7.85
N ALA D 52 -22.49 54.06 6.69
CA ALA D 52 -23.24 52.88 6.21
C ALA D 52 -23.22 51.70 7.17
N GLU D 53 -22.13 51.49 7.87
CA GLU D 53 -22.06 50.38 8.81
C GLU D 53 -22.97 50.57 10.02
N TRP D 54 -23.54 51.75 10.13
CA TRP D 54 -24.46 52.09 11.24
C TRP D 54 -25.90 52.16 10.73
N LEU D 55 -26.13 51.72 9.49
CA LEU D 55 -27.47 51.82 8.88
C LEU D 55 -28.57 51.15 9.70
N LYS D 56 -28.23 50.05 10.36
CA LYS D 56 -29.20 49.41 11.25
C LYS D 56 -29.76 50.46 12.20
N SER D 57 -28.89 51.30 12.74
CA SER D 57 -29.29 52.32 13.71
C SER D 57 -30.08 53.46 13.04
N TRP D 58 -29.54 53.98 11.93
CA TRP D 58 -30.15 55.13 11.28
C TRP D 58 -31.56 54.79 10.83
N ALA D 59 -31.72 53.63 10.21
CA ALA D 59 -33.03 53.19 9.69
C ALA D 59 -33.89 52.46 10.73
N LYS D 60 -33.40 52.37 11.97
CA LYS D 60 -34.12 51.66 13.06
C LYS D 60 -34.59 50.25 12.63
N VAL D 61 -33.67 49.42 12.15
CA VAL D 61 -33.99 48.06 11.71
C VAL D 61 -33.86 47.14 12.90
N PRO D 62 -34.92 46.39 13.22
CA PRO D 62 -34.77 45.38 14.30
C PRO D 62 -33.74 44.28 13.95
N ALA D 63 -33.13 43.73 14.98
CA ALA D 63 -32.03 42.77 14.79
C ALA D 63 -32.38 41.58 13.89
N ASP D 64 -33.55 40.95 14.13
CA ASP D 64 -34.01 39.82 13.33
C ASP D 64 -34.00 40.19 11.88
N GLU D 65 -34.60 41.33 11.55
CA GLU D 65 -34.69 41.71 10.16
C GLU D 65 -33.31 42.07 9.59
N TRP D 66 -32.46 42.72 10.40
CA TRP D 66 -31.15 43.14 9.90
C TRP D 66 -30.35 41.90 9.53
N LEU D 67 -30.33 40.95 10.45
CA LEU D 67 -29.51 39.74 10.31
C LEU D 67 -29.97 38.73 9.18
N LYS D 68 -31.21 38.88 8.70
CA LYS D 68 -31.70 38.22 7.47
C LYS D 68 -30.91 38.56 6.22
N LEU D 69 -30.12 39.63 6.28
CA LEU D 69 -29.22 39.96 5.18
C LEU D 69 -28.22 38.80 4.93
N MET D 70 -27.95 38.00 5.96
CA MET D 70 -27.15 36.78 5.83
C MET D 70 -27.57 35.94 4.65
N ASP D 71 -28.89 35.91 4.36
CA ASP D 71 -29.44 35.12 3.25
C ASP D 71 -28.99 35.64 1.90
N GLN D 72 -28.55 36.90 1.83
CA GLN D 72 -27.99 37.46 0.58
C GLN D 72 -26.48 37.51 0.58
N TRP D 73 -25.84 37.07 1.65
CA TRP D 73 -24.39 37.14 1.72
C TRP D 73 -23.81 36.05 0.83
N ASN D 74 -23.39 36.47 -0.36
CA ASN D 74 -22.79 35.55 -1.35
C ASN D 74 -21.76 36.28 -2.23
N PRO D 75 -20.61 36.66 -1.65
CA PRO D 75 -19.66 37.50 -2.38
C PRO D 75 -18.87 36.73 -3.44
N THR D 76 -19.50 36.53 -4.58
CA THR D 76 -18.92 35.65 -5.60
C THR D 76 -17.58 36.16 -6.14
N LYS D 77 -17.37 37.47 -6.16
CA LYS D 77 -16.07 38.04 -6.64
C LYS D 77 -14.96 38.06 -5.60
N PHE D 78 -15.26 37.67 -4.38
CA PHE D 78 -14.25 37.61 -3.36
C PHE D 78 -13.09 36.71 -3.74
N ASP D 79 -11.87 37.20 -3.56
CA ASP D 79 -10.68 36.40 -3.80
C ASP D 79 -9.64 36.92 -2.88
N ALA D 80 -9.31 36.17 -1.84
CA ALA D 80 -8.41 36.64 -0.81
C ALA D 80 -7.03 36.96 -1.35
N LYS D 81 -6.59 36.23 -2.37
CA LYS D 81 -5.24 36.47 -2.96
C LYS D 81 -5.20 37.81 -3.67
N LYS D 82 -6.30 38.18 -4.31
CA LYS D 82 -6.40 39.47 -4.96
C LYS D 82 -6.41 40.63 -3.93
N TRP D 83 -7.15 40.44 -2.83
CA TRP D 83 -7.16 41.42 -1.73
C TRP D 83 -5.76 41.63 -1.18
N ALA D 84 -5.04 40.53 -0.93
CA ALA D 84 -3.67 40.61 -0.40
C ALA D 84 -2.70 41.28 -1.40
N LYS D 85 -2.96 41.08 -2.71
CA LYS D 85 -2.11 41.66 -3.76
C LYS D 85 -2.34 43.19 -3.83
N MET D 86 -3.60 43.60 -3.72
CA MET D 86 -3.94 45.03 -3.62
C MET D 86 -3.27 45.73 -2.41
N ALA D 87 -3.32 45.11 -1.23
CA ALA D 87 -2.63 45.65 -0.06
C ALA D 87 -1.10 45.72 -0.23
N LYS D 88 -0.50 44.67 -0.81
CA LYS D 88 0.95 44.66 -1.10
C LYS D 88 1.35 45.82 -2.03
N GLU D 89 0.58 46.00 -3.10
CA GLU D 89 0.78 47.06 -4.08
C GLU D 89 0.61 48.46 -3.50
N MET D 90 -0.35 48.62 -2.58
CA MET D 90 -0.52 49.90 -1.85
C MET D 90 0.68 50.25 -0.93
N GLY D 91 1.48 49.25 -0.58
CA GLY D 91 2.60 49.44 0.32
C GLY D 91 2.24 49.27 1.78
N THR D 92 1.08 48.70 2.09
CA THR D 92 0.69 48.47 3.48
C THR D 92 1.48 47.30 4.03
N LYS D 93 1.90 47.40 5.26
CA LYS D 93 2.63 46.32 5.93
C LYS D 93 1.73 45.50 6.85
N TYR D 94 0.50 45.98 7.05
CA TYR D 94 -0.50 45.26 7.86
C TYR D 94 -1.87 45.63 7.49
N VAL D 95 -2.81 44.75 7.86
CA VAL D 95 -4.22 44.96 7.63
C VAL D 95 -5.04 44.61 8.90
N LYS D 96 -5.98 45.51 9.23
CA LYS D 96 -6.84 45.37 10.40
C LYS D 96 -8.21 45.03 9.85
N ILE D 97 -8.77 43.88 10.29
CA ILE D 97 -9.97 43.33 9.69
C ILE D 97 -11.09 43.30 10.71
N THR D 98 -12.27 43.71 10.29
CA THR D 98 -13.44 43.63 11.15
C THR D 98 -13.91 42.15 11.27
N THR D 99 -13.53 41.50 12.37
CA THR D 99 -13.91 40.12 12.60
C THR D 99 -15.39 40.09 12.89
N LYS D 100 -15.83 41.11 13.62
CA LYS D 100 -17.24 41.32 13.96
C LYS D 100 -17.39 42.84 14.19
N HIS D 101 -18.34 43.49 13.49
CA HIS D 101 -18.70 44.87 13.78
C HIS D 101 -19.92 44.91 14.76
N HIS D 102 -20.52 46.09 15.00
CA HIS D 102 -21.59 46.23 15.99
C HIS D 102 -22.78 45.31 15.68
N GLU D 103 -23.09 45.15 14.39
CA GLU D 103 -24.16 44.30 13.91
C GLU D 103 -24.07 42.86 14.45
N GLY D 104 -22.84 42.39 14.76
CA GLY D 104 -22.62 41.09 15.39
C GLY D 104 -22.33 39.89 14.45
N PHE D 105 -22.44 40.10 13.14
CA PHE D 105 -22.19 39.07 12.14
C PHE D 105 -20.71 38.76 12.08
N CYS D 106 -20.33 37.48 12.20
CA CYS D 106 -18.95 37.12 12.32
C CYS D 106 -18.41 36.66 10.99
N LEU D 107 -17.19 37.12 10.66
CA LEU D 107 -16.54 36.74 9.40
C LEU D 107 -15.76 35.43 9.50
N TRP D 108 -15.74 34.87 10.70
CA TRP D 108 -15.32 33.51 10.94
C TRP D 108 -16.46 32.64 11.51
N PRO D 109 -16.36 31.30 11.38
CA PRO D 109 -17.51 30.47 11.75
C PRO D 109 -17.48 30.19 13.26
N SER D 110 -17.90 31.18 14.04
CA SER D 110 -17.83 31.04 15.49
C SER D 110 -18.77 29.93 15.95
N LYS D 111 -18.34 29.25 16.98
CA LYS D 111 -19.14 28.22 17.60
C LYS D 111 -20.15 28.84 18.57
N TYR D 112 -20.00 30.12 18.91
CA TYR D 112 -20.81 30.71 19.99
C TYR D 112 -22.00 31.54 19.55
N THR D 113 -22.26 31.61 18.25
CA THR D 113 -23.47 32.26 17.76
C THR D 113 -23.76 31.74 16.35
N LYS D 114 -25.03 31.82 15.95
CA LYS D 114 -25.42 31.42 14.60
C LYS D 114 -25.19 32.50 13.56
N TYR D 115 -24.92 33.72 14.01
CA TYR D 115 -24.80 34.85 13.09
C TYR D 115 -23.40 34.92 12.55
N THR D 116 -23.08 34.00 11.64
CA THR D 116 -21.75 33.87 11.07
C THR D 116 -21.78 33.52 9.61
N VAL D 117 -20.61 33.62 9.00
CA VAL D 117 -20.41 33.30 7.61
C VAL D 117 -20.87 31.87 7.27
N ALA D 118 -20.76 30.95 8.23
CA ALA D 118 -21.11 29.53 8.01
C ALA D 118 -22.61 29.34 7.69
N ASN D 119 -23.46 30.20 8.23
CA ASN D 119 -24.90 30.15 7.93
C ASN D 119 -25.33 31.14 6.84
N THR D 120 -24.47 31.32 5.84
CA THR D 120 -24.77 32.16 4.68
C THR D 120 -24.64 31.27 3.47
N PRO D 121 -25.25 31.64 2.35
CA PRO D 121 -24.98 30.86 1.13
C PRO D 121 -23.51 30.63 0.87
N TYR D 122 -22.66 31.58 1.24
CA TYR D 122 -21.24 31.50 0.91
C TYR D 122 -20.52 30.49 1.76
N LYS D 123 -20.94 30.36 3.01
CA LYS D 123 -20.41 29.34 3.95
C LYS D 123 -18.95 29.48 4.39
N ARG D 124 -18.08 29.95 3.53
CA ARG D 124 -16.64 29.86 3.80
C ARG D 124 -16.11 30.78 4.88
N ASP D 125 -15.01 30.35 5.52
CA ASP D 125 -14.32 31.13 6.55
C ASP D 125 -13.49 32.27 5.91
N ILE D 126 -14.17 33.34 5.54
CA ILE D 126 -13.57 34.57 5.00
C ILE D 126 -12.36 35.02 5.80
N LEU D 127 -12.53 35.11 7.11
CA LEU D 127 -11.44 35.60 7.94
C LEU D 127 -10.19 34.70 7.83
N GLY D 128 -10.39 33.37 7.87
CA GLY D 128 -9.26 32.45 7.71
C GLY D 128 -8.61 32.58 6.36
N GLU D 129 -9.42 32.71 5.30
CA GLU D 129 -8.87 32.91 3.95
C GLU D 129 -8.03 34.18 3.87
N LEU D 130 -8.52 35.26 4.51
CA LEU D 130 -7.78 36.53 4.52
C LEU D 130 -6.49 36.40 5.26
N VAL D 131 -6.53 35.81 6.45
CA VAL D 131 -5.34 35.66 7.26
C VAL D 131 -4.23 34.97 6.45
N LYS D 132 -4.61 33.89 5.79
CA LYS D 132 -3.67 33.09 5.00
C LYS D 132 -3.12 33.91 3.83
N ALA D 133 -4.01 34.57 3.09
CA ALA D 133 -3.61 35.34 1.92
C ALA D 133 -2.68 36.53 2.27
N TYR D 134 -3.03 37.26 3.33
CA TYR D 134 -2.18 38.36 3.75
C TYR D 134 -0.84 37.83 4.22
N ASN D 135 -0.87 36.84 5.09
CA ASN D 135 0.38 36.28 5.64
C ASN D 135 1.31 35.77 4.52
N ASP D 136 0.73 35.13 3.50
CA ASP D 136 1.48 34.71 2.29
C ASP D 136 2.18 35.89 1.57
N GLU D 137 1.62 37.10 1.65
CA GLU D 137 2.28 38.27 1.09
C GLU D 137 3.24 38.99 2.05
N GLY D 138 3.48 38.41 3.23
CA GLY D 138 4.35 39.01 4.25
C GLY D 138 3.69 40.16 5.01
N ILE D 139 2.36 40.19 5.07
CA ILE D 139 1.57 41.29 5.65
C ILE D 139 0.94 40.82 6.97
N ASP D 140 1.24 41.51 8.07
CA ASP D 140 0.68 41.16 9.37
C ASP D 140 -0.85 41.38 9.39
N VAL D 141 -1.54 40.64 10.25
CA VAL D 141 -2.98 40.79 10.39
C VAL D 141 -3.36 41.12 11.82
N HIS D 142 -4.27 42.08 11.94
CA HIS D 142 -4.74 42.58 13.23
C HIS D 142 -6.23 42.40 13.17
N PHE D 143 -6.81 42.12 14.32
CA PHE D 143 -8.25 41.86 14.38
C PHE D 143 -8.96 42.99 15.07
N TYR D 144 -9.84 43.64 14.32
CA TYR D 144 -10.84 44.55 14.92
C TYR D 144 -11.94 43.70 15.54
N PHE D 145 -12.39 44.08 16.72
CA PHE D 145 -13.47 43.36 17.41
C PHE D 145 -14.37 44.34 18.12
N SER D 146 -15.66 44.35 17.78
CA SER D 146 -16.62 45.19 18.48
C SER D 146 -17.19 44.51 19.71
N VAL D 147 -16.91 45.05 20.90
CA VAL D 147 -17.55 44.54 22.10
C VAL D 147 -19.06 44.72 22.03
N MET D 148 -19.53 45.92 21.79
CA MET D 148 -20.94 46.19 21.57
C MET D 148 -21.42 45.26 20.44
N ASP D 149 -22.56 44.61 20.67
CA ASP D 149 -23.05 43.58 19.76
C ASP D 149 -24.59 43.65 19.71
N TRP D 150 -25.11 44.18 18.61
CA TRP D 150 -26.52 44.38 18.41
C TRP D 150 -27.28 43.08 18.09
N SER D 151 -26.56 41.96 17.94
CA SER D 151 -27.23 40.67 17.62
C SER D 151 -27.55 39.87 18.86
N ASN D 152 -26.83 40.10 19.96
CA ASN D 152 -26.99 39.37 21.20
C ASN D 152 -27.84 40.15 22.21
N PRO D 153 -29.04 39.63 22.54
CA PRO D 153 -29.94 40.38 23.42
C PRO D 153 -29.48 40.43 24.88
N ASP D 154 -28.42 39.72 25.24
CA ASP D 154 -27.79 39.91 26.57
C ASP D 154 -26.90 41.15 26.65
N TYR D 155 -26.69 41.82 25.52
CA TYR D 155 -25.96 43.09 25.56
C TYR D 155 -26.76 44.12 26.38
N ARG D 156 -26.04 44.90 27.19
CA ARG D 156 -26.61 46.06 27.92
C ARG D 156 -25.78 47.36 27.74
N TYR D 157 -26.49 48.46 27.53
CA TYR D 157 -25.88 49.78 27.41
C TYR D 157 -25.45 50.31 28.77
N ASP D 158 -26.26 50.02 29.77
CA ASP D 158 -25.95 50.34 31.15
C ASP D 158 -26.51 49.25 32.07
N ILE D 159 -25.97 49.20 33.27
CA ILE D 159 -26.44 48.30 34.33
C ILE D 159 -27.38 49.06 35.30
N LYS D 160 -28.70 48.92 35.08
CA LYS D 160 -29.71 49.61 35.91
C LYS D 160 -30.49 48.65 36.87
N SER D 161 -30.14 47.36 36.88
CA SER D 161 -30.83 46.36 37.70
C SER D 161 -30.00 45.11 37.89
N LYS D 162 -30.45 44.23 38.78
CA LYS D 162 -29.79 42.93 38.97
C LYS D 162 -30.00 42.04 37.72
N GLU D 163 -31.16 42.18 37.04
CA GLU D 163 -31.44 41.44 35.79
C GLU D 163 -30.42 41.81 34.70
N ASP D 164 -30.23 43.12 34.54
CA ASP D 164 -29.22 43.67 33.63
C ASP D 164 -27.86 43.07 33.94
N SER D 165 -27.50 43.05 35.22
CA SER D 165 -26.18 42.55 35.64
C SER D 165 -25.97 41.07 35.28
N ILE D 166 -27.04 40.30 35.38
CA ILE D 166 -26.99 38.87 35.10
C ILE D 166 -26.79 38.64 33.60
N ALA D 167 -27.65 39.29 32.80
CA ALA D 167 -27.59 39.27 31.33
C ALA D 167 -26.23 39.70 30.82
N PHE D 168 -25.72 40.78 31.39
CA PHE D 168 -24.46 41.32 30.92
C PHE D 168 -23.31 40.41 31.31
N SER D 169 -23.43 39.77 32.45
CA SER D 169 -22.39 38.85 32.88
C SER D 169 -22.26 37.71 31.88
N ARG D 170 -23.39 37.25 31.38
CA ARG D 170 -23.41 36.23 30.31
C ARG D 170 -22.77 36.75 29.02
N PHE D 171 -23.14 37.97 28.69
CA PHE D 171 -22.58 38.64 27.52
C PHE D 171 -21.03 38.71 27.56
N LEU D 172 -20.46 39.08 28.71
CA LEU D 172 -18.99 39.09 28.87
C LEU D 172 -18.35 37.72 28.68
N GLU D 173 -19.05 36.67 29.10
CA GLU D 173 -18.51 35.27 28.98
C GLU D 173 -18.52 34.86 27.52
N PHE D 174 -19.62 35.17 26.87
CA PHE D 174 -19.76 35.00 25.41
C PHE D 174 -18.69 35.74 24.62
N THR D 175 -18.45 36.98 25.01
CA THR D 175 -17.35 37.75 24.43
C THR D 175 -16.00 37.08 24.65
N ASP D 176 -15.71 36.66 25.89
CA ASP D 176 -14.44 35.98 26.16
C ASP D 176 -14.24 34.75 25.28
N ASN D 177 -15.34 34.03 25.08
CA ASN D 177 -15.33 32.79 24.30
C ASN D 177 -14.99 33.04 22.84
N GLN D 178 -15.68 34.02 22.25
CA GLN D 178 -15.30 34.48 20.92
C GLN D 178 -13.82 34.90 20.88
N LEU D 179 -13.37 35.65 21.86
CA LEU D 179 -11.97 36.14 21.83
C LEU D 179 -10.92 35.01 21.88
N LYS D 180 -11.14 34.07 22.81
CA LYS D 180 -10.28 32.86 22.88
C LYS D 180 -10.30 32.07 21.58
N GLU D 181 -11.49 31.94 21.01
CA GLU D 181 -11.66 31.24 19.77
C GLU D 181 -10.82 31.85 18.65
N LEU D 182 -10.93 33.17 18.50
CA LEU D 182 -10.13 33.88 17.49
C LEU D 182 -8.61 33.68 17.70
N ALA D 183 -8.21 33.79 18.95
CA ALA D 183 -6.78 33.70 19.30
C ALA D 183 -6.17 32.34 19.02
N THR D 184 -6.99 31.29 19.20
CA THR D 184 -6.54 29.88 19.05
C THR D 184 -6.77 29.37 17.64
N ARG D 185 -7.86 29.77 17.01
CA ARG D 185 -8.05 29.48 15.60
C ARG D 185 -7.07 30.11 14.66
N TYR D 186 -6.65 31.35 14.95
CA TYR D 186 -5.80 32.13 14.02
C TYR D 186 -4.57 32.67 14.74
N PRO D 187 -3.65 31.77 15.12
CA PRO D 187 -2.56 32.14 16.04
C PRO D 187 -1.48 33.06 15.42
N THR D 188 -1.50 33.33 14.10
CA THR D 188 -0.63 34.39 13.52
C THR D 188 -1.06 35.88 13.80
N VAL D 189 -2.25 36.06 14.41
CA VAL D 189 -2.78 37.40 14.72
C VAL D 189 -1.78 38.20 15.56
N LYS D 190 -1.59 39.48 15.20
CA LYS D 190 -0.57 40.32 15.89
C LYS D 190 -1.15 41.40 16.80
N ASP D 191 -2.46 41.59 16.73
CA ASP D 191 -3.10 42.70 17.42
C ASP D 191 -4.61 42.44 17.54
N PHE D 192 -5.18 42.84 18.67
CA PHE D 192 -6.63 43.01 18.81
C PHE D 192 -6.95 44.51 19.02
N TRP D 193 -7.82 45.06 18.16
CA TRP D 193 -8.19 46.46 18.20
C TRP D 193 -9.67 46.56 18.57
N PHE D 194 -9.92 46.79 19.86
CA PHE D 194 -11.26 46.79 20.35
C PHE D 194 -11.95 48.11 20.04
N ASP D 195 -13.25 48.03 19.76
CA ASP D 195 -14.12 49.17 19.46
C ASP D 195 -15.44 48.91 20.20
N GLY D 196 -16.33 49.89 20.21
CA GLY D 196 -17.62 49.74 20.79
C GLY D 196 -17.53 49.42 22.28
N THR D 197 -16.62 50.06 22.98
CA THR D 197 -16.35 49.84 24.40
C THR D 197 -16.78 51.02 25.26
N TRP D 198 -17.55 51.92 24.68
CA TRP D 198 -17.80 53.21 25.31
C TRP D 198 -19.01 53.21 26.24
N ASP D 199 -19.88 52.20 26.15
CA ASP D 199 -21.11 52.23 26.97
C ASP D 199 -20.79 52.11 28.45
N ALA D 200 -21.69 52.68 29.25
CA ALA D 200 -21.56 52.69 30.72
C ALA D 200 -21.36 51.29 31.30
N SER D 201 -22.04 50.34 30.65
CA SER D 201 -21.90 48.94 31.03
C SER D 201 -20.44 48.54 31.07
N VAL D 202 -19.68 48.93 30.05
CA VAL D 202 -18.27 48.52 29.99
C VAL D 202 -17.42 49.34 30.96
N LYS D 203 -17.71 50.64 31.01
CA LYS D 203 -16.97 51.54 31.92
C LYS D 203 -17.11 51.08 33.40
N LYS D 204 -18.28 50.54 33.73
CA LYS D 204 -18.50 50.02 35.09
C LYS D 204 -17.73 48.75 35.38
N ASN D 205 -17.19 48.11 34.34
CA ASN D 205 -16.58 46.79 34.45
C ASN D 205 -15.14 46.75 33.97
N GLY D 206 -14.37 47.67 34.52
CA GLY D 206 -12.97 47.82 34.17
C GLY D 206 -12.16 46.57 34.34
N TRP D 207 -12.50 45.81 35.39
CA TRP D 207 -11.80 44.55 35.70
C TRP D 207 -11.82 43.62 34.44
N TRP D 208 -12.94 43.61 33.73
CA TRP D 208 -13.08 42.72 32.59
C TRP D 208 -12.08 43.10 31.48
N THR D 209 -11.92 44.43 31.29
CA THR D 209 -11.09 44.94 30.20
C THR D 209 -9.66 44.55 30.45
N ALA D 210 -9.23 44.68 31.71
CA ALA D 210 -7.87 44.26 32.10
C ALA D 210 -7.67 42.75 31.93
N HIS D 211 -8.74 42.00 32.24
CA HIS D 211 -8.76 40.54 32.13
C HIS D 211 -8.67 40.11 30.65
N ALA D 212 -9.46 40.76 29.79
CA ALA D 212 -9.39 40.44 28.37
C ALA D 212 -7.98 40.64 27.85
N GLU D 213 -7.35 41.73 28.28
CA GLU D 213 -5.98 42.03 27.84
C GLU D 213 -5.00 40.93 28.21
N GLN D 214 -5.01 40.58 29.49
CA GLN D 214 -4.10 39.53 30.02
C GLN D 214 -4.39 38.17 29.37
N MET D 215 -5.67 37.84 29.27
CA MET D 215 -6.10 36.57 28.66
C MET D 215 -5.51 36.41 27.26
N LEU D 216 -5.64 37.44 26.44
CA LEU D 216 -5.15 37.33 25.08
C LEU D 216 -3.64 37.28 25.02
N LYS D 217 -3.00 38.00 25.92
CA LYS D 217 -1.55 38.06 25.91
C LYS D 217 -0.97 36.69 26.29
N GLU D 218 -1.65 36.00 27.20
CA GLU D 218 -1.28 34.58 27.52
C GLU D 218 -1.49 33.66 26.35
N LEU D 219 -2.51 33.89 25.56
CA LEU D 219 -2.76 33.04 24.41
C LEU D 219 -1.93 33.31 23.16
N VAL D 220 -1.51 34.56 22.98
CA VAL D 220 -0.78 34.93 21.78
C VAL D 220 0.47 35.71 22.19
N PRO D 221 1.63 35.02 22.18
CA PRO D 221 2.86 35.74 22.57
C PRO D 221 3.13 37.00 21.70
N GLY D 222 3.34 38.12 22.38
CA GLY D 222 3.73 39.39 21.71
C GLY D 222 2.58 40.16 21.06
N VAL D 223 1.37 39.71 21.30
CA VAL D 223 0.21 40.33 20.71
C VAL D 223 0.03 41.74 21.30
N ALA D 224 -0.48 42.62 20.44
CA ALA D 224 -0.71 44.02 20.82
C ALA D 224 -2.16 44.21 21.09
N ILE D 225 -2.44 45.06 22.04
CA ILE D 225 -3.80 45.33 22.49
C ILE D 225 -3.98 46.84 22.57
N ASN D 226 -5.04 47.37 21.92
CA ASN D 226 -5.24 48.83 21.90
C ASN D 226 -5.78 49.41 23.18
N SER D 227 -5.56 50.72 23.36
CA SER D 227 -5.99 51.43 24.59
C SER D 227 -7.50 51.50 24.70
N ARG D 228 -8.18 51.53 23.55
CA ARG D 228 -9.65 51.71 23.49
C ARG D 228 -10.45 50.59 24.23
N LEU D 229 -9.83 49.43 24.36
CA LEU D 229 -10.39 48.35 25.16
C LEU D 229 -10.61 48.81 26.59
N ARG D 230 -9.61 49.52 27.12
CA ARG D 230 -9.35 49.52 28.55
C ARG D 230 -10.08 50.60 29.31
N ALA D 231 -10.55 50.19 30.49
CA ALA D 231 -11.13 51.09 31.51
C ALA D 231 -10.54 50.67 32.84
N ASP D 232 -10.29 51.63 33.73
CA ASP D 232 -9.72 51.29 35.02
C ASP D 232 -10.85 51.12 36.06
N ASP D 233 -10.43 50.96 37.32
CA ASP D 233 -11.32 50.75 38.48
C ASP D 233 -12.40 51.80 38.56
N LYS D 234 -12.09 53.02 38.13
CA LYS D 234 -13.00 54.16 38.28
C LYS D 234 -13.81 54.47 37.05
N GLY D 235 -13.66 53.64 36.00
CA GLY D 235 -14.35 53.90 34.74
C GLY D 235 -13.65 54.87 33.78
N LYS D 236 -12.40 55.25 34.09
CA LYS D 236 -11.59 56.07 33.17
C LYS D 236 -11.02 55.27 32.00
N ARG D 237 -11.27 55.72 30.77
CA ARG D 237 -10.88 54.98 29.56
C ARG D 237 -9.56 55.47 28.91
N HIS D 238 -8.88 54.55 28.22
CA HIS D 238 -7.60 54.81 27.50
C HIS D 238 -6.38 55.05 28.43
N PHE D 239 -6.44 56.11 29.21
CA PHE D 239 -5.41 56.40 30.21
C PHE D 239 -6.08 56.27 31.57
N ASP D 240 -5.39 55.66 32.51
CA ASP D 240 -6.00 55.40 33.79
C ASP D 240 -6.06 56.67 34.66
N SER D 241 -6.55 56.50 35.88
CA SER D 241 -6.74 57.63 36.81
C SER D 241 -5.41 58.30 37.27
N ASN D 242 -4.28 57.62 37.08
CA ASN D 242 -2.95 58.20 37.30
C ASN D 242 -2.27 58.68 36.01
N GLY D 243 -3.05 58.92 34.95
CA GLY D 243 -2.53 59.43 33.68
C GLY D 243 -1.68 58.45 32.89
N ARG D 244 -1.71 57.17 33.24
CA ARG D 244 -0.88 56.18 32.55
C ARG D 244 -1.68 55.48 31.44
N LEU D 245 -1.01 55.26 30.31
CA LEU D 245 -1.63 54.62 29.14
C LEU D 245 -1.90 53.15 29.41
N MET D 246 -3.15 52.74 29.22
CA MET D 246 -3.51 51.31 29.28
C MET D 246 -3.47 50.71 27.87
N GLY D 247 -3.19 49.42 27.84
CA GLY D 247 -2.95 48.77 26.59
C GLY D 247 -1.56 49.08 26.12
N ASP D 248 -1.29 48.70 24.88
CA ASP D 248 0.06 48.81 24.33
C ASP D 248 0.30 50.07 23.49
N TYR D 249 -0.79 50.70 23.05
CA TYR D 249 -0.72 51.87 22.19
C TYR D 249 -2.00 52.66 22.25
N GLU D 250 -1.90 53.96 22.06
CA GLU D 250 -3.01 54.89 22.08
C GLU D 250 -3.77 54.82 20.76
N SER D 251 -5.10 54.80 20.85
CA SER D 251 -5.97 54.46 19.75
C SER D 251 -7.23 55.34 19.68
N GLY D 252 -7.12 56.62 19.96
CA GLY D 252 -8.29 57.54 19.89
C GLY D 252 -8.32 58.46 18.68
N TYR D 253 -7.23 58.53 17.89
CA TYR D 253 -7.18 59.48 16.78
C TYR D 253 -7.85 58.87 15.59
N GLU D 254 -9.15 59.17 15.46
CA GLU D 254 -10.01 58.58 14.46
C GLU D 254 -10.61 59.67 13.59
N ARG D 255 -10.23 59.70 12.31
CA ARG D 255 -10.53 60.80 11.42
C ARG D 255 -9.99 62.19 11.90
N ARG D 256 -8.97 62.20 12.75
CA ARG D 256 -8.27 63.41 13.18
C ARG D 256 -6.89 63.00 13.67
N LEU D 257 -6.02 64.00 13.83
CA LEU D 257 -4.62 63.81 14.16
C LEU D 257 -4.14 64.85 15.17
N PRO D 258 -3.14 64.49 15.97
CA PRO D 258 -2.62 65.47 16.92
C PRO D 258 -1.94 66.64 16.21
N ASP D 259 -2.02 67.79 16.86
CA ASP D 259 -1.47 69.02 16.30
C ASP D 259 0.04 68.93 16.33
N PRO D 260 0.70 69.21 15.19
CA PRO D 260 2.20 69.05 15.16
C PRO D 260 3.05 69.99 16.06
N VAL D 261 2.43 71.04 16.59
CA VAL D 261 3.10 71.99 17.49
C VAL D 261 2.64 71.75 18.91
N LYS D 262 1.34 71.62 19.11
CA LYS D 262 0.82 71.56 20.48
C LYS D 262 0.66 70.19 21.13
N ASP D 263 0.65 69.13 20.34
CA ASP D 263 0.37 67.78 20.88
C ASP D 263 1.58 66.88 20.81
N LEU D 264 2.77 67.43 21.06
CA LEU D 264 3.99 66.61 21.10
C LEU D 264 4.04 65.52 22.22
N LYS D 265 3.15 65.61 23.17
CA LYS D 265 3.05 64.60 24.21
C LYS D 265 2.91 63.17 23.62
N VAL D 266 2.33 63.05 22.43
CA VAL D 266 2.07 61.75 21.82
C VAL D 266 3.35 61.01 21.49
N THR D 267 4.49 61.70 21.45
CA THR D 267 5.72 61.06 21.04
C THR D 267 6.24 60.17 22.16
N GLN D 268 5.65 60.28 23.32
CA GLN D 268 6.08 59.51 24.50
C GLN D 268 5.50 58.09 24.54
N TRP D 269 4.52 57.79 23.68
CA TRP D 269 3.94 56.44 23.61
C TRP D 269 3.66 56.03 22.18
N ASP D 270 3.54 54.72 22.00
CA ASP D 270 3.12 54.20 20.70
C ASP D 270 1.64 54.58 20.48
N TRP D 271 1.26 54.81 19.23
CA TRP D 271 -0.09 55.16 18.95
C TRP D 271 -0.37 54.91 17.50
N GLU D 272 -1.64 54.73 17.21
CA GLU D 272 -2.06 54.45 15.87
C GLU D 272 -3.32 55.25 15.57
N ALA D 273 -3.34 55.88 14.41
CA ALA D 273 -4.51 56.60 13.93
C ALA D 273 -5.18 55.84 12.86
N CYS D 274 -6.45 56.14 12.65
CA CYS D 274 -7.15 55.58 11.51
C CYS D 274 -7.98 56.66 10.82
N MET D 275 -8.30 56.43 9.56
CA MET D 275 -8.96 57.44 8.77
C MET D 275 -9.81 56.80 7.68
N THR D 276 -10.80 57.56 7.22
CA THR D 276 -11.63 57.23 6.09
C THR D 276 -11.30 58.08 4.89
N ILE D 277 -11.72 57.61 3.72
CA ILE D 277 -11.49 58.32 2.47
C ILE D 277 -12.56 59.40 2.27
N PRO D 278 -13.86 59.04 2.31
CA PRO D 278 -14.87 60.11 2.44
C PRO D 278 -14.81 60.71 3.82
N GLU D 279 -15.71 61.66 4.12
CA GLU D 279 -15.71 62.28 5.42
C GLU D 279 -15.94 61.34 6.58
N ASN D 280 -16.99 60.52 6.45
CA ASN D 280 -17.38 59.56 7.49
C ASN D 280 -18.14 58.33 6.94
N GLN D 281 -17.42 57.43 6.26
CA GLN D 281 -17.93 56.15 5.75
C GLN D 281 -16.83 55.08 5.94
N TRP D 282 -17.11 54.06 6.76
CA TRP D 282 -16.20 52.94 6.96
C TRP D 282 -16.65 51.69 6.18
N GLY D 283 -17.88 51.23 6.46
CA GLY D 283 -18.52 50.26 5.59
C GLY D 283 -18.84 50.83 4.22
N TYR D 284 -19.02 49.96 3.24
CA TYR D 284 -19.44 50.35 1.89
C TYR D 284 -20.73 51.17 1.83
N HIS D 285 -20.64 52.36 1.24
CA HIS D 285 -21.79 53.21 0.98
C HIS D 285 -21.84 53.43 -0.50
N LYS D 286 -23.03 53.25 -1.07
CA LYS D 286 -23.26 53.29 -2.51
C LYS D 286 -23.08 54.66 -3.18
N ASP D 287 -23.26 55.72 -2.42
CA ASP D 287 -23.18 57.10 -2.94
C ASP D 287 -22.12 57.99 -2.25
N TRP D 288 -20.93 58.05 -2.84
CA TRP D 288 -19.82 58.87 -2.30
C TRP D 288 -19.93 60.37 -2.65
N SER D 289 -20.90 60.75 -3.48
CA SER D 289 -21.15 62.14 -3.80
C SER D 289 -21.71 62.95 -2.62
N LEU D 290 -22.05 62.29 -1.51
CA LEU D 290 -22.75 62.99 -0.42
C LEU D 290 -21.85 63.76 0.52
N SER D 291 -20.53 63.55 0.44
CA SER D 291 -19.59 64.23 1.34
C SER D 291 -18.27 64.30 0.62
N TYR D 292 -17.35 65.08 1.18
CA TYR D 292 -16.05 65.30 0.57
C TYR D 292 -15.23 63.99 0.55
N VAL D 293 -14.62 63.70 -0.60
CA VAL D 293 -13.76 62.53 -0.80
C VAL D 293 -12.31 62.97 -0.95
N LYS D 294 -11.41 62.42 -0.13
CA LYS D 294 -10.04 62.87 -0.11
C LYS D 294 -9.27 62.43 -1.32
N THR D 295 -8.34 63.27 -1.77
CA THR D 295 -7.47 62.93 -2.85
C THR D 295 -6.31 62.15 -2.27
N PRO D 296 -5.57 61.48 -3.15
CA PRO D 296 -4.45 60.74 -2.67
C PRO D 296 -3.43 61.59 -1.90
N ILE D 297 -3.14 62.79 -2.36
CA ILE D 297 -2.11 63.63 -1.67
C ILE D 297 -2.60 64.02 -0.27
N GLU D 298 -3.88 64.29 -0.14
CA GLU D 298 -4.49 64.54 1.16
C GLU D 298 -4.36 63.36 2.10
N VAL D 299 -4.41 62.13 1.56
CA VAL D 299 -4.23 60.95 2.37
C VAL D 299 -2.78 60.79 2.76
N ILE D 300 -1.92 60.98 1.79
CA ILE D 300 -0.47 60.84 2.01
C ILE D 300 0.07 61.85 3.06
N ASP D 301 -0.45 63.07 3.01
CA ASP D 301 -0.19 64.09 4.03
C ASP D 301 -0.47 63.56 5.44
N ARG D 302 -1.65 62.94 5.61
CA ARG D 302 -2.05 62.44 6.90
C ARG D 302 -1.17 61.28 7.36
N ILE D 303 -0.79 60.42 6.41
CA ILE D 303 0.08 59.30 6.71
C ILE D 303 1.40 59.81 7.25
N VAL D 304 2.01 60.72 6.49
CA VAL D 304 3.33 61.28 6.89
C VAL D 304 3.27 62.07 8.19
N HIS D 305 2.15 62.80 8.34
CA HIS D 305 1.86 63.52 9.57
C HIS D 305 1.94 62.56 10.75
N ALA D 306 1.27 61.42 10.64
CA ALA D 306 1.27 60.44 11.74
C ALA D 306 2.66 59.94 12.10
N VAL D 307 3.38 59.53 11.09
CA VAL D 307 4.76 59.04 11.29
C VAL D 307 5.68 60.12 11.87
N SER D 308 5.51 61.36 11.40
CA SER D 308 6.36 62.51 11.90
C SER D 308 6.14 62.74 13.35
N MET D 309 4.99 62.29 13.86
CA MET D 309 4.74 62.36 15.30
C MET D 309 4.80 61.00 16.04
N GLY D 310 5.48 60.04 15.43
CA GLY D 310 5.77 58.75 16.13
C GLY D 310 4.58 57.77 16.16
N GLY D 311 3.68 57.89 15.19
CA GLY D 311 2.47 57.06 15.19
C GLY D 311 2.27 56.36 13.87
N ASN D 312 1.42 55.34 13.90
CA ASN D 312 1.05 54.65 12.71
C ASN D 312 -0.18 55.30 12.12
N MET D 313 -0.40 55.04 10.84
CA MET D 313 -1.66 55.39 10.22
C MET D 313 -2.30 54.18 9.48
N VAL D 314 -3.62 54.02 9.66
CA VAL D 314 -4.39 52.93 8.99
C VAL D 314 -5.47 53.54 8.13
N VAL D 315 -5.38 53.33 6.83
CA VAL D 315 -6.34 53.88 5.87
C VAL D 315 -7.48 52.84 5.64
N ASN D 316 -8.72 53.28 5.74
CA ASN D 316 -9.85 52.37 5.58
C ASN D 316 -10.35 52.11 4.17
N PHE D 317 -10.77 50.85 3.96
CA PHE D 317 -11.50 50.39 2.78
C PHE D 317 -12.82 49.68 3.16
N GLY D 318 -13.87 49.91 2.39
CA GLY D 318 -15.16 49.28 2.63
C GLY D 318 -15.57 48.47 1.41
N PRO D 319 -15.08 47.22 1.31
CA PRO D 319 -15.38 46.39 0.12
C PRO D 319 -16.85 46.26 -0.24
N GLN D 320 -17.13 46.07 -1.51
CA GLN D 320 -18.53 45.85 -1.96
C GLN D 320 -19.09 44.51 -1.47
N ALA D 321 -20.42 44.42 -1.54
CA ALA D 321 -21.15 43.19 -1.21
C ALA D 321 -20.64 42.02 -2.02
N ASP D 322 -20.27 42.25 -3.27
CA ASP D 322 -19.81 41.18 -4.15
C ASP D 322 -18.37 40.70 -3.88
N GLY D 323 -17.64 41.38 -2.99
CA GLY D 323 -16.29 40.93 -2.60
C GLY D 323 -15.17 41.57 -3.39
N ASP D 324 -15.55 42.50 -4.25
CA ASP D 324 -14.59 43.36 -4.98
C ASP D 324 -14.51 44.76 -4.29
N PHE D 325 -13.52 45.56 -4.68
CA PHE D 325 -13.42 46.97 -4.23
C PHE D 325 -13.91 47.94 -5.29
N ARG D 326 -14.60 48.99 -4.85
CA ARG D 326 -15.04 50.06 -5.75
C ARG D 326 -13.86 50.76 -6.46
N PRO D 327 -14.11 51.42 -7.61
CA PRO D 327 -13.01 52.00 -8.42
C PRO D 327 -12.22 53.10 -7.72
N GLU D 328 -12.90 53.90 -6.90
CA GLU D 328 -12.24 54.96 -6.14
C GLU D 328 -11.20 54.37 -5.18
N GLU D 329 -11.51 53.22 -4.59
CA GLU D 329 -10.57 52.59 -3.66
C GLU D 329 -9.39 51.96 -4.37
N LYS D 330 -9.61 51.36 -5.53
CA LYS D 330 -8.51 50.83 -6.30
C LYS D 330 -7.55 51.94 -6.75
N ALA D 331 -8.13 53.05 -7.20
CA ALA D 331 -7.33 54.18 -7.66
C ALA D 331 -6.45 54.71 -6.48
N MET D 332 -7.09 54.82 -5.32
CA MET D 332 -6.41 55.32 -4.13
C MET D 332 -5.24 54.44 -3.73
N ALA D 333 -5.48 53.14 -3.68
CA ALA D 333 -4.45 52.21 -3.22
C ALA D 333 -3.27 52.26 -4.15
N THR D 334 -3.59 52.32 -5.45
CA THR D 334 -2.55 52.39 -6.49
C THR D 334 -1.75 53.69 -6.38
N ALA D 335 -2.44 54.82 -6.21
CA ALA D 335 -1.74 56.11 -6.06
C ALA D 335 -0.87 56.14 -4.83
N ILE D 336 -1.40 55.69 -3.70
CA ILE D 336 -0.58 55.60 -2.51
C ILE D 336 0.66 54.72 -2.77
N GLY D 337 0.41 53.56 -3.39
CA GLY D 337 1.49 52.61 -3.67
C GLY D 337 2.64 53.16 -4.51
N LYS D 338 2.31 53.91 -5.56
CA LYS D 338 3.32 54.58 -6.42
C LYS D 338 4.23 55.54 -5.60
N TRP D 339 3.60 56.35 -4.75
CA TRP D 339 4.30 57.33 -3.94
C TRP D 339 5.15 56.61 -2.91
N MET D 340 4.59 55.60 -2.23
CA MET D 340 5.34 54.90 -1.18
C MET D 340 6.55 54.16 -1.75
N ASN D 341 6.39 53.65 -2.95
CA ASN D 341 7.50 52.95 -3.63
C ASN D 341 8.65 53.92 -3.85
N ARG D 342 8.32 55.15 -4.22
CA ARG D 342 9.34 56.16 -4.47
C ARG D 342 9.92 56.77 -3.16
N TYR D 343 9.04 57.04 -2.18
CA TYR D 343 9.41 57.87 -1.02
C TYR D 343 9.33 57.18 0.33
N GLY D 344 8.97 55.90 0.33
CA GLY D 344 8.69 55.21 1.57
C GLY D 344 9.84 55.01 2.49
N LYS D 345 11.08 55.27 2.02
CA LYS D 345 12.22 55.24 2.96
C LYS D 345 12.07 56.31 4.08
N ALA D 346 11.27 57.32 3.84
CA ALA D 346 10.93 58.35 4.87
C ALA D 346 9.71 57.96 5.76
N VAL D 347 9.08 56.80 5.49
CA VAL D 347 7.87 56.36 6.23
C VAL D 347 8.14 55.10 7.06
N TYR D 348 8.49 53.99 6.37
CA TYR D 348 8.67 52.70 7.02
C TYR D 348 9.78 52.78 7.99
N ALA D 349 9.56 52.31 9.20
CA ALA D 349 10.61 52.22 10.20
C ALA D 349 11.14 53.61 10.57
N CYS D 350 10.34 54.64 10.36
CA CYS D 350 10.72 56.00 10.74
C CYS D 350 9.96 56.44 12.01
N ASP D 351 10.32 57.61 12.53
CA ASP D 351 9.77 58.08 13.79
C ASP D 351 9.93 59.62 13.88
N TYR D 352 9.45 60.18 15.00
CA TYR D 352 9.59 61.60 15.31
C TYR D 352 11.07 62.00 15.29
N ALA D 353 11.38 63.13 14.65
CA ALA D 353 12.77 63.62 14.51
C ALA D 353 13.22 64.65 15.55
N GLY D 354 12.33 65.12 16.43
CA GLY D 354 12.72 66.12 17.44
C GLY D 354 13.00 67.54 16.96
N PHE D 355 12.60 67.90 15.74
CA PHE D 355 12.81 69.29 15.19
C PHE D 355 11.51 70.09 15.25
N GLU D 356 11.65 71.40 15.40
CA GLU D 356 10.51 72.30 15.30
C GLU D 356 9.84 72.21 13.95
N LYS D 357 8.52 72.10 13.97
CA LYS D 357 7.74 72.06 12.74
C LYS D 357 7.90 73.28 11.88
N GLN D 358 7.97 73.08 10.56
CA GLN D 358 8.08 74.13 9.60
C GLN D 358 6.93 74.00 8.61
N ASP D 359 6.63 75.09 7.93
CA ASP D 359 5.43 75.18 7.07
C ASP D 359 5.45 74.33 5.81
N TRP D 360 6.62 73.97 5.33
CA TRP D 360 6.72 73.24 4.05
C TRP D 360 6.24 71.78 4.13
N GLY D 361 6.15 71.23 5.35
CA GLY D 361 5.86 69.81 5.50
C GLY D 361 6.36 69.24 6.80
N TYR D 362 6.86 68.02 6.75
CA TYR D 362 7.13 67.25 7.97
C TYR D 362 8.51 66.71 7.92
N TYR D 363 9.07 66.52 9.09
CA TYR D 363 10.29 65.76 9.23
C TYR D 363 9.98 64.34 9.74
N THR D 364 10.75 63.35 9.27
CA THR D 364 10.80 62.03 9.92
C THR D 364 12.25 61.62 10.09
N ARG D 365 12.48 60.76 11.07
CA ARG D 365 13.79 60.27 11.41
C ARG D 365 13.90 58.75 11.14
N GLY D 366 14.91 58.38 10.36
CA GLY D 366 15.27 56.98 10.08
C GLY D 366 16.00 56.27 11.20
N LYS D 367 16.24 54.97 10.98
CA LYS D 367 16.85 54.10 11.98
C LYS D 367 18.33 54.42 12.24
N ASN D 368 19.00 54.98 11.25
CA ASN D 368 20.40 55.39 11.41
C ASN D 368 20.57 56.90 11.38
N ASP D 369 19.64 57.59 12.03
CA ASP D 369 19.68 59.03 12.22
C ASP D 369 19.59 59.84 10.96
N GLU D 370 19.10 59.26 9.87
CA GLU D 370 18.70 60.01 8.67
C GLU D 370 17.54 60.95 9.05
N VAL D 371 17.53 62.19 8.55
CA VAL D 371 16.45 63.18 8.80
C VAL D 371 15.85 63.55 7.48
N TYR D 372 14.58 63.22 7.32
CA TYR D 372 13.94 63.39 6.04
C TYR D 372 13.03 64.58 6.11
N MET D 373 13.02 65.36 5.03
CA MET D 373 12.16 66.50 4.92
C MET D 373 11.17 66.12 3.91
N VAL D 374 9.90 66.05 4.30
CA VAL D 374 8.88 65.65 3.35
C VAL D 374 8.09 66.87 3.04
N VAL D 375 8.23 67.33 1.81
CA VAL D 375 7.74 68.63 1.37
C VAL D 375 6.44 68.54 0.68
N PHE D 376 5.42 69.14 1.30
CA PHE D 376 4.07 69.17 0.75
C PHE D 376 3.67 70.55 0.20
N ASN D 377 4.32 71.59 0.73
CA ASN D 377 3.97 72.99 0.44
C ASN D 377 5.22 73.73 -0.01
N GLN D 378 5.26 74.09 -1.28
CA GLN D 378 6.48 74.55 -1.93
C GLN D 378 6.60 76.09 -1.75
N PRO D 379 7.64 76.56 -1.02
CA PRO D 379 7.80 78.03 -0.85
C PRO D 379 8.24 78.79 -2.10
N TYR D 380 7.53 79.85 -2.43
CA TYR D 380 7.97 80.74 -3.53
C TYR D 380 9.36 81.34 -3.31
N SER D 381 9.79 81.42 -2.06
CA SER D 381 11.13 81.83 -1.72
C SER D 381 12.21 80.91 -2.25
N GLU D 382 11.85 79.69 -2.62
CA GLU D 382 12.80 78.67 -3.08
C GLU D 382 13.73 78.22 -2.00
N ARG D 383 13.35 78.49 -0.76
CA ARG D 383 14.16 78.15 0.40
C ARG D 383 13.31 77.44 1.45
N LEU D 384 13.79 76.32 1.98
CA LEU D 384 13.07 75.54 2.97
C LEU D 384 13.77 75.71 4.29
N ILE D 385 13.07 76.24 5.26
CA ILE D 385 13.71 76.63 6.52
C ILE D 385 13.87 75.42 7.38
N VAL D 386 15.06 75.29 7.96
CA VAL D 386 15.35 74.19 8.85
C VAL D 386 15.99 74.74 10.07
N LYS D 387 15.26 74.69 11.16
CA LYS D 387 15.77 75.11 12.43
C LYS D 387 16.12 73.88 13.20
N THR D 388 17.39 73.78 13.59
CA THR D 388 17.93 72.59 14.25
C THR D 388 17.85 72.67 15.76
N PRO D 389 17.74 71.52 16.44
CA PRO D 389 17.83 71.60 17.91
C PRO D 389 19.25 71.93 18.34
N LYS D 390 19.40 72.25 19.62
CA LYS D 390 20.65 72.66 20.18
C LYS D 390 21.67 71.58 19.89
N GLY D 391 22.84 71.97 19.40
CA GLY D 391 23.94 71.03 19.16
C GLY D 391 23.92 70.24 17.87
N ILE D 392 22.96 70.48 17.01
CA ILE D 392 22.80 69.69 15.81
C ILE D 392 23.11 70.55 14.63
N THR D 393 23.84 70.01 13.67
CA THR D 393 24.15 70.75 12.49
C THR D 393 23.72 69.91 11.32
N VAL D 394 23.53 70.57 10.19
CA VAL D 394 23.23 69.90 8.95
C VAL D 394 24.49 69.88 8.11
N GLU D 395 25.00 68.70 7.77
CA GLU D 395 26.22 68.56 6.95
C GLU D 395 25.94 68.41 5.49
N LYS D 396 24.80 67.85 5.15
CA LYS D 396 24.50 67.64 3.74
C LYS D 396 23.00 67.52 3.53
N ALA D 397 22.56 67.87 2.32
CA ALA D 397 21.22 67.63 1.90
C ALA D 397 21.24 66.97 0.54
N THR D 398 20.36 65.99 0.35
CA THR D 398 20.32 65.17 -0.87
C THR D 398 18.89 64.91 -1.27
N LEU D 399 18.58 65.14 -2.55
CA LEU D 399 17.28 64.76 -3.07
C LEU D 399 17.17 63.22 -3.15
N LEU D 400 16.17 62.68 -2.46
CA LEU D 400 16.07 61.20 -2.27
C LEU D 400 16.00 60.42 -3.56
N THR D 401 15.19 60.88 -4.50
CA THR D 401 14.97 60.12 -5.71
C THR D 401 16.21 60.08 -6.60
N THR D 402 16.93 61.19 -6.71
CA THR D 402 18.03 61.27 -7.69
C THR D 402 19.43 61.21 -7.10
N GLY D 403 19.55 61.41 -5.79
CA GLY D 403 20.86 61.55 -5.16
C GLY D 403 21.56 62.90 -5.39
N GLU D 404 20.92 63.81 -6.12
CA GLU D 404 21.53 65.11 -6.39
C GLU D 404 21.74 65.92 -5.09
N ASP D 405 22.86 66.63 -5.03
CA ASP D 405 23.21 67.45 -3.88
C ASP D 405 22.36 68.74 -3.86
N ILE D 406 21.96 69.14 -2.65
CA ILE D 406 21.06 70.27 -2.47
C ILE D 406 21.77 71.30 -1.60
N THR D 407 21.82 72.54 -2.07
CA THR D 407 22.50 73.61 -1.35
C THR D 407 21.88 73.87 0.03
N VAL D 408 22.76 73.96 1.02
CA VAL D 408 22.40 74.31 2.38
C VAL D 408 23.14 75.59 2.81
N VAL D 409 22.40 76.63 3.25
CA VAL D 409 22.99 77.91 3.65
C VAL D 409 22.63 78.23 5.09
N GLU D 410 23.62 78.44 5.94
CA GLU D 410 23.34 78.81 7.31
C GLU D 410 22.81 80.25 7.31
N THR D 411 21.69 80.51 7.98
CA THR D 411 21.12 81.88 8.01
C THR D 411 21.34 82.56 9.36
N THR D 412 21.39 81.76 10.42
CA THR D 412 21.58 82.25 11.77
C THR D 412 22.08 81.02 12.58
N ARG D 413 22.47 81.23 13.84
CA ARG D 413 22.85 80.10 14.72
C ARG D 413 21.64 79.17 14.77
N ASN D 414 21.82 77.90 14.49
CA ASN D 414 20.69 76.93 14.54
C ASN D 414 19.61 77.11 13.48
N GLU D 415 19.90 77.79 12.38
CA GLU D 415 18.96 77.80 11.30
C GLU D 415 19.59 77.86 9.93
N TYR D 416 19.00 77.16 8.98
CA TYR D 416 19.46 77.06 7.63
C TYR D 416 18.38 77.30 6.65
N ASN D 417 18.76 77.69 5.44
CA ASN D 417 17.88 77.60 4.29
C ASN D 417 18.37 76.43 3.43
N VAL D 418 17.50 75.44 3.19
CA VAL D 418 17.80 74.31 2.31
C VAL D 418 17.12 74.62 1.02
N SER D 419 17.86 74.63 -0.08
CA SER D 419 17.24 75.03 -1.37
C SER D 419 16.24 73.99 -1.81
N VAL D 420 15.25 74.42 -2.57
CA VAL D 420 14.40 73.51 -3.27
C VAL D 420 15.20 72.94 -4.45
N PRO D 421 14.77 71.80 -4.99
CA PRO D 421 15.51 71.24 -6.13
C PRO D 421 15.42 72.15 -7.34
N LYS D 422 16.44 72.03 -8.20
CA LYS D 422 16.53 72.84 -9.41
C LYS D 422 15.34 72.60 -10.31
N LYS D 423 14.89 71.35 -10.44
CA LYS D 423 13.64 71.04 -11.15
C LYS D 423 12.57 70.76 -10.11
N ASN D 424 11.41 71.41 -10.23
CA ASN D 424 10.32 71.21 -9.28
C ASN D 424 9.83 69.77 -9.38
N PRO D 425 9.93 68.98 -8.30
CA PRO D 425 9.45 67.61 -8.44
C PRO D 425 7.97 67.41 -8.86
N GLY D 426 7.12 68.42 -8.70
CA GLY D 426 5.71 68.35 -9.13
C GLY D 426 4.81 67.46 -8.27
N GLU D 427 5.30 67.03 -7.11
CA GLU D 427 4.56 66.21 -6.17
C GLU D 427 5.27 66.31 -4.81
N PRO D 428 4.60 65.88 -3.71
CA PRO D 428 5.29 65.88 -2.44
C PRO D 428 6.55 65.08 -2.52
N TYR D 429 7.64 65.61 -2.01
CA TYR D 429 8.96 65.01 -2.26
C TYR D 429 9.82 64.98 -1.03
N VAL D 430 10.93 64.26 -1.09
CA VAL D 430 11.80 64.12 0.08
C VAL D 430 13.21 64.59 -0.15
N ILE D 431 13.72 65.36 0.82
CA ILE D 431 15.13 65.72 0.88
C ILE D 431 15.67 65.09 2.12
N GLN D 432 16.74 64.36 1.96
CA GLN D 432 17.35 63.66 3.07
C GLN D 432 18.51 64.46 3.57
N LEU D 433 18.61 64.60 4.86
CA LEU D 433 19.62 65.36 5.47
C LEU D 433 20.57 64.45 6.19
N LYS D 434 21.86 64.82 6.18
CA LYS D 434 22.81 64.23 7.06
C LYS D 434 23.03 65.24 8.15
N VAL D 435 22.80 64.86 9.39
CA VAL D 435 23.03 65.71 10.52
C VAL D 435 24.12 65.17 11.45
N ARG D 436 24.66 66.05 12.30
CA ARG D 436 25.73 65.71 13.22
C ARG D 436 25.39 66.35 14.53
N ALA D 437 25.58 65.62 15.61
CA ALA D 437 25.61 66.19 16.95
C ALA D 437 27.07 66.37 17.36
S SO4 E . -21.02 -54.21 -33.32
O1 SO4 E . -20.46 -54.58 -34.64
O2 SO4 E . -21.01 -52.72 -33.34
O3 SO4 E . -20.16 -54.70 -32.21
O4 SO4 E . -22.39 -54.73 -33.07
S SO4 F . 1.56 -57.12 -30.88
O1 SO4 F . 1.45 -55.71 -31.38
O2 SO4 F . 2.75 -57.30 -30.00
O3 SO4 F . 0.36 -57.51 -30.08
O4 SO4 F . 1.71 -57.95 -32.09
N1 IMD G . -4.84 -41.35 -13.14
C2 IMD G . -6.08 -41.33 -12.59
N3 IMD G . -6.59 -42.60 -12.49
C4 IMD G . -5.66 -43.44 -13.00
C5 IMD G . -4.58 -42.66 -13.43
N1 IMD H . 13.16 -68.92 -2.91
C2 IMD H . 12.86 -67.68 -2.45
N3 IMD H . 13.75 -67.34 -1.47
C4 IMD H . 14.64 -68.36 -1.32
C5 IMD H . 14.26 -69.36 -2.23
CAI 2M7 I . -5.22 -53.89 -33.06
CAJ 2M7 I . -5.43 -54.90 -33.99
CAK 2M7 I . -5.35 -56.22 -33.54
CAL 2M7 I . -5.05 -56.53 -32.20
CAM 2M7 I . -4.84 -55.50 -31.27
CAH 2M7 I . -4.92 -54.18 -31.72
CAG 2M7 I . -4.73 -53.04 -30.80
CAF 2M7 I . -4.54 -52.23 -30.06
CAD 2M7 I . -4.31 -51.10 -29.12
NAE 2M7 I . -3.36 -51.61 -28.12
CAA 2M7 I . -3.98 -51.36 -26.81
CAN 2M7 I . -2.97 -51.09 -25.73
CAB 2M7 I . -4.85 -50.17 -27.07
OAO 2M7 I . -3.99 -49.03 -27.33
CAC 2M7 I . -5.51 -50.71 -28.32
OAP 2M7 I . -6.38 -49.71 -28.93
S SO4 J . 35.16 -20.51 -5.19
O1 SO4 J . 33.88 -19.94 -4.71
O2 SO4 J . 36.17 -19.42 -5.22
O3 SO4 J . 35.59 -21.56 -4.23
O4 SO4 J . 34.92 -21.07 -6.54
S SO4 K . 25.85 -5.78 -20.23
O1 SO4 K . 27.01 -5.62 -21.14
O2 SO4 K . 26.13 -5.11 -18.93
O3 SO4 K . 25.59 -7.18 -19.94
O4 SO4 K . 24.67 -5.12 -20.82
N1 IMD L . 5.60 -8.16 -6.34
C2 IMD L . 5.60 -7.31 -5.27
N3 IMD L . 6.14 -6.08 -5.60
C4 IMD L . 6.52 -6.15 -6.88
C5 IMD L . 6.19 -7.44 -7.35
N1 IMD M . -0.02 12.18 -33.94
C2 IMD M . 0.83 12.21 -32.87
N3 IMD M . 2.00 12.75 -33.28
C4 IMD M . 1.89 13.09 -34.62
C5 IMD M . 0.62 12.73 -35.05
CAI 2M7 N . 27.08 -4.51 -13.63
CAJ 2M7 N . 28.25 -3.83 -13.96
CAK 2M7 N . 29.47 -4.49 -13.78
CAL 2M7 N . 29.54 -5.80 -13.29
CAM 2M7 N . 28.36 -6.46 -12.96
CAH 2M7 N . 27.12 -5.84 -13.13
CAG 2M7 N . 25.76 -6.48 -12.76
CAF 2M7 N . 24.80 -6.98 -12.60
CAD 2M7 N . 23.61 -7.52 -12.28
NAE 2M7 N . 22.73 -6.86 -13.34
CAA 2M7 N . 21.58 -6.24 -12.61
CAN 2M7 N . 20.23 -6.39 -13.33
CAB 2M7 N . 21.56 -7.01 -11.29
OAO 2M7 N . 21.02 -8.36 -11.62
CAC 2M7 N . 23.06 -6.99 -11.04
OAP 2M7 N . 23.36 -7.85 -9.94
S SO4 O . 16.37 -4.90 25.07
O1 SO4 O . 15.61 -3.95 25.92
O2 SO4 O . 17.63 -4.28 24.55
O3 SO4 O . 15.50 -5.30 23.94
O4 SO4 O . 16.76 -6.11 25.83
N1 IMD P . -4.87 11.06 12.60
C2 IMD P . -5.32 10.26 13.59
N3 IMD P . -4.96 8.96 13.30
C4 IMD P . -4.29 8.96 12.13
C5 IMD P . -4.25 10.27 11.69
CAI 2M7 Q . 2.62 -0.33 31.28
CAJ 2M7 Q . 3.04 -1.38 32.10
CAK 2M7 Q . 3.76 -1.12 33.26
CAL 2M7 Q . 4.05 0.20 33.59
CAM 2M7 Q . 3.63 1.25 32.76
CAH 2M7 Q . 2.91 1.00 31.60
CAG 2M7 Q . 2.40 2.05 30.60
CAF 2M7 Q . 2.06 2.73 30.00
CAD 2M7 Q . 1.60 3.72 29.10
NAE 2M7 Q . 0.11 3.47 28.94
CAA 2M7 Q . -0.23 3.43 27.50
CAN 2M7 Q . -1.56 4.08 27.12
CAB 2M7 Q . 0.97 4.12 26.83
OAO 2M7 Q . 0.93 5.58 27.01
CAC 2M7 Q . 2.09 3.44 27.68
OAP 2M7 Q . 3.32 3.99 27.43
S SO4 R . -29.54 61.65 7.20
O1 SO4 R . -29.97 62.81 8.02
O2 SO4 R . -28.06 61.46 7.27
O3 SO4 R . -30.13 60.41 7.75
O4 SO4 R . -29.97 61.84 5.80
N1 IMD S . -6.73 46.69 1.63
C2 IMD S . -6.55 45.42 2.14
N3 IMD S . -6.73 44.52 1.14
C4 IMD S . -7.04 45.25 0.01
C5 IMD S . -7.03 46.60 0.31
CAI 2M7 T . -17.81 57.51 16.66
CAJ 2M7 T . -18.35 58.58 17.37
CAK 2M7 T . -19.49 58.39 18.15
CAL 2M7 T . -20.09 57.14 18.26
CAM 2M7 T . -19.55 56.06 17.54
CAH 2M7 T . -18.41 56.23 16.76
CAG 2M7 T . -17.82 55.11 16.02
CAF 2M7 T . -17.45 54.30 15.55
CAD 2M7 T . -16.81 53.17 14.78
NAE 2M7 T . -15.29 53.23 14.99
CAA 2M7 T . -14.75 53.32 13.61
CAN 2M7 T . -13.39 52.61 13.47
CAB 2M7 T . -15.77 52.61 12.77
OAO 2M7 T . -15.75 51.13 13.06
CAC 2M7 T . -17.01 53.28 13.25
OAP 2M7 T . -18.17 52.59 12.76
#